data_2QRX
# 
_entry.id   2QRX 
# 
_audit_conform.dict_name       mmcif_pdbx.dic 
_audit_conform.dict_version    5.380 
_audit_conform.dict_location   http://mmcif.pdb.org/dictionaries/ascii/mmcif_pdbx.dic 
# 
loop_
_database_2.database_id 
_database_2.database_code 
_database_2.pdbx_database_accession 
_database_2.pdbx_DOI 
PDB   2QRX         pdb_00002qrx 10.2210/pdb2qrx/pdb 
RCSB  RCSB043978   ?            ?                   
WWPDB D_1000043978 ?            ?                   
# 
_pdbx_database_status.status_code                     REL 
_pdbx_database_status.entry_id                        2QRX 
_pdbx_database_status.recvd_initial_deposition_date   2007-07-30 
_pdbx_database_status.deposit_site                    RCSB 
_pdbx_database_status.process_site                    PDBJ 
_pdbx_database_status.status_code_sf                  REL 
_pdbx_database_status.status_code_mr                  ? 
_pdbx_database_status.SG_entry                        ? 
_pdbx_database_status.pdb_format_compatible           Y 
_pdbx_database_status.status_code_cs                  ? 
_pdbx_database_status.methods_development_category    ? 
_pdbx_database_status.status_code_nmr_data            ? 
# 
loop_
_audit_author.name 
_audit_author.pdbx_ordinal 
'Gupta, G.D.' 1 
'Makde, R.D.' 2 
'Kumar, V.'   3 
# 
_citation.id                        primary 
_citation.title                     
;Crystal structures of Drosophila mutant translin and characterization of translin variants reveal the structural plasticity of translin proteins.
;
_citation.journal_abbrev            'Febs J.' 
_citation.journal_volume            275 
_citation.page_first                4235 
_citation.page_last                 4249 
_citation.year                      2008 
_citation.journal_id_ASTM           ? 
_citation.country                   UK 
_citation.journal_id_ISSN           1742-464X 
_citation.journal_id_CSD            ? 
_citation.book_publisher            ? 
_citation.pdbx_database_id_PubMed   18647346 
_citation.pdbx_database_id_DOI      10.1111/j.1742-4658.2008.06571.x 
# 
loop_
_citation_author.citation_id 
_citation_author.name 
_citation_author.ordinal 
_citation_author.identifier_ORCID 
primary 'Gupta, G.D.' 1 ? 
primary 'Makde, R.D.' 2 ? 
primary 'Rao, B.J.'   3 ? 
primary 'Kumar, V.'   4 ? 
# 
_cell.entry_id           2QRX 
_cell.length_a           152.778 
_cell.length_b           152.778 
_cell.length_c           94.007 
_cell.angle_alpha        90.00 
_cell.angle_beta         90.00 
_cell.angle_gamma        120.00 
_cell.Z_PDB              12 
_cell.pdbx_unique_axis   ? 
_cell.length_a_esd       ? 
_cell.length_b_esd       ? 
_cell.length_c_esd       ? 
_cell.angle_alpha_esd    ? 
_cell.angle_beta_esd     ? 
_cell.angle_gamma_esd    ? 
# 
_symmetry.entry_id                         2QRX 
_symmetry.space_group_name_H-M             'P 62 2 2' 
_symmetry.pdbx_full_space_group_name_H-M   ? 
_symmetry.cell_setting                     ? 
_symmetry.Int_Tables_number                180 
_symmetry.space_group_name_Hall            ? 
# 
_entity.id                         1 
_entity.type                       polymer 
_entity.src_method                 man 
_entity.pdbx_description           GM27569p 
_entity.formula_weight             27047.820 
_entity.pdbx_number_of_molecules   1 
_entity.pdbx_ec                    ? 
_entity.pdbx_mutation              P168S 
_entity.pdbx_fragment              ? 
_entity.details                    ? 
# 
_entity_name_com.entity_id   1 
_entity_name_com.name        'translin protein, CG11761-PA' 
# 
_entity_poly.entity_id                      1 
_entity_poly.type                           'polypeptide(L)' 
_entity_poly.nstd_linkage                   no 
_entity_poly.nstd_monomer                   no 
_entity_poly.pdbx_seq_one_letter_code       
;MSNFVNLDIFSNYQKYIDNEQEVRENIRIVVREIEHLSKEAQIKLQIIHSDLSQISAACGLARKQVELCAQKYQKLAELV
PAGQYYRYSDHWTFITQRLIFIIALVIYLEAGFLVTRETVAEMLGLKISQSEGFHLDVEDYLLGILQLASELSRFATNSV
TMGDYERSLNISHFIGDLNTGFRLLNLKNDGLRKRFDALKYDVKKIEEVVYDVSIRGLSSKEKDQQEEPAVPATE
;
_entity_poly.pdbx_seq_one_letter_code_can   
;MSNFVNLDIFSNYQKYIDNEQEVRENIRIVVREIEHLSKEAQIKLQIIHSDLSQISAACGLARKQVELCAQKYQKLAELV
PAGQYYRYSDHWTFITQRLIFIIALVIYLEAGFLVTRETVAEMLGLKISQSEGFHLDVEDYLLGILQLASELSRFATNSV
TMGDYERSLNISHFIGDLNTGFRLLNLKNDGLRKRFDALKYDVKKIEEVVYDVSIRGLSSKEKDQQEEPAVPATE
;
_entity_poly.pdbx_strand_id                 A 
_entity_poly.pdbx_target_identifier         ? 
# 
loop_
_entity_poly_seq.entity_id 
_entity_poly_seq.num 
_entity_poly_seq.mon_id 
_entity_poly_seq.hetero 
1 1   MET n 
1 2   SER n 
1 3   ASN n 
1 4   PHE n 
1 5   VAL n 
1 6   ASN n 
1 7   LEU n 
1 8   ASP n 
1 9   ILE n 
1 10  PHE n 
1 11  SER n 
1 12  ASN n 
1 13  TYR n 
1 14  GLN n 
1 15  LYS n 
1 16  TYR n 
1 17  ILE n 
1 18  ASP n 
1 19  ASN n 
1 20  GLU n 
1 21  GLN n 
1 22  GLU n 
1 23  VAL n 
1 24  ARG n 
1 25  GLU n 
1 26  ASN n 
1 27  ILE n 
1 28  ARG n 
1 29  ILE n 
1 30  VAL n 
1 31  VAL n 
1 32  ARG n 
1 33  GLU n 
1 34  ILE n 
1 35  GLU n 
1 36  HIS n 
1 37  LEU n 
1 38  SER n 
1 39  LYS n 
1 40  GLU n 
1 41  ALA n 
1 42  GLN n 
1 43  ILE n 
1 44  LYS n 
1 45  LEU n 
1 46  GLN n 
1 47  ILE n 
1 48  ILE n 
1 49  HIS n 
1 50  SER n 
1 51  ASP n 
1 52  LEU n 
1 53  SER n 
1 54  GLN n 
1 55  ILE n 
1 56  SER n 
1 57  ALA n 
1 58  ALA n 
1 59  CYS n 
1 60  GLY n 
1 61  LEU n 
1 62  ALA n 
1 63  ARG n 
1 64  LYS n 
1 65  GLN n 
1 66  VAL n 
1 67  GLU n 
1 68  LEU n 
1 69  CYS n 
1 70  ALA n 
1 71  GLN n 
1 72  LYS n 
1 73  TYR n 
1 74  GLN n 
1 75  LYS n 
1 76  LEU n 
1 77  ALA n 
1 78  GLU n 
1 79  LEU n 
1 80  VAL n 
1 81  PRO n 
1 82  ALA n 
1 83  GLY n 
1 84  GLN n 
1 85  TYR n 
1 86  TYR n 
1 87  ARG n 
1 88  TYR n 
1 89  SER n 
1 90  ASP n 
1 91  HIS n 
1 92  TRP n 
1 93  THR n 
1 94  PHE n 
1 95  ILE n 
1 96  THR n 
1 97  GLN n 
1 98  ARG n 
1 99  LEU n 
1 100 ILE n 
1 101 PHE n 
1 102 ILE n 
1 103 ILE n 
1 104 ALA n 
1 105 LEU n 
1 106 VAL n 
1 107 ILE n 
1 108 TYR n 
1 109 LEU n 
1 110 GLU n 
1 111 ALA n 
1 112 GLY n 
1 113 PHE n 
1 114 LEU n 
1 115 VAL n 
1 116 THR n 
1 117 ARG n 
1 118 GLU n 
1 119 THR n 
1 120 VAL n 
1 121 ALA n 
1 122 GLU n 
1 123 MET n 
1 124 LEU n 
1 125 GLY n 
1 126 LEU n 
1 127 LYS n 
1 128 ILE n 
1 129 SER n 
1 130 GLN n 
1 131 SER n 
1 132 GLU n 
1 133 GLY n 
1 134 PHE n 
1 135 HIS n 
1 136 LEU n 
1 137 ASP n 
1 138 VAL n 
1 139 GLU n 
1 140 ASP n 
1 141 TYR n 
1 142 LEU n 
1 143 LEU n 
1 144 GLY n 
1 145 ILE n 
1 146 LEU n 
1 147 GLN n 
1 148 LEU n 
1 149 ALA n 
1 150 SER n 
1 151 GLU n 
1 152 LEU n 
1 153 SER n 
1 154 ARG n 
1 155 PHE n 
1 156 ALA n 
1 157 THR n 
1 158 ASN n 
1 159 SER n 
1 160 VAL n 
1 161 THR n 
1 162 MET n 
1 163 GLY n 
1 164 ASP n 
1 165 TYR n 
1 166 GLU n 
1 167 ARG n 
1 168 SER n 
1 169 LEU n 
1 170 ASN n 
1 171 ILE n 
1 172 SER n 
1 173 HIS n 
1 174 PHE n 
1 175 ILE n 
1 176 GLY n 
1 177 ASP n 
1 178 LEU n 
1 179 ASN n 
1 180 THR n 
1 181 GLY n 
1 182 PHE n 
1 183 ARG n 
1 184 LEU n 
1 185 LEU n 
1 186 ASN n 
1 187 LEU n 
1 188 LYS n 
1 189 ASN n 
1 190 ASP n 
1 191 GLY n 
1 192 LEU n 
1 193 ARG n 
1 194 LYS n 
1 195 ARG n 
1 196 PHE n 
1 197 ASP n 
1 198 ALA n 
1 199 LEU n 
1 200 LYS n 
1 201 TYR n 
1 202 ASP n 
1 203 VAL n 
1 204 LYS n 
1 205 LYS n 
1 206 ILE n 
1 207 GLU n 
1 208 GLU n 
1 209 VAL n 
1 210 VAL n 
1 211 TYR n 
1 212 ASP n 
1 213 VAL n 
1 214 SER n 
1 215 ILE n 
1 216 ARG n 
1 217 GLY n 
1 218 LEU n 
1 219 SER n 
1 220 SER n 
1 221 LYS n 
1 222 GLU n 
1 223 LYS n 
1 224 ASP n 
1 225 GLN n 
1 226 GLN n 
1 227 GLU n 
1 228 GLU n 
1 229 PRO n 
1 230 ALA n 
1 231 VAL n 
1 232 PRO n 
1 233 ALA n 
1 234 THR n 
1 235 GLU n 
# 
_entity_src_gen.entity_id                          1 
_entity_src_gen.pdbx_src_id                        1 
_entity_src_gen.pdbx_alt_source_flag               sample 
_entity_src_gen.pdbx_seq_type                      ? 
_entity_src_gen.pdbx_beg_seq_num                   ? 
_entity_src_gen.pdbx_end_seq_num                   ? 
_entity_src_gen.gene_src_common_name               'Fruit fly' 
_entity_src_gen.gene_src_genus                     ? 
_entity_src_gen.pdbx_gene_src_gene                 translin 
_entity_src_gen.gene_src_species                   ? 
_entity_src_gen.gene_src_strain                    ? 
_entity_src_gen.gene_src_tissue                    ? 
_entity_src_gen.gene_src_tissue_fraction           ? 
_entity_src_gen.gene_src_details                   ? 
_entity_src_gen.pdbx_gene_src_fragment             ? 
_entity_src_gen.pdbx_gene_src_scientific_name      'Drosophila melanogaster' 
_entity_src_gen.pdbx_gene_src_ncbi_taxonomy_id     7227 
_entity_src_gen.pdbx_gene_src_variant              ? 
_entity_src_gen.pdbx_gene_src_cell_line            ? 
_entity_src_gen.pdbx_gene_src_atcc                 ? 
_entity_src_gen.pdbx_gene_src_organ                ? 
_entity_src_gen.pdbx_gene_src_organelle            ? 
_entity_src_gen.pdbx_gene_src_cell                 ? 
_entity_src_gen.pdbx_gene_src_cellular_location    ? 
_entity_src_gen.host_org_common_name               ? 
_entity_src_gen.pdbx_host_org_scientific_name      'Escherichia coli' 
_entity_src_gen.pdbx_host_org_ncbi_taxonomy_id     562 
_entity_src_gen.host_org_genus                     ? 
_entity_src_gen.pdbx_host_org_gene                 ? 
_entity_src_gen.pdbx_host_org_organ                ? 
_entity_src_gen.host_org_species                   ? 
_entity_src_gen.pdbx_host_org_tissue               ? 
_entity_src_gen.pdbx_host_org_tissue_fraction      ? 
_entity_src_gen.pdbx_host_org_strain               'BL21(DE3)' 
_entity_src_gen.pdbx_host_org_variant              ? 
_entity_src_gen.pdbx_host_org_cell_line            ? 
_entity_src_gen.pdbx_host_org_atcc                 ? 
_entity_src_gen.pdbx_host_org_culture_collection   ? 
_entity_src_gen.pdbx_host_org_cell                 ? 
_entity_src_gen.pdbx_host_org_organelle            ? 
_entity_src_gen.pdbx_host_org_cellular_location    ? 
_entity_src_gen.pdbx_host_org_vector_type          plasmid 
_entity_src_gen.pdbx_host_org_vector               ? 
_entity_src_gen.host_org_details                   ? 
_entity_src_gen.expression_system_id               ? 
_entity_src_gen.plasmid_name                       pET21a 
_entity_src_gen.plasmid_details                    ? 
_entity_src_gen.pdbx_description                   ? 
# 
_struct_ref.id                         1 
_struct_ref.db_name                    UNP 
_struct_ref.db_code                    Q7JVK6_DROME 
_struct_ref.pdbx_db_accession          Q7JVK6 
_struct_ref.entity_id                  1 
_struct_ref.pdbx_seq_one_letter_code   
;MSNFVNLDIFSNYQKYIDNEQEVRENIRIVVREIEHLSKEAQIKLQIIHSDLSQISAACGLARKQVELCAQKYQKLAELV
PAGQYYRYSDHWTFITQRLIFIIALVIYLEAGFLVTRETVAEMLGLKISQSEGFHLDVEDYLLGILQLASELSRFATNSV
TMGDYERPLNISHFIGDLNTGFRLLNLKNDGLRKRFDALKYDVKKIEEVVYDVSIRGLSSKEKDQQEEPAVPATE
;
_struct_ref.pdbx_align_begin           1 
_struct_ref.pdbx_db_isoform            ? 
# 
_struct_ref_seq.align_id                      1 
_struct_ref_seq.ref_id                        1 
_struct_ref_seq.pdbx_PDB_id_code              2QRX 
_struct_ref_seq.pdbx_strand_id                A 
_struct_ref_seq.seq_align_beg                 1 
_struct_ref_seq.pdbx_seq_align_beg_ins_code   ? 
_struct_ref_seq.seq_align_end                 235 
_struct_ref_seq.pdbx_seq_align_end_ins_code   ? 
_struct_ref_seq.pdbx_db_accession             Q7JVK6 
_struct_ref_seq.db_align_beg                  1 
_struct_ref_seq.pdbx_db_align_beg_ins_code    ? 
_struct_ref_seq.db_align_end                  235 
_struct_ref_seq.pdbx_db_align_end_ins_code    ? 
_struct_ref_seq.pdbx_auth_seq_align_beg       1 
_struct_ref_seq.pdbx_auth_seq_align_end       235 
# 
_struct_ref_seq_dif.align_id                     1 
_struct_ref_seq_dif.pdbx_pdb_id_code             2QRX 
_struct_ref_seq_dif.mon_id                       SER 
_struct_ref_seq_dif.pdbx_pdb_strand_id           A 
_struct_ref_seq_dif.seq_num                      168 
_struct_ref_seq_dif.pdbx_pdb_ins_code            ? 
_struct_ref_seq_dif.pdbx_seq_db_name             UNP 
_struct_ref_seq_dif.pdbx_seq_db_accession_code   Q7JVK6 
_struct_ref_seq_dif.db_mon_id                    PRO 
_struct_ref_seq_dif.pdbx_seq_db_seq_num          168 
_struct_ref_seq_dif.details                      'engineered mutation' 
_struct_ref_seq_dif.pdbx_auth_seq_num            168 
_struct_ref_seq_dif.pdbx_ordinal                 1 
# 
loop_
_chem_comp.id 
_chem_comp.type 
_chem_comp.mon_nstd_flag 
_chem_comp.name 
_chem_comp.pdbx_synonyms 
_chem_comp.formula 
_chem_comp.formula_weight 
ALA 'L-peptide linking' y ALANINE         ? 'C3 H7 N O2'     89.093  
ARG 'L-peptide linking' y ARGININE        ? 'C6 H15 N4 O2 1' 175.209 
ASN 'L-peptide linking' y ASPARAGINE      ? 'C4 H8 N2 O3'    132.118 
ASP 'L-peptide linking' y 'ASPARTIC ACID' ? 'C4 H7 N O4'     133.103 
CYS 'L-peptide linking' y CYSTEINE        ? 'C3 H7 N O2 S'   121.158 
GLN 'L-peptide linking' y GLUTAMINE       ? 'C5 H10 N2 O3'   146.144 
GLU 'L-peptide linking' y 'GLUTAMIC ACID' ? 'C5 H9 N O4'     147.129 
GLY 'peptide linking'   y GLYCINE         ? 'C2 H5 N O2'     75.067  
HIS 'L-peptide linking' y HISTIDINE       ? 'C6 H10 N3 O2 1' 156.162 
ILE 'L-peptide linking' y ISOLEUCINE      ? 'C6 H13 N O2'    131.173 
LEU 'L-peptide linking' y LEUCINE         ? 'C6 H13 N O2'    131.173 
LYS 'L-peptide linking' y LYSINE          ? 'C6 H15 N2 O2 1' 147.195 
MET 'L-peptide linking' y METHIONINE      ? 'C5 H11 N O2 S'  149.211 
PHE 'L-peptide linking' y PHENYLALANINE   ? 'C9 H11 N O2'    165.189 
PRO 'L-peptide linking' y PROLINE         ? 'C5 H9 N O2'     115.130 
SER 'L-peptide linking' y SERINE          ? 'C3 H7 N O3'     105.093 
THR 'L-peptide linking' y THREONINE       ? 'C4 H9 N O3'     119.119 
TRP 'L-peptide linking' y TRYPTOPHAN      ? 'C11 H12 N2 O2'  204.225 
TYR 'L-peptide linking' y TYROSINE        ? 'C9 H11 N O3'    181.189 
VAL 'L-peptide linking' y VALINE          ? 'C5 H11 N O2'    117.146 
# 
_exptl.entry_id          2QRX 
_exptl.method            'X-RAY DIFFRACTION' 
_exptl.crystals_number   1 
# 
_exptl_crystal.id                    1 
_exptl_crystal.density_meas          ? 
_exptl_crystal.density_Matthews      5.9 
_exptl_crystal.density_percent_sol   78.8 
_exptl_crystal.description           ? 
_exptl_crystal.F_000                 ? 
_exptl_crystal.preparation           ? 
# 
_exptl_crystal_grow.crystal_id      1 
_exptl_crystal_grow.method          'VAPOR DIFFUSION, HANGING DROP' 
_exptl_crystal_grow.temp            293 
_exptl_crystal_grow.temp_details    ? 
_exptl_crystal_grow.pH              6.5 
_exptl_crystal_grow.pdbx_details    
'2.0M ammonium sulfate, 2% MPD, 5% glycerol, 100mM MES buffer, pH 6.5, VAPOR DIFFUSION, HANGING DROP, temperature 293K' 
_exptl_crystal_grow.pdbx_pH_range   . 
# 
_diffrn.id                     1 
_diffrn.ambient_temp           293 
_diffrn.ambient_temp_details   ? 
_diffrn.crystal_id             1 
# 
_diffrn_detector.diffrn_id              1 
_diffrn_detector.detector               'IMAGE PLATE' 
_diffrn_detector.type                   'RIGAKU RAXIS IIC' 
_diffrn_detector.pdbx_collection_date   2004-09-19 
_diffrn_detector.details                'OSMIC mirror' 
# 
_diffrn_radiation.diffrn_id                        1 
_diffrn_radiation.wavelength_id                    1 
_diffrn_radiation.pdbx_monochromatic_or_laue_m_l   M 
_diffrn_radiation.monochromator                    'Ni filter' 
_diffrn_radiation.pdbx_diffrn_protocol             'SINGLE WAVELENGTH' 
_diffrn_radiation.pdbx_scattering_type             x-ray 
# 
_diffrn_radiation_wavelength.id           1 
_diffrn_radiation_wavelength.wavelength   1.5418 
_diffrn_radiation_wavelength.wt           1.0 
# 
_diffrn_source.diffrn_id                   1 
_diffrn_source.source                      'ROTATING ANODE' 
_diffrn_source.type                        'RIGAKU RU200' 
_diffrn_source.pdbx_synchrotron_site       ? 
_diffrn_source.pdbx_synchrotron_beamline   ? 
_diffrn_source.pdbx_wavelength             ? 
_diffrn_source.pdbx_wavelength_list        1.5418 
# 
_reflns.entry_id                     2QRX 
_reflns.observed_criterion_sigma_F   ? 
_reflns.observed_criterion_sigma_I   0.0 
_reflns.d_resolution_high            3.6 
_reflns.d_resolution_low             20.0 
_reflns.number_all                   7311 
_reflns.number_obs                   7311 
_reflns.percent_possible_obs         93.7 
_reflns.pdbx_Rmerge_I_obs            0.106 
_reflns.pdbx_Rsym_value              ? 
_reflns.pdbx_netI_over_sigmaI        13.3 
_reflns.B_iso_Wilson_estimate        51 
_reflns.pdbx_redundancy              2.8 
_reflns.R_free_details               ? 
_reflns.limit_h_max                  ? 
_reflns.limit_h_min                  ? 
_reflns.limit_k_max                  ? 
_reflns.limit_k_min                  ? 
_reflns.limit_l_max                  ? 
_reflns.limit_l_min                  ? 
_reflns.observed_criterion_F_max     ? 
_reflns.observed_criterion_F_min     ? 
_reflns.pdbx_chi_squared             ? 
_reflns.pdbx_scaling_rejects         ? 
_reflns.pdbx_diffrn_id               1 
_reflns.pdbx_ordinal                 1 
# 
_reflns_shell.d_res_high             3.60 
_reflns_shell.d_res_low              3.79 
_reflns_shell.percent_possible_all   91.4 
_reflns_shell.Rmerge_I_obs           0.412 
_reflns_shell.pdbx_Rsym_value        ? 
_reflns_shell.meanI_over_sigI_obs    2.8 
_reflns_shell.pdbx_redundancy        3.0 
_reflns_shell.percent_possible_obs   ? 
_reflns_shell.number_unique_all      1012 
_reflns_shell.number_measured_all    ? 
_reflns_shell.number_measured_obs    ? 
_reflns_shell.number_unique_obs      ? 
_reflns_shell.pdbx_chi_squared       ? 
_reflns_shell.pdbx_diffrn_id         ? 
_reflns_shell.pdbx_ordinal           1 
# 
_refine.entry_id                                 2QRX 
_refine.ls_number_reflns_obs                     7308 
_refine.ls_number_reflns_all                     7311 
_refine.pdbx_ls_sigma_I                          ? 
_refine.pdbx_ls_sigma_F                          0.0 
_refine.pdbx_data_cutoff_high_absF               ? 
_refine.pdbx_data_cutoff_low_absF                ? 
_refine.pdbx_data_cutoff_high_rms_absF           ? 
_refine.ls_d_res_low                             20.00 
_refine.ls_d_res_high                            3.60 
_refine.ls_percent_reflns_obs                    100 
_refine.ls_R_factor_obs                          0.217 
_refine.ls_R_factor_all                          ? 
_refine.ls_R_factor_R_work                       0.215 
_refine.ls_R_factor_R_free                       0.249 
_refine.ls_R_factor_R_free_error                 ? 
_refine.ls_R_factor_R_free_error_details         ? 
_refine.ls_percent_reflns_R_free                 4.5 
_refine.ls_number_reflns_R_free                  335 
_refine.ls_number_parameters                     ? 
_refine.ls_number_restraints                     ? 
_refine.occupancy_min                            ? 
_refine.occupancy_max                            ? 
_refine.correlation_coeff_Fo_to_Fc               0.912 
_refine.correlation_coeff_Fo_to_Fc_free          0.898 
_refine.B_iso_mean                               65.4 
_refine.aniso_B[1][1]                            -4.16 
_refine.aniso_B[2][2]                            -4.16 
_refine.aniso_B[3][3]                            6.24 
_refine.aniso_B[1][2]                            -2.08 
_refine.aniso_B[1][3]                            0.00 
_refine.aniso_B[2][3]                            0.0 
_refine.solvent_model_details                    'BABINET MODEL WITH MASK' 
_refine.solvent_model_param_ksol                 ? 
_refine.solvent_model_param_bsol                 ? 
_refine.pdbx_solvent_vdw_probe_radii             1.20 
_refine.pdbx_solvent_ion_probe_radii             0.80 
_refine.pdbx_solvent_shrinkage_radii             0.80 
_refine.pdbx_ls_cross_valid_method               THROUGHOUT 
_refine.details                                  ? 
_refine.pdbx_starting_model                      'PDB entry 1J1J' 
_refine.pdbx_method_to_determine_struct          'MOLECULAR REPLACEMENT' 
_refine.pdbx_isotropic_thermal_model             Isotropic 
_refine.pdbx_stereochemistry_target_values       'Engh & Huber' 
_refine.pdbx_stereochem_target_val_spec_case     ? 
_refine.pdbx_R_Free_selection_details            RANDOM 
_refine.pdbx_overall_ESU_R                       1.00 
_refine.pdbx_overall_ESU_R_Free                  0.43 
_refine.overall_SU_ML                            0.27 
_refine.overall_SU_B                             17.33 
_refine.ls_redundancy_reflns_obs                 ? 
_refine.B_iso_min                                ? 
_refine.B_iso_max                                ? 
_refine.overall_SU_R_Cruickshank_DPI             ? 
_refine.overall_SU_R_free                        ? 
_refine.ls_wR_factor_R_free                      ? 
_refine.ls_wR_factor_R_work                      ? 
_refine.overall_FOM_free_R_set                   ? 
_refine.overall_FOM_work_R_set                   ? 
_refine.pdbx_overall_phase_error                 ? 
_refine.pdbx_refine_id                           'X-RAY DIFFRACTION' 
_refine.pdbx_diffrn_id                           1 
_refine.pdbx_TLS_residual_ADP_flag               ? 
_refine.pdbx_overall_SU_R_free_Cruickshank_DPI   ? 
_refine.pdbx_overall_SU_R_Blow_DPI               ? 
_refine.pdbx_overall_SU_R_free_Blow_DPI          ? 
# 
_refine_analyze.entry_id                        2QRX 
_refine_analyze.Luzzati_coordinate_error_obs    1.0 
_refine_analyze.Luzzati_sigma_a_obs             ? 
_refine_analyze.Luzzati_d_res_low_obs           ? 
_refine_analyze.Luzzati_coordinate_error_free   0.432 
_refine_analyze.Luzzati_sigma_a_free            ? 
_refine_analyze.Luzzati_d_res_low_free          ? 
_refine_analyze.number_disordered_residues      ? 
_refine_analyze.occupancy_sum_non_hydrogen      ? 
_refine_analyze.occupancy_sum_hydrogen          ? 
_refine_analyze.pdbx_Luzzati_d_res_high_obs     ? 
_refine_analyze.pdbx_refine_id                  'X-RAY DIFFRACTION' 
# 
_refine_hist.pdbx_refine_id                   'X-RAY DIFFRACTION' 
_refine_hist.cycle_id                         LAST 
_refine_hist.pdbx_number_atoms_protein        1502 
_refine_hist.pdbx_number_atoms_nucleic_acid   0 
_refine_hist.pdbx_number_atoms_ligand         0 
_refine_hist.number_atoms_solvent             0 
_refine_hist.number_atoms_total               1502 
_refine_hist.d_res_high                       3.60 
_refine_hist.d_res_low                        20.00 
# 
loop_
_refine_ls_restr.type 
_refine_ls_restr.dev_ideal 
_refine_ls_restr.dev_ideal_target 
_refine_ls_restr.weight 
_refine_ls_restr.number 
_refine_ls_restr.pdbx_refine_id 
_refine_ls_restr.pdbx_restraint_function 
r_bond_refined_d       0.017  0.022  ? 1527 'X-RAY DIFFRACTION' ? 
r_angle_refined_deg    1.804  1.955  ? 2063 'X-RAY DIFFRACTION' ? 
r_dihedral_angle_1_deg 6.337  5.000  ? 184  'X-RAY DIFFRACTION' ? 
r_dihedral_angle_2_deg 34.079 24.359 ? 78   'X-RAY DIFFRACTION' ? 
r_dihedral_angle_3_deg 21.146 15.000 ? 278  'X-RAY DIFFRACTION' ? 
r_dihedral_angle_4_deg 20.632 15.000 ? 10   'X-RAY DIFFRACTION' ? 
r_chiral_restr         0.117  0.200  ? 237  'X-RAY DIFFRACTION' ? 
r_gen_planes_refined   0.005  0.020  ? 1141 'X-RAY DIFFRACTION' ? 
r_nbd_refined          0.278  0.200  ? 735  'X-RAY DIFFRACTION' ? 
r_nbtor_refined        0.338  0.200  ? 1085 'X-RAY DIFFRACTION' ? 
r_xyhbond_nbd_refined  0.185  0.200  ? 57   'X-RAY DIFFRACTION' ? 
r_symmetry_vdw_refined 0.219  0.200  ? 30   'X-RAY DIFFRACTION' ? 
r_mcbond_it            0.780  1.500  ? 932  'X-RAY DIFFRACTION' ? 
r_mcangle_it           1.512  2.000  ? 1477 'X-RAY DIFFRACTION' ? 
r_scbond_it            2.068  3.000  ? 661  'X-RAY DIFFRACTION' ? 
r_scangle_it           3.757  4.500  ? 586  'X-RAY DIFFRACTION' ? 
# 
_refine_ls_shell.pdbx_total_number_of_bins_used   20 
_refine_ls_shell.d_res_high                       3.601 
_refine_ls_shell.d_res_low                        3.691 
_refine_ls_shell.number_reflns_R_work             462 
_refine_ls_shell.R_factor_R_work                  0.239 
_refine_ls_shell.percent_reflns_obs               90.02 
_refine_ls_shell.R_factor_R_free                  0.238 
_refine_ls_shell.R_factor_R_free_error            ? 
_refine_ls_shell.percent_reflns_R_free            ? 
_refine_ls_shell.number_reflns_R_free             25 
_refine_ls_shell.number_reflns_all                ? 
_refine_ls_shell.R_factor_all                     ? 
_refine_ls_shell.number_reflns_obs                462 
_refine_ls_shell.redundancy_reflns_obs            ? 
_refine_ls_shell.pdbx_refine_id                   'X-RAY DIFFRACTION' 
# 
_struct.entry_id                  2QRX 
_struct.title                     'Crystal structure of Drosophila melanogaster Translin protein' 
_struct.pdbx_model_details        ? 
_struct.pdbx_CASP_flag            ? 
_struct.pdbx_model_type_details   ? 
# 
_struct_keywords.entry_id        2QRX 
_struct_keywords.pdbx_keywords   'DNA BINDING PROTEIN' 
_struct_keywords.text            'D. Melanogaster, Translin, Crystal structur, DNA BINDING PROTEIN' 
# 
_struct_asym.id                            A 
_struct_asym.pdbx_blank_PDB_chainid_flag   N 
_struct_asym.pdbx_modified                 N 
_struct_asym.entity_id                     1 
_struct_asym.details                       ? 
# 
_struct_biol.id   1 
# 
loop_
_struct_conf.conf_type_id 
_struct_conf.id 
_struct_conf.pdbx_PDB_helix_id 
_struct_conf.beg_label_comp_id 
_struct_conf.beg_label_asym_id 
_struct_conf.beg_label_seq_id 
_struct_conf.pdbx_beg_PDB_ins_code 
_struct_conf.end_label_comp_id 
_struct_conf.end_label_asym_id 
_struct_conf.end_label_seq_id 
_struct_conf.pdbx_end_PDB_ins_code 
_struct_conf.beg_auth_comp_id 
_struct_conf.beg_auth_asym_id 
_struct_conf.beg_auth_seq_id 
_struct_conf.end_auth_comp_id 
_struct_conf.end_auth_asym_id 
_struct_conf.end_auth_seq_id 
_struct_conf.pdbx_PDB_helix_class 
_struct_conf.details 
_struct_conf.pdbx_PDB_helix_length 
HELX_P HELX_P1  1  ASN A 6   ? ASN A 12  ? ASN A 6   ASN A 12  1 ? 7  
HELX_P HELX_P2  2  ASN A 12  ? LEU A 45  ? ASN A 12  LEU A 45  1 ? 34 
HELX_P HELX_P3  3  GLN A 46  ? SER A 50  ? GLN A 46  SER A 50  5 ? 5  
HELX_P HELX_P4  4  ASP A 51  ? SER A 53  ? ASP A 51  SER A 53  5 ? 3  
HELX_P HELX_P5  5  GLN A 54  ? CYS A 69  ? GLN A 54  CYS A 69  1 ? 16 
HELX_P HELX_P6  6  GLN A 71  ? VAL A 80  ? GLN A 71  VAL A 80  1 ? 10 
HELX_P HELX_P7  7  GLN A 84  ? SER A 89  ? GLN A 84  SER A 89  1 ? 6  
HELX_P HELX_P8  8  THR A 93  ? GLY A 112 ? THR A 93  GLY A 112 1 ? 20 
HELX_P HELX_P9  9  THR A 116 ? GLY A 125 ? THR A 116 GLY A 125 1 ? 10 
HELX_P HELX_P10 10 SER A 129 ? GLY A 133 ? SER A 129 GLY A 133 5 ? 5  
HELX_P HELX_P11 11 ASP A 137 ? MET A 162 ? ASP A 137 MET A 162 1 ? 26 
HELX_P HELX_P12 12 ASP A 164 ? LEU A 184 ? ASP A 164 LEU A 184 1 ? 21 
# 
_struct_conf_type.id          HELX_P 
_struct_conf_type.criteria    ? 
_struct_conf_type.reference   ? 
# 
_atom_sites.entry_id                    2QRX 
_atom_sites.fract_transf_matrix[1][1]   -0.00211866 
_atom_sites.fract_transf_matrix[1][2]   0.00717867 
_atom_sites.fract_transf_matrix[1][3]   0.00104683 
_atom_sites.fract_transf_matrix[2][1]   -0.00731668 
_atom_sites.fract_transf_matrix[2][2]   0.00186661 
_atom_sites.fract_transf_matrix[2][3]   -0.00032446 
_atom_sites.fract_transf_matrix[3][1]   -0.00092111 
_atom_sites.fract_transf_matrix[3][2]   -0.00179499 
_atom_sites.fract_transf_matrix[3][3]   0.01044493 
_atom_sites.fract_transf_vector[1]      0.117066 
_atom_sites.fract_transf_vector[2]      0.611992 
_atom_sites.fract_transf_vector[3]      0.334734 
# 
loop_
_atom_type.symbol 
C 
N 
O 
S 
# 
loop_
_atom_site.group_PDB 
_atom_site.id 
_atom_site.type_symbol 
_atom_site.label_atom_id 
_atom_site.label_alt_id 
_atom_site.label_comp_id 
_atom_site.label_asym_id 
_atom_site.label_entity_id 
_atom_site.label_seq_id 
_atom_site.pdbx_PDB_ins_code 
_atom_site.Cartn_x 
_atom_site.Cartn_y 
_atom_site.Cartn_z 
_atom_site.occupancy 
_atom_site.B_iso_or_equiv 
_atom_site.pdbx_formal_charge 
_atom_site.auth_seq_id 
_atom_site.auth_comp_id 
_atom_site.auth_asym_id 
_atom_site.auth_atom_id 
_atom_site.pdbx_PDB_model_num 
ATOM 1    N N   . ASN A 1 3   ? 23.305  -48.536 -5.920  1.00 103.36 ? 3   ASN A N   1 
ATOM 2    C CA  . ASN A 1 3   ? 22.833  -47.417 -6.814  1.00 103.48 ? 3   ASN A CA  1 
ATOM 3    C C   . ASN A 1 3   ? 21.346  -47.075 -6.529  1.00 102.87 ? 3   ASN A C   1 
ATOM 4    O O   . ASN A 1 3   ? 20.477  -47.219 -7.412  1.00 103.11 ? 3   ASN A O   1 
ATOM 5    C CB  . ASN A 1 3   ? 23.081  -47.776 -8.318  1.00 103.93 ? 3   ASN A CB  1 
ATOM 6    C CG  . ASN A 1 3   ? 23.435  -46.530 -9.234  1.00 104.86 ? 3   ASN A CG  1 
ATOM 7    O OD1 . ASN A 1 3   ? 24.039  -45.530 -8.803  1.00 104.90 ? 3   ASN A OD1 1 
ATOM 8    N ND2 . ASN A 1 3   ? 23.077  -46.640 -10.517 1.00 105.45 ? 3   ASN A ND2 1 
ATOM 9    N N   . PHE A 1 4   ? 21.035  -46.637 -5.306  1.00 101.76 ? 4   PHE A N   1 
ATOM 10   C CA  . PHE A 1 4   ? 19.618  -46.499 -4.968  1.00 100.57 ? 4   PHE A CA  1 
ATOM 11   C C   . PHE A 1 4   ? 19.134  -45.097 -4.594  1.00 99.13  ? 4   PHE A C   1 
ATOM 12   O O   . PHE A 1 4   ? 19.804  -44.345 -3.881  1.00 99.28  ? 4   PHE A O   1 
ATOM 13   C CB  . PHE A 1 4   ? 19.161  -47.579 -3.960  1.00 101.13 ? 4   PHE A CB  1 
ATOM 14   C CG  . PHE A 1 4   ? 17.869  -48.287 -4.370  1.00 102.64 ? 4   PHE A CG  1 
ATOM 15   C CD1 . PHE A 1 4   ? 17.618  -48.595 -5.729  1.00 102.81 ? 4   PHE A CD1 1 
ATOM 16   C CD2 . PHE A 1 4   ? 16.903  -48.644 -3.403  1.00 103.87 ? 4   PHE A CD2 1 
ATOM 17   C CE1 . PHE A 1 4   ? 16.429  -49.240 -6.124  1.00 103.18 ? 4   PHE A CE1 1 
ATOM 18   C CE2 . PHE A 1 4   ? 15.699  -49.292 -3.785  1.00 103.96 ? 4   PHE A CE2 1 
ATOM 19   C CZ  . PHE A 1 4   ? 15.466  -49.594 -5.151  1.00 103.39 ? 4   PHE A CZ  1 
ATOM 20   N N   . VAL A 1 5   ? 17.975  -44.749 -5.137  1.00 97.03  ? 5   VAL A N   1 
ATOM 21   C CA  . VAL A 1 5   ? 17.233  -43.590 -4.691  1.00 94.98  ? 5   VAL A CA  1 
ATOM 22   C C   . VAL A 1 5   ? 16.094  -44.095 -3.819  1.00 93.91  ? 5   VAL A C   1 
ATOM 23   O O   . VAL A 1 5   ? 15.322  -44.979 -4.214  1.00 93.89  ? 5   VAL A O   1 
ATOM 24   C CB  . VAL A 1 5   ? 16.680  -42.784 -5.874  1.00 94.86  ? 5   VAL A CB  1 
ATOM 25   C CG1 . VAL A 1 5   ? 15.750  -41.685 -5.400  1.00 94.41  ? 5   VAL A CG1 1 
ATOM 26   C CG2 . VAL A 1 5   ? 17.810  -42.194 -6.665  1.00 94.73  ? 5   VAL A CG2 1 
ATOM 27   N N   . ASN A 1 6   ? 16.003  -43.552 -2.617  1.00 92.40  ? 6   ASN A N   1 
ATOM 28   C CA  . ASN A 1 6   ? 14.915  -43.908 -1.730  1.00 91.06  ? 6   ASN A CA  1 
ATOM 29   C C   . ASN A 1 6   ? 13.711  -42.982 -1.890  1.00 90.02  ? 6   ASN A C   1 
ATOM 30   O O   . ASN A 1 6   ? 13.722  -41.838 -1.435  1.00 90.06  ? 6   ASN A O   1 
ATOM 31   C CB  . ASN A 1 6   ? 15.400  -43.928 -0.284  1.00 91.06  ? 6   ASN A CB  1 
ATOM 32   C CG  . ASN A 1 6   ? 14.295  -44.261 0.700   1.00 91.17  ? 6   ASN A CG  1 
ATOM 33   O OD1 . ASN A 1 6   ? 13.130  -44.465 0.330   1.00 90.94  ? 6   ASN A OD1 1 
ATOM 34   N ND2 . ASN A 1 6   ? 14.657  -44.316 1.972   1.00 91.56  ? 6   ASN A ND2 1 
ATOM 35   N N   . LEU A 1 7   ? 12.658  -43.500 -2.506  1.00 88.56  ? 7   LEU A N   1 
ATOM 36   C CA  . LEU A 1 7   ? 11.479  -42.704 -2.798  1.00 87.20  ? 7   LEU A CA  1 
ATOM 37   C C   . LEU A 1 7   ? 10.606  -42.388 -1.588  1.00 86.67  ? 7   LEU A C   1 
ATOM 38   O O   . LEU A 1 7   ? 9.403   -42.183 -1.724  1.00 86.38  ? 7   LEU A O   1 
ATOM 39   C CB  . LEU A 1 7   ? 10.654  -43.382 -3.888  1.00 87.08  ? 7   LEU A CB  1 
ATOM 40   C CG  . LEU A 1 7   ? 11.344  -43.561 -5.235  1.00 86.00  ? 7   LEU A CG  1 
ATOM 41   C CD1 . LEU A 1 7   ? 10.402  -44.208 -6.212  1.00 84.76  ? 7   LEU A CD1 1 
ATOM 42   C CD2 . LEU A 1 7   ? 11.822  -42.229 -5.764  1.00 85.38  ? 7   LEU A CD2 1 
ATOM 43   N N   . ASP A 1 8   ? 11.208  -42.353 -0.405  1.00 86.23  ? 8   ASP A N   1 
ATOM 44   C CA  . ASP A 1 8   ? 10.523  -41.824 0.771   1.00 85.98  ? 8   ASP A CA  1 
ATOM 45   C C   . ASP A 1 8   ? 10.984  -40.413 0.995   1.00 85.58  ? 8   ASP A C   1 
ATOM 46   O O   . ASP A 1 8   ? 10.172  -39.520 1.288   1.00 85.72  ? 8   ASP A O   1 
ATOM 47   C CB  . ASP A 1 8   ? 10.804  -42.640 2.027   1.00 85.97  ? 8   ASP A CB  1 
ATOM 48   C CG  . ASP A 1 8   ? 10.269  -44.032 1.936   1.00 86.51  ? 8   ASP A CG  1 
ATOM 49   O OD1 . ASP A 1 8   ? 9.249   -44.260 1.229   1.00 86.76  ? 8   ASP A OD1 1 
ATOM 50   O OD2 . ASP A 1 8   ? 10.891  -44.900 2.578   1.00 86.89  ? 8   ASP A OD2 1 
ATOM 51   N N   . ILE A 1 9   ? 12.290  -40.206 0.863   1.00 84.79  ? 9   ILE A N   1 
ATOM 52   C CA  . ILE A 1 9   ? 12.794  -38.859 0.936   1.00 84.24  ? 9   ILE A CA  1 
ATOM 53   C C   . ILE A 1 9   ? 11.891  -37.980 0.040   1.00 83.49  ? 9   ILE A C   1 
ATOM 54   O O   . ILE A 1 9   ? 11.488  -36.899 0.452   1.00 83.70  ? 9   ILE A O   1 
ATOM 55   C CB  . ILE A 1 9   ? 14.361  -38.747 0.700   1.00 84.40  ? 9   ILE A CB  1 
ATOM 56   C CG1 . ILE A 1 9   ? 14.898  -37.434 1.333   1.00 85.24  ? 9   ILE A CG1 1 
ATOM 57   C CG2 . ILE A 1 9   ? 14.773  -38.980 -0.786  1.00 83.50  ? 9   ILE A CG2 1 
ATOM 58   C CD1 . ILE A 1 9   ? 16.429  -37.270 1.385   1.00 84.64  ? 9   ILE A CD1 1 
ATOM 59   N N   . PHE A 1 10  ? 11.497  -38.486 -1.126  1.00 82.38  ? 10  PHE A N   1 
ATOM 60   C CA  . PHE A 1 10  ? 10.620  -37.744 -2.013  1.00 81.47  ? 10  PHE A CA  1 
ATOM 61   C C   . PHE A 1 10  ? 9.175   -37.652 -1.570  1.00 81.90  ? 10  PHE A C   1 
ATOM 62   O O   . PHE A 1 10  ? 8.597   -36.571 -1.627  1.00 82.24  ? 10  PHE A O   1 
ATOM 63   C CB  . PHE A 1 10  ? 10.688  -38.291 -3.423  1.00 80.63  ? 10  PHE A CB  1 
ATOM 64   C CG  . PHE A 1 10  ? 11.867  -37.826 -4.156  1.00 78.66  ? 10  PHE A CG  1 
ATOM 65   C CD1 . PHE A 1 10  ? 11.810  -36.690 -4.914  1.00 77.95  ? 10  PHE A CD1 1 
ATOM 66   C CD2 . PHE A 1 10  ? 13.051  -38.488 -4.050  1.00 77.77  ? 10  PHE A CD2 1 
ATOM 67   C CE1 . PHE A 1 10  ? 12.901  -36.228 -5.591  1.00 76.95  ? 10  PHE A CE1 1 
ATOM 68   C CE2 . PHE A 1 10  ? 14.145  -38.038 -4.720  1.00 78.12  ? 10  PHE A CE2 1 
ATOM 69   C CZ  . PHE A 1 10  ? 14.065  -36.893 -5.498  1.00 77.93  ? 10  PHE A CZ  1 
ATOM 70   N N   . SER A 1 11  ? 8.592   -38.771 -1.142  1.00 82.34  ? 11  SER A N   1 
ATOM 71   C CA  . SER A 1 11  ? 7.159   -38.833 -0.782  1.00 82.70  ? 11  SER A CA  1 
ATOM 72   C C   . SER A 1 11  ? 6.896   -37.991 0.446   1.00 82.76  ? 11  SER A C   1 
ATOM 73   O O   . SER A 1 11  ? 5.864   -37.337 0.600   1.00 82.54  ? 11  SER A O   1 
ATOM 74   C CB  . SER A 1 11  ? 6.760   -40.267 -0.455  1.00 82.72  ? 11  SER A CB  1 
ATOM 75   O OG  . SER A 1 11  ? 7.298   -40.628 0.810   1.00 83.38  ? 11  SER A OG  1 
ATOM 76   N N   . ASN A 1 12  ? 7.860   -38.033 1.337   1.00 83.06  ? 12  ASN A N   1 
ATOM 77   C CA  . ASN A 1 12  ? 7.790   -37.261 2.529   1.00 83.65  ? 12  ASN A CA  1 
ATOM 78   C C   . ASN A 1 12  ? 7.895   -35.722 2.284   1.00 83.19  ? 12  ASN A C   1 
ATOM 79   O O   . ASN A 1 12  ? 7.523   -34.903 3.125   1.00 82.86  ? 12  ASN A O   1 
ATOM 80   C CB  . ASN A 1 12  ? 8.874   -37.788 3.451   1.00 83.95  ? 12  ASN A CB  1 
ATOM 81   C CG  . ASN A 1 12  ? 8.637   -37.396 4.849   1.00 86.43  ? 12  ASN A CG  1 
ATOM 82   O OD1 . ASN A 1 12  ? 9.529   -36.850 5.500   1.00 88.89  ? 12  ASN A OD1 1 
ATOM 83   N ND2 . ASN A 1 12  ? 7.399   -37.610 5.330   1.00 89.41  ? 12  ASN A ND2 1 
ATOM 84   N N   . TYR A 1 13  ? 8.394   -35.342 1.119   1.00 82.87  ? 13  TYR A N   1 
ATOM 85   C CA  . TYR A 1 13  ? 8.421   -33.958 0.763   1.00 82.64  ? 13  TYR A CA  1 
ATOM 86   C C   . TYR A 1 13  ? 7.154   -33.581 0.043   1.00 83.34  ? 13  TYR A C   1 
ATOM 87   O O   . TYR A 1 13  ? 6.759   -32.429 0.089   1.00 84.00  ? 13  TYR A O   1 
ATOM 88   C CB  . TYR A 1 13  ? 9.662   -33.599 -0.042  1.00 82.10  ? 13  TYR A CB  1 
ATOM 89   C CG  . TYR A 1 13  ? 10.909  -33.652 0.803   1.00 81.36  ? 13  TYR A CG  1 
ATOM 90   C CD1 . TYR A 1 13  ? 10.849  -33.463 2.183   1.00 80.95  ? 13  TYR A CD1 1 
ATOM 91   C CD2 . TYR A 1 13  ? 12.147  -33.887 0.231   1.00 80.09  ? 13  TYR A CD2 1 
ATOM 92   C CE1 . TYR A 1 13  ? 12.001  -33.518 2.964   1.00 81.42  ? 13  TYR A CE1 1 
ATOM 93   C CE2 . TYR A 1 13  ? 13.298  -33.952 1.003   1.00 79.83  ? 13  TYR A CE2 1 
ATOM 94   C CZ  . TYR A 1 13  ? 13.225  -33.765 2.364   1.00 81.07  ? 13  TYR A CZ  1 
ATOM 95   O OH  . TYR A 1 13  ? 14.379  -33.837 3.118   1.00 81.66  ? 13  TYR A OH  1 
ATOM 96   N N   . GLN A 1 14  ? 6.477   -34.526 -0.596  1.00 84.04  ? 14  GLN A N   1 
ATOM 97   C CA  . GLN A 1 14  ? 5.165   -34.197 -1.171  1.00 84.77  ? 14  GLN A CA  1 
ATOM 98   C C   . GLN A 1 14  ? 4.167   -33.866 -0.062  1.00 84.96  ? 14  GLN A C   1 
ATOM 99   O O   . GLN A 1 14  ? 3.090   -33.348 -0.349  1.00 85.21  ? 14  GLN A O   1 
ATOM 100  C CB  . GLN A 1 14  ? 4.594   -35.334 -2.016  1.00 84.94  ? 14  GLN A CB  1 
ATOM 101  C CG  . GLN A 1 14  ? 3.879   -36.373 -1.154  1.00 86.37  ? 14  GLN A CG  1 
ATOM 102  C CD  . GLN A 1 14  ? 3.316   -37.527 -1.935  1.00 88.27  ? 14  GLN A CD  1 
ATOM 103  O OE1 . GLN A 1 14  ? 2.403   -37.344 -2.743  1.00 89.61  ? 14  GLN A OE1 1 
ATOM 104  N NE2 . GLN A 1 14  ? 3.834   -38.739 -1.684  1.00 88.39  ? 14  GLN A NE2 1 
ATOM 105  N N   . LYS A 1 15  ? 4.499   -34.190 1.191   1.00 85.04  ? 15  LYS A N   1 
ATOM 106  C CA  . LYS A 1 15  ? 3.616   -33.851 2.311   1.00 85.11  ? 15  LYS A CA  1 
ATOM 107  C C   . LYS A 1 15  ? 3.742   -32.368 2.655   1.00 83.76  ? 15  LYS A C   1 
ATOM 108  O O   . LYS A 1 15  ? 2.745   -31.675 2.779   1.00 84.00  ? 15  LYS A O   1 
ATOM 109  C CB  . LYS A 1 15  ? 3.882   -34.736 3.543   1.00 85.57  ? 15  LYS A CB  1 
ATOM 110  C CG  . LYS A 1 15  ? 2.612   -34.952 4.406   1.00 87.22  ? 15  LYS A CG  1 
ATOM 111  C CD  . LYS A 1 15  ? 2.887   -35.506 5.838   1.00 86.93  ? 15  LYS A CD  1 
ATOM 112  C CE  . LYS A 1 15  ? 1.663   -35.237 6.789   1.00 87.96  ? 15  LYS A CE  1 
ATOM 113  N NZ  . LYS A 1 15  ? 1.896   -35.693 8.220   1.00 88.76  ? 15  LYS A NZ  1 
ATOM 114  N N   . TYR A 1 16  ? 4.981   -31.909 2.788   1.00 82.39  ? 16  TYR A N   1 
ATOM 115  C CA  . TYR A 1 16  ? 5.351   -30.519 3.017   1.00 81.13  ? 16  TYR A CA  1 
ATOM 116  C C   . TYR A 1 16  ? 4.899   -29.623 1.878   1.00 80.63  ? 16  TYR A C   1 
ATOM 117  O O   . TYR A 1 16  ? 4.229   -28.627 2.115   1.00 80.64  ? 16  TYR A O   1 
ATOM 118  C CB  . TYR A 1 16  ? 6.862   -30.478 3.148   1.00 80.90  ? 16  TYR A CB  1 
ATOM 119  C CG  . TYR A 1 16  ? 7.539   -29.144 3.267   1.00 80.61  ? 16  TYR A CG  1 
ATOM 120  C CD1 . TYR A 1 16  ? 7.997   -28.697 4.506   1.00 81.30  ? 16  TYR A CD1 1 
ATOM 121  C CD2 . TYR A 1 16  ? 7.811   -28.363 2.139   1.00 80.04  ? 16  TYR A CD2 1 
ATOM 122  C CE1 . TYR A 1 16  ? 8.681   -27.475 4.639   1.00 81.26  ? 16  TYR A CE1 1 
ATOM 123  C CE2 . TYR A 1 16  ? 8.484   -27.129 2.264   1.00 80.23  ? 16  TYR A CE2 1 
ATOM 124  C CZ  . TYR A 1 16  ? 8.920   -26.696 3.521   1.00 80.36  ? 16  TYR A CZ  1 
ATOM 125  O OH  . TYR A 1 16  ? 9.589   -25.504 3.682   1.00 79.34  ? 16  TYR A OH  1 
ATOM 126  N N   . ILE A 1 17  ? 5.269   -29.972 0.650   1.00 80.02  ? 17  ILE A N   1 
ATOM 127  C CA  . ILE A 1 17  ? 4.821   -29.224 -0.528  1.00 79.79  ? 17  ILE A CA  1 
ATOM 128  C C   . ILE A 1 17  ? 3.304   -29.081 -0.600  1.00 79.95  ? 17  ILE A C   1 
ATOM 129  O O   . ILE A 1 17  ? 2.797   -28.020 -0.912  1.00 80.13  ? 17  ILE A O   1 
ATOM 130  C CB  . ILE A 1 17  ? 5.332   -29.841 -1.849  1.00 79.67  ? 17  ILE A CB  1 
ATOM 131  C CG1 . ILE A 1 17  ? 6.792   -29.448 -2.073  1.00 79.23  ? 17  ILE A CG1 1 
ATOM 132  C CG2 . ILE A 1 17  ? 4.437   -29.434 -3.059  1.00 78.90  ? 17  ILE A CG2 1 
ATOM 133  C CD1 . ILE A 1 17  ? 7.338   -29.869 -3.443  1.00 79.74  ? 17  ILE A CD1 1 
ATOM 134  N N   . ASP A 1 18  ? 2.588   -30.155 -0.308  1.00 80.15  ? 18  ASP A N   1 
ATOM 135  C CA  . ASP A 1 18  ? 1.134   -30.171 -0.381  1.00 80.37  ? 18  ASP A CA  1 
ATOM 136  C C   . ASP A 1 18  ? 0.576   -29.043 0.463   1.00 80.09  ? 18  ASP A C   1 
ATOM 137  O O   . ASP A 1 18  ? -0.298  -28.291 0.038   1.00 79.90  ? 18  ASP A O   1 
ATOM 138  C CB  . ASP A 1 18  ? 0.621   -31.514 0.163   1.00 80.84  ? 18  ASP A CB  1 
ATOM 139  C CG  . ASP A 1 18  ? -0.576  -32.054 -0.612  1.00 82.17  ? 18  ASP A CG  1 
ATOM 140  O OD1 . ASP A 1 18  ? -0.622  -31.878 -1.863  1.00 83.69  ? 18  ASP A OD1 1 
ATOM 141  O OD2 . ASP A 1 18  ? -1.458  -32.671 0.037   1.00 82.98  ? 18  ASP A OD2 1 
ATOM 142  N N   . ASN A 1 19  ? 1.120   -28.946 1.667   1.00 80.10  ? 19  ASN A N   1 
ATOM 143  C CA  . ASN A 1 19  ? 0.717   -27.985 2.666   1.00 80.28  ? 19  ASN A CA  1 
ATOM 144  C C   . ASN A 1 19  ? 1.166   -26.549 2.324   1.00 80.15  ? 19  ASN A C   1 
ATOM 145  O O   . ASN A 1 19  ? 0.404   -25.586 2.489   1.00 79.99  ? 19  ASN A O   1 
ATOM 146  C CB  . ASN A 1 19  ? 1.282   -28.457 4.001   1.00 80.29  ? 19  ASN A CB  1 
ATOM 147  C CG  . ASN A 1 19  ? 1.451   -27.342 4.986   1.00 82.01  ? 19  ASN A CG  1 
ATOM 148  O OD1 . ASN A 1 19  ? 0.821   -27.349 6.038   1.00 84.39  ? 19  ASN A OD1 1 
ATOM 149  N ND2 . ASN A 1 19  ? 2.301   -26.360 4.657   1.00 83.84  ? 19  ASN A ND2 1 
ATOM 150  N N   . GLU A 1 20  ? 2.406   -26.418 1.852   1.00 79.94  ? 20  GLU A N   1 
ATOM 151  C CA  . GLU A 1 20  ? 2.930   -25.142 1.415   1.00 79.72  ? 20  GLU A CA  1 
ATOM 152  C C   . GLU A 1 20  ? 2.112   -24.543 0.301   1.00 79.89  ? 20  GLU A C   1 
ATOM 153  O O   . GLU A 1 20  ? 1.821   -23.373 0.358   1.00 80.33  ? 20  GLU A O   1 
ATOM 154  C CB  . GLU A 1 20  ? 4.359   -25.273 0.938   1.00 79.66  ? 20  GLU A CB  1 
ATOM 155  C CG  . GLU A 1 20  ? 5.133   -23.985 1.066   1.00 79.64  ? 20  GLU A CG  1 
ATOM 156  C CD  . GLU A 1 20  ? 5.314   -23.569 2.516   1.00 79.44  ? 20  GLU A CD  1 
ATOM 157  O OE1 . GLU A 1 20  ? 5.054   -24.394 3.423   1.00 79.36  ? 20  GLU A OE1 1 
ATOM 158  O OE2 . GLU A 1 20  ? 5.716   -22.413 2.749   1.00 78.93  ? 20  GLU A OE2 1 
ATOM 159  N N   . GLN A 1 21  ? 1.758   -25.335 -0.710  1.00 80.05  ? 21  GLN A N   1 
ATOM 160  C CA  . GLN A 1 21  ? 0.830   -24.914 -1.772  1.00 80.40  ? 21  GLN A CA  1 
ATOM 161  C C   . GLN A 1 21  ? -0.417  -24.298 -1.190  1.00 79.84  ? 21  GLN A C   1 
ATOM 162  O O   . GLN A 1 21  ? -0.949  -23.341 -1.738  1.00 80.10  ? 21  GLN A O   1 
ATOM 163  C CB  . GLN A 1 21  ? 0.361   -26.103 -2.612  1.00 80.87  ? 21  GLN A CB  1 
ATOM 164  C CG  . GLN A 1 21  ? 1.454   -26.866 -3.369  1.00 85.01  ? 21  GLN A CG  1 
ATOM 165  C CD  . GLN A 1 21  ? 1.769   -26.293 -4.766  1.00 89.85  ? 21  GLN A CD  1 
ATOM 166  O OE1 . GLN A 1 21  ? 1.190   -25.271 -5.188  1.00 92.00  ? 21  GLN A OE1 1 
ATOM 167  N NE2 . GLN A 1 21  ? 2.694   -26.960 -5.492  1.00 90.40  ? 21  GLN A NE2 1 
ATOM 168  N N   . GLU A 1 22  ? -0.884  -24.868 -0.084  1.00 79.16  ? 22  GLU A N   1 
ATOM 169  C CA  . GLU A 1 22  ? -2.142  -24.478 0.517   1.00 78.52  ? 22  GLU A CA  1 
ATOM 170  C C   . GLU A 1 22  ? -1.984  -23.214 1.340   1.00 77.18  ? 22  GLU A C   1 
ATOM 171  O O   . GLU A 1 22  ? -2.771  -22.305 1.208   1.00 76.91  ? 22  GLU A O   1 
ATOM 172  C CB  . GLU A 1 22  ? -2.672  -25.625 1.365   1.00 79.17  ? 22  GLU A CB  1 
ATOM 173  C CG  . GLU A 1 22  ? -3.945  -25.327 2.149   1.00 81.93  ? 22  GLU A CG  1 
ATOM 174  C CD  . GLU A 1 22  ? -4.038  -26.177 3.415   1.00 85.12  ? 22  GLU A CD  1 
ATOM 175  O OE1 . GLU A 1 22  ? -5.033  -26.927 3.580   1.00 85.97  ? 22  GLU A OE1 1 
ATOM 176  O OE2 . GLU A 1 22  ? -3.091  -26.111 4.234   1.00 86.58  ? 22  GLU A OE2 1 
ATOM 177  N N   . VAL A 1 23  ? -0.969  -23.161 2.189   1.00 76.15  ? 23  VAL A N   1 
ATOM 178  C CA  . VAL A 1 23  ? -0.641  -21.937 2.919   1.00 75.30  ? 23  VAL A CA  1 
ATOM 179  C C   . VAL A 1 23  ? -0.536  -20.765 1.952   1.00 74.75  ? 23  VAL A C   1 
ATOM 180  O O   . VAL A 1 23  ? -1.224  -19.768 2.089   1.00 74.34  ? 23  VAL A O   1 
ATOM 181  C CB  . VAL A 1 23  ? 0.702   -22.076 3.679   1.00 75.45  ? 23  VAL A CB  1 
ATOM 182  C CG1 . VAL A 1 23  ? 1.228   -20.708 4.121   1.00 74.88  ? 23  VAL A CG1 1 
ATOM 183  C CG2 . VAL A 1 23  ? 0.572   -23.048 4.868   1.00 75.36  ? 23  VAL A CG2 1 
ATOM 184  N N   . ARG A 1 24  ? 0.334   -20.924 0.967   1.00 74.54  ? 24  ARG A N   1 
ATOM 185  C CA  . ARG A 1 24  ? 0.527   -19.980 -0.112  1.00 74.79  ? 24  ARG A CA  1 
ATOM 186  C C   . ARG A 1 24  ? -0.756  -19.720 -0.888  1.00 73.94  ? 24  ARG A C   1 
ATOM 187  O O   . ARG A 1 24  ? -0.806  -18.790 -1.669  1.00 74.12  ? 24  ARG A O   1 
ATOM 188  C CB  . ARG A 1 24  ? 1.601   -20.509 -1.068  1.00 74.51  ? 24  ARG A CB  1 
ATOM 189  C CG  . ARG A 1 24  ? 2.479   -19.438 -1.702  1.00 76.40  ? 24  ARG A CG  1 
ATOM 190  C CD  . ARG A 1 24  ? 3.893   -19.931 -2.119  1.00 77.44  ? 24  ARG A CD  1 
ATOM 191  N NE  . ARG A 1 24  ? 4.642   -20.601 -1.028  1.00 84.10  ? 24  ARG A NE  1 
ATOM 192  C CZ  . ARG A 1 24  ? 5.553   -20.033 -0.216  1.00 85.42  ? 24  ARG A CZ  1 
ATOM 193  N NH1 . ARG A 1 24  ? 5.869   -18.744 -0.322  1.00 86.14  ? 24  ARG A NH1 1 
ATOM 194  N NH2 . ARG A 1 24  ? 6.162   -20.768 0.717   1.00 85.94  ? 24  ARG A NH2 1 
ATOM 195  N N   . GLU A 1 25  ? -1.799  -20.516 -0.674  1.00 73.48  ? 25  GLU A N   1 
ATOM 196  C CA  . GLU A 1 25  ? -3.041  -20.355 -1.450  1.00 72.97  ? 25  GLU A CA  1 
ATOM 197  C C   . GLU A 1 25  ? -4.080  -19.442 -0.812  1.00 71.61  ? 25  GLU A C   1 
ATOM 198  O O   . GLU A 1 25  ? -4.718  -18.631 -1.490  1.00 70.81  ? 25  GLU A O   1 
ATOM 199  C CB  . GLU A 1 25  ? -3.648  -21.721 -1.794  1.00 73.55  ? 25  GLU A CB  1 
ATOM 200  C CG  . GLU A 1 25  ? -4.299  -21.776 -3.183  1.00 77.44  ? 25  GLU A CG  1 
ATOM 201  C CD  . GLU A 1 25  ? -3.666  -20.794 -4.218  1.00 83.03  ? 25  GLU A CD  1 
ATOM 202  O OE1 . GLU A 1 25  ? -2.621  -20.142 -3.933  1.00 85.11  ? 25  GLU A OE1 1 
ATOM 203  O OE2 . GLU A 1 25  ? -4.227  -20.665 -5.338  1.00 85.70  ? 25  GLU A OE2 1 
ATOM 204  N N   . ASN A 1 26  ? -4.231  -19.607 0.498   1.00 70.72  ? 26  ASN A N   1 
ATOM 205  C CA  . ASN A 1 26  ? -5.099  -18.796 1.332   1.00 69.73  ? 26  ASN A CA  1 
ATOM 206  C C   . ASN A 1 26  ? -4.554  -17.394 1.486   1.00 69.28  ? 26  ASN A C   1 
ATOM 207  O O   . ASN A 1 26  ? -5.331  -16.464 1.718   1.00 69.41  ? 26  ASN A O   1 
ATOM 208  C CB  . ASN A 1 26  ? -5.283  -19.433 2.707   1.00 69.42  ? 26  ASN A CB  1 
ATOM 209  C CG  . ASN A 1 26  ? -5.627  -20.903 2.622   1.00 69.38  ? 26  ASN A CG  1 
ATOM 210  O OD1 . ASN A 1 26  ? -6.359  -21.343 1.739   1.00 68.41  ? 26  ASN A OD1 1 
ATOM 211  N ND2 . ASN A 1 26  ? -5.081  -21.681 3.539   1.00 70.98  ? 26  ASN A ND2 1 
ATOM 212  N N   . ILE A 1 27  ? -3.233  -17.237 1.365   1.00 68.51  ? 27  ILE A N   1 
ATOM 213  C CA  . ILE A 1 27  ? -2.643  -15.905 1.282   1.00 67.94  ? 27  ILE A CA  1 
ATOM 214  C C   . ILE A 1 27  ? -3.078  -15.325 -0.043  1.00 67.88  ? 27  ILE A C   1 
ATOM 215  O O   . ILE A 1 27  ? -3.785  -14.326 -0.095  1.00 67.98  ? 27  ILE A O   1 
ATOM 216  C CB  . ILE A 1 27  ? -1.107  -15.921 1.336   1.00 67.80  ? 27  ILE A CB  1 
ATOM 217  C CG1 . ILE A 1 27  ? -0.598  -16.724 2.541   1.00 68.36  ? 27  ILE A CG1 1 
ATOM 218  C CG2 . ILE A 1 27  ? -0.552  -14.503 1.329   1.00 67.01  ? 27  ILE A CG2 1 
ATOM 219  C CD1 . ILE A 1 27  ? -0.739  -16.063 3.914   1.00 68.93  ? 27  ILE A CD1 1 
ATOM 220  N N   . ARG A 1 28  ? -2.687  -15.986 -1.119  1.00 67.78  ? 28  ARG A N   1 
ATOM 221  C CA  . ARG A 1 28  ? -3.062  -15.555 -2.449  1.00 67.98  ? 28  ARG A CA  1 
ATOM 222  C C   . ARG A 1 28  ? -4.537  -15.121 -2.489  1.00 66.76  ? 28  ARG A C   1 
ATOM 223  O O   . ARG A 1 28  ? -4.844  -14.053 -2.976  1.00 66.33  ? 28  ARG A O   1 
ATOM 224  C CB  . ARG A 1 28  ? -2.741  -16.674 -3.443  1.00 69.03  ? 28  ARG A CB  1 
ATOM 225  C CG  . ARG A 1 28  ? -2.531  -16.244 -4.886  1.00 72.73  ? 28  ARG A CG  1 
ATOM 226  C CD  . ARG A 1 28  ? -3.825  -16.503 -5.684  1.00 80.38  ? 28  ARG A CD  1 
ATOM 227  N NE  . ARG A 1 28  ? -4.115  -15.443 -6.667  1.00 85.47  ? 28  ARG A NE  1 
ATOM 228  C CZ  . ARG A 1 28  ? -5.270  -15.296 -7.330  1.00 86.78  ? 28  ARG A CZ  1 
ATOM 229  N NH1 . ARG A 1 28  ? -5.409  -14.296 -8.205  1.00 86.66  ? 28  ARG A NH1 1 
ATOM 230  N NH2 . ARG A 1 28  ? -6.283  -16.144 -7.125  1.00 87.24  ? 28  ARG A NH2 1 
ATOM 231  N N   . ILE A 1 29  ? -5.429  -15.924 -1.924  1.00 66.05  ? 29  ILE A N   1 
ATOM 232  C CA  . ILE A 1 29  ? -6.864  -15.584 -1.858  1.00 65.41  ? 29  ILE A CA  1 
ATOM 233  C C   . ILE A 1 29  ? -7.276  -14.277 -1.108  1.00 65.09  ? 29  ILE A C   1 
ATOM 234  O O   . ILE A 1 29  ? -8.061  -13.497 -1.647  1.00 65.29  ? 29  ILE A O   1 
ATOM 235  C CB  . ILE A 1 29  ? -7.746  -16.823 -1.424  1.00 65.35  ? 29  ILE A CB  1 
ATOM 236  C CG1 . ILE A 1 29  ? -8.934  -16.955 -2.375  1.00 65.27  ? 29  ILE A CG1 1 
ATOM 237  C CG2 . ILE A 1 29  ? -8.152  -16.805 0.099   1.00 64.03  ? 29  ILE A CG2 1 
ATOM 238  C CD1 . ILE A 1 29  ? -9.611  -18.327 -2.364  1.00 65.62  ? 29  ILE A CD1 1 
ATOM 239  N N   . VAL A 1 30  ? -6.774  -14.038 0.105   1.00 64.33  ? 30  VAL A N   1 
ATOM 240  C CA  . VAL A 1 30  ? -7.124  -12.828 0.848   1.00 63.90  ? 30  VAL A CA  1 
ATOM 241  C C   . VAL A 1 30  ? -6.606  -11.606 0.133   1.00 64.40  ? 30  VAL A C   1 
ATOM 242  O O   . VAL A 1 30  ? -7.363  -10.702 -0.189  1.00 64.68  ? 30  VAL A O   1 
ATOM 243  C CB  . VAL A 1 30  ? -6.520  -12.828 2.231   1.00 63.58  ? 30  VAL A CB  1 
ATOM 244  C CG1 . VAL A 1 30  ? -6.490  -11.449 2.802   1.00 62.79  ? 30  VAL A CG1 1 
ATOM 245  C CG2 . VAL A 1 30  ? -7.307  -13.700 3.127   1.00 64.23  ? 30  VAL A CG2 1 
ATOM 246  N N   . VAL A 1 31  ? -5.301  -11.589 -0.110  1.00 65.14  ? 31  VAL A N   1 
ATOM 247  C CA  . VAL A 1 31  ? -4.633  -10.561 -0.914  1.00 65.79  ? 31  VAL A CA  1 
ATOM 248  C C   . VAL A 1 31  ? -5.362  -10.344 -2.258  1.00 66.90  ? 31  VAL A C   1 
ATOM 249  O O   . VAL A 1 31  ? -5.174  -9.327  -2.930  1.00 67.18  ? 31  VAL A O   1 
ATOM 250  C CB  . VAL A 1 31  ? -3.121  -10.934 -1.126  1.00 65.46  ? 31  VAL A CB  1 
ATOM 251  C CG1 . VAL A 1 31  ? -2.495  -10.195 -2.301  1.00 64.94  ? 31  VAL A CG1 1 
ATOM 252  C CG2 . VAL A 1 31  ? -2.319  -10.692 0.139   1.00 64.36  ? 31  VAL A CG2 1 
ATOM 253  N N   . ARG A 1 32  ? -6.207  -11.290 -2.649  1.00 67.98  ? 32  ARG A N   1 
ATOM 254  C CA  . ARG A 1 32  ? -6.917  -11.130 -3.891  1.00 69.19  ? 32  ARG A CA  1 
ATOM 255  C C   . ARG A 1 32  ? -8.017  -10.138 -3.705  1.00 68.83  ? 32  ARG A C   1 
ATOM 256  O O   . ARG A 1 32  ? -8.272  -9.339  -4.583  1.00 69.15  ? 32  ARG A O   1 
ATOM 257  C CB  . ARG A 1 32  ? -7.455  -12.455 -4.428  1.00 70.20  ? 32  ARG A CB  1 
ATOM 258  C CG  . ARG A 1 32  ? -7.618  -12.471 -5.961  1.00 74.60  ? 32  ARG A CG  1 
ATOM 259  C CD  . ARG A 1 32  ? -6.612  -11.501 -6.627  1.00 83.42  ? 32  ARG A CD  1 
ATOM 260  N NE  . ARG A 1 32  ? -6.714  -11.438 -8.097  1.00 90.79  ? 32  ARG A NE  1 
ATOM 261  C CZ  . ARG A 1 32  ? -6.060  -10.562 -8.878  1.00 94.03  ? 32  ARG A CZ  1 
ATOM 262  N NH1 . ARG A 1 32  ? -5.246  -9.645  -8.338  1.00 94.99  ? 32  ARG A NH1 1 
ATOM 263  N NH2 . ARG A 1 32  ? -6.219  -10.598 -10.209 1.00 94.96  ? 32  ARG A NH2 1 
ATOM 264  N N   . GLU A 1 33  ? -8.669  -10.170 -2.562  1.00 68.76  ? 33  GLU A N   1 
ATOM 265  C CA  . GLU A 1 33  ? -9.667  -9.166  -2.296  1.00 69.18  ? 33  GLU A CA  1 
ATOM 266  C C   . GLU A 1 33  ? -9.024  -7.822  -2.038  1.00 68.94  ? 33  GLU A C   1 
ATOM 267  O O   . GLU A 1 33  ? -9.443  -6.829  -2.599  1.00 69.12  ? 33  GLU A O   1 
ATOM 268  C CB  . GLU A 1 33  ? -10.492 -9.536  -1.094  1.00 69.62  ? 33  GLU A CB  1 
ATOM 269  C CG  . GLU A 1 33  ? -10.972 -10.955 -1.090  1.00 71.58  ? 33  GLU A CG  1 
ATOM 270  C CD  . GLU A 1 33  ? -11.446 -11.358 0.291   1.00 73.83  ? 33  GLU A CD  1 
ATOM 271  O OE1 . GLU A 1 33  ? -11.238 -10.580 1.253   1.00 73.85  ? 33  GLU A OE1 1 
ATOM 272  O OE2 . GLU A 1 33  ? -12.030 -12.452 0.416   1.00 75.36  ? 33  GLU A OE2 1 
ATOM 273  N N   . ILE A 1 34  ? -8.010  -7.777  -1.187  1.00 68.73  ? 34  ILE A N   1 
ATOM 274  C CA  . ILE A 1 34  ? -7.376  -6.507  -0.875  1.00 68.66  ? 34  ILE A CA  1 
ATOM 275  C C   . ILE A 1 34  ? -6.909  -5.778  -2.123  1.00 69.44  ? 34  ILE A C   1 
ATOM 276  O O   . ILE A 1 34  ? -6.860  -4.559  -2.147  1.00 69.65  ? 34  ILE A O   1 
ATOM 277  C CB  . ILE A 1 34  ? -6.212  -6.684  0.059   1.00 68.27  ? 34  ILE A CB  1 
ATOM 278  C CG1 . ILE A 1 34  ? -6.716  -7.329  1.333   1.00 67.30  ? 34  ILE A CG1 1 
ATOM 279  C CG2 . ILE A 1 34  ? -5.565  -5.342  0.352   1.00 67.61  ? 34  ILE A CG2 1 
ATOM 280  C CD1 . ILE A 1 34  ? -5.665  -7.542  2.347   1.00 67.26  ? 34  ILE A CD1 1 
ATOM 281  N N   . GLU A 1 35  ? -6.552  -6.530  -3.151  1.00 70.44  ? 35  GLU A N   1 
ATOM 282  C CA  . GLU A 1 35  ? -6.284  -5.957  -4.452  1.00 71.66  ? 35  GLU A CA  1 
ATOM 283  C C   . GLU A 1 35  ? -7.553  -5.273  -4.895  1.00 72.16  ? 35  GLU A C   1 
ATOM 284  O O   . GLU A 1 35  ? -7.594  -4.065  -5.055  1.00 71.91  ? 35  GLU A O   1 
ATOM 285  C CB  . GLU A 1 35  ? -5.895  -7.062  -5.447  1.00 71.96  ? 35  GLU A CB  1 
ATOM 286  C CG  . GLU A 1 35  ? -6.313  -6.803  -6.904  1.00 73.54  ? 35  GLU A CG  1 
ATOM 287  C CD  . GLU A 1 35  ? -5.454  -5.745  -7.595  1.00 76.02  ? 35  GLU A CD  1 
ATOM 288  O OE1 . GLU A 1 35  ? -4.254  -5.641  -7.250  1.00 76.57  ? 35  GLU A OE1 1 
ATOM 289  O OE2 . GLU A 1 35  ? -5.967  -5.024  -8.494  1.00 77.29  ? 35  GLU A OE2 1 
ATOM 290  N N   . HIS A 1 36  ? -8.586  -6.091  -5.047  1.00 73.43  ? 36  HIS A N   1 
ATOM 291  C CA  . HIS A 1 36  ? -9.905  -5.714  -5.519  1.00 74.91  ? 36  HIS A CA  1 
ATOM 292  C C   . HIS A 1 36  ? -10.429 -4.432  -4.887  1.00 73.97  ? 36  HIS A C   1 
ATOM 293  O O   . HIS A 1 36  ? -10.734 -3.485  -5.603  1.00 74.35  ? 36  HIS A O   1 
ATOM 294  C CB  . HIS A 1 36  ? -10.875 -6.853  -5.217  1.00 76.29  ? 36  HIS A CB  1 
ATOM 295  C CG  . HIS A 1 36  ? -11.984 -6.985  -6.211  1.00 82.20  ? 36  HIS A CG  1 
ATOM 296  N ND1 . HIS A 1 36  ? -11.994 -7.963  -7.191  1.00 86.64  ? 36  HIS A ND1 1 
ATOM 297  C CD2 . HIS A 1 36  ? -13.125 -6.267  -6.378  1.00 86.70  ? 36  HIS A CD2 1 
ATOM 298  C CE1 . HIS A 1 36  ? -13.095 -7.843  -7.918  1.00 88.67  ? 36  HIS A CE1 1 
ATOM 299  N NE2 . HIS A 1 36  ? -13.798 -6.822  -7.447  1.00 89.73  ? 36  HIS A NE2 1 
ATOM 300  N N   . LEU A 1 37  ? -10.537 -4.413  -3.557  1.00 72.87  ? 37  LEU A N   1 
ATOM 301  C CA  . LEU A 1 37  ? -10.948 -3.219  -2.810  1.00 71.52  ? 37  LEU A CA  1 
ATOM 302  C C   . LEU A 1 37  ? -10.091 -2.009  -3.152  1.00 71.23  ? 37  LEU A C   1 
ATOM 303  O O   . LEU A 1 37  ? -10.544 -1.097  -3.837  1.00 71.19  ? 37  LEU A O   1 
ATOM 304  C CB  . LEU A 1 37  ? -10.902 -3.471  -1.301  1.00 71.05  ? 37  LEU A CB  1 
ATOM 305  C CG  . LEU A 1 37  ? -11.885 -4.471  -0.714  1.00 69.38  ? 37  LEU A CG  1 
ATOM 306  C CD1 . LEU A 1 37  ? -12.113 -4.046  0.702   1.00 67.95  ? 37  LEU A CD1 1 
ATOM 307  C CD2 . LEU A 1 37  ? -13.205 -4.548  -1.488  1.00 66.77  ? 37  LEU A CD2 1 
ATOM 308  N N   . SER A 1 38  ? -8.854  -2.010  -2.673  1.00 70.94  ? 38  SER A N   1 
ATOM 309  C CA  . SER A 1 38  ? -7.892  -0.957  -2.975  1.00 70.71  ? 38  SER A CA  1 
ATOM 310  C C   . SER A 1 38  ? -7.975  -0.447  -4.410  1.00 70.27  ? 38  SER A C   1 
ATOM 311  O O   . SER A 1 38  ? -7.886  0.756   -4.646  1.00 70.10  ? 38  SER A O   1 
ATOM 312  C CB  . SER A 1 38  ? -6.475  -1.449  -2.684  1.00 70.99  ? 38  SER A CB  1 
ATOM 313  O OG  . SER A 1 38  ? -5.518  -0.785  -3.500  1.00 72.05  ? 38  SER A OG  1 
ATOM 314  N N   . LYS A 1 39  ? -8.144  -1.365  -5.358  1.00 69.97  ? 39  LYS A N   1 
ATOM 315  C CA  . LYS A 1 39  ? -8.128  -1.027  -6.775  1.00 69.92  ? 39  LYS A CA  1 
ATOM 316  C C   . LYS A 1 39  ? -9.221  -0.043  -7.120  1.00 69.21  ? 39  LYS A C   1 
ATOM 317  O O   . LYS A 1 39  ? -9.065  0.812   -7.987  1.00 69.46  ? 39  LYS A O   1 
ATOM 318  C CB  . LYS A 1 39  ? -8.277  -2.285  -7.618  1.00 70.29  ? 39  LYS A CB  1 
ATOM 319  C CG  . LYS A 1 39  ? -8.442  -2.029  -9.104  1.00 72.86  ? 39  LYS A CG  1 
ATOM 320  C CD  . LYS A 1 39  ? -7.190  -1.433  -9.777  1.00 76.54  ? 39  LYS A CD  1 
ATOM 321  C CE  . LYS A 1 39  ? -7.643  -0.557  -10.970 1.00 79.30  ? 39  LYS A CE  1 
ATOM 322  N NZ  . LYS A 1 39  ? -6.850  -0.702  -12.242 1.00 81.27  ? 39  LYS A NZ  1 
ATOM 323  N N   . GLU A 1 40  ? -10.322 -0.155  -6.410  1.00 68.41  ? 40  GLU A N   1 
ATOM 324  C CA  . GLU A 1 40  ? -11.438 0.708   -6.641  1.00 68.02  ? 40  GLU A CA  1 
ATOM 325  C C   . GLU A 1 40  ? -11.331 2.086   -5.973  1.00 66.66  ? 40  GLU A C   1 
ATOM 326  O O   . GLU A 1 40  ? -11.740 3.082   -6.551  1.00 66.67  ? 40  GLU A O   1 
ATOM 327  C CB  . GLU A 1 40  ? -12.671 0.008   -6.188  1.00 68.63  ? 40  GLU A CB  1 
ATOM 328  C CG  . GLU A 1 40  ? -13.721 0.046   -7.215  1.00 73.25  ? 40  GLU A CG  1 
ATOM 329  C CD  . GLU A 1 40  ? -15.073 0.177   -6.574  1.00 80.40  ? 40  GLU A CD  1 
ATOM 330  O OE1 . GLU A 1 40  ? -15.143 0.081   -5.310  1.00 83.13  ? 40  GLU A OE1 1 
ATOM 331  O OE2 . GLU A 1 40  ? -16.057 0.383   -7.333  1.00 83.41  ? 40  GLU A OE2 1 
ATOM 332  N N   . ALA A 1 41  ? -10.790 2.154   -4.762  1.00 65.16  ? 41  ALA A N   1 
ATOM 333  C CA  . ALA A 1 41  ? -10.428 3.445   -4.174  1.00 63.52  ? 41  ALA A CA  1 
ATOM 334  C C   . ALA A 1 41  ? -9.514  4.197   -5.127  1.00 62.58  ? 41  ALA A C   1 
ATOM 335  O O   . ALA A 1 41  ? -9.546  5.415   -5.235  1.00 62.24  ? 41  ALA A O   1 
ATOM 336  C CB  . ALA A 1 41  ? -9.728  3.244   -2.859  1.00 63.36  ? 41  ALA A CB  1 
ATOM 337  N N   . GLN A 1 42  ? -8.700  3.440   -5.833  1.00 61.77  ? 42  GLN A N   1 
ATOM 338  C CA  . GLN A 1 42  ? -7.649  4.008   -6.621  1.00 61.14  ? 42  GLN A CA  1 
ATOM 339  C C   . GLN A 1 42  ? -8.221  4.485   -7.904  1.00 60.18  ? 42  GLN A C   1 
ATOM 340  O O   . GLN A 1 42  ? -7.848  5.531   -8.419  1.00 59.76  ? 42  GLN A O   1 
ATOM 341  C CB  . GLN A 1 42  ? -6.631  2.938   -6.900  1.00 61.53  ? 42  GLN A CB  1 
ATOM 342  C CG  . GLN A 1 42  ? -5.269  3.470   -7.194  1.00 63.17  ? 42  GLN A CG  1 
ATOM 343  C CD  . GLN A 1 42  ? -4.510  2.521   -8.077  1.00 65.66  ? 42  GLN A CD  1 
ATOM 344  O OE1 . GLN A 1 42  ? -4.827  1.328   -8.149  1.00 67.10  ? 42  GLN A OE1 1 
ATOM 345  N NE2 . GLN A 1 42  ? -3.518  3.042   -8.779  1.00 66.64  ? 42  GLN A NE2 1 
ATOM 346  N N   . ILE A 1 43  ? -9.142  3.692   -8.413  1.00 59.57  ? 43  ILE A N   1 
ATOM 347  C CA  . ILE A 1 43  ? -9.833  4.037   -9.621  1.00 59.48  ? 43  ILE A CA  1 
ATOM 348  C C   . ILE A 1 43  ? -10.694 5.291   -9.413  1.00 59.10  ? 43  ILE A C   1 
ATOM 349  O O   . ILE A 1 43  ? -10.885 6.080   -10.319 1.00 58.74  ? 43  ILE A O   1 
ATOM 350  C CB  . ILE A 1 43  ? -10.590 2.803   -10.195 1.00 59.48  ? 43  ILE A CB  1 
ATOM 351  C CG1 . ILE A 1 43  ? -10.722 2.920   -11.705 1.00 60.78  ? 43  ILE A CG1 1 
ATOM 352  C CG2 . ILE A 1 43  ? -11.951 2.594   -9.568  1.00 59.45  ? 43  ILE A CG2 1 
ATOM 353  C CD1 . ILE A 1 43  ? -10.874 1.578   -12.398 1.00 63.11  ? 43  ILE A CD1 1 
ATOM 354  N N   . LYS A 1 44  ? -11.172 5.505   -8.200  1.00 59.07  ? 44  LYS A N   1 
ATOM 355  C CA  . LYS A 1 44  ? -12.040 6.648   -7.951  1.00 59.11  ? 44  LYS A CA  1 
ATOM 356  C C   . LYS A 1 44  ? -11.254 7.948   -7.780  1.00 57.99  ? 44  LYS A C   1 
ATOM 357  O O   . LYS A 1 44  ? -11.564 8.951   -8.419  1.00 57.98  ? 44  LYS A O   1 
ATOM 358  C CB  . LYS A 1 44  ? -12.923 6.388   -6.734  1.00 60.31  ? 44  LYS A CB  1 
ATOM 359  C CG  . LYS A 1 44  ? -13.868 7.530   -6.401  1.00 62.35  ? 44  LYS A CG  1 
ATOM 360  C CD  . LYS A 1 44  ? -15.056 7.590   -7.381  1.00 67.78  ? 44  LYS A CD  1 
ATOM 361  C CE  . LYS A 1 44  ? -16.002 8.789   -7.068  1.00 68.41  ? 44  LYS A CE  1 
ATOM 362  N NZ  . LYS A 1 44  ? -16.548 9.474   -8.320  1.00 72.73  ? 44  LYS A NZ  1 
ATOM 363  N N   . LEU A 1 45  ? -10.250 7.911   -6.905  1.00 56.50  ? 45  LEU A N   1 
ATOM 364  C CA  . LEU A 1 45  ? -9.318  9.007   -6.687  1.00 54.78  ? 45  LEU A CA  1 
ATOM 365  C C   . LEU A 1 45  ? -8.708  9.474   -7.983  1.00 54.57  ? 45  LEU A C   1 
ATOM 366  O O   . LEU A 1 45  ? -7.877  10.374  -8.000  1.00 54.76  ? 45  LEU A O   1 
ATOM 367  C CB  . LEU A 1 45  ? -8.206  8.542   -5.781  1.00 54.01  ? 45  LEU A CB  1 
ATOM 368  C CG  . LEU A 1 45  ? -8.608  8.589   -4.341  1.00 52.39  ? 45  LEU A CG  1 
ATOM 369  C CD1 . LEU A 1 45  ? -7.607  7.874   -3.531  1.00 51.41  ? 45  LEU A CD1 1 
ATOM 370  C CD2 . LEU A 1 45  ? -8.626  10.016  -3.979  1.00 53.07  ? 45  LEU A CD2 1 
ATOM 371  N N   . GLN A 1 46  ? -9.124  8.836   -9.061  1.00 53.95  ? 46  GLN A N   1 
ATOM 372  C CA  . GLN A 1 46  ? -8.692  9.150   -10.386 1.00 54.09  ? 46  GLN A CA  1 
ATOM 373  C C   . GLN A 1 46  ? -9.152  10.535  -10.824 1.00 53.19  ? 46  GLN A C   1 
ATOM 374  O O   . GLN A 1 46  ? -8.396  11.330  -11.373 1.00 52.45  ? 46  GLN A O   1 
ATOM 375  C CB  . GLN A 1 46  ? -9.335  8.106   -11.274 1.00 54.95  ? 46  GLN A CB  1 
ATOM 376  C CG  . GLN A 1 46  ? -8.553  7.726   -12.535 1.00 59.22  ? 46  GLN A CG  1 
ATOM 377  C CD  . GLN A 1 46  ? -7.076  7.480   -12.263 1.00 63.16  ? 46  GLN A CD  1 
ATOM 378  O OE1 . GLN A 1 46  ? -6.701  6.858   -11.252 1.00 64.84  ? 46  GLN A OE1 1 
ATOM 379  N NE2 . GLN A 1 46  ? -6.225  7.986   -13.159 1.00 63.93  ? 46  GLN A NE2 1 
ATOM 380  N N   . ILE A 1 47  ? -10.425 10.776  -10.560 1.00 53.03  ? 47  ILE A N   1 
ATOM 381  C CA  . ILE A 1 47  ? -11.172 12.005  -10.843 1.00 52.71  ? 47  ILE A CA  1 
ATOM 382  C C   . ILE A 1 47  ? -10.498 13.348  -10.550 1.00 52.18  ? 47  ILE A C   1 
ATOM 383  O O   . ILE A 1 47  ? -10.728 14.316  -11.259 1.00 51.96  ? 47  ILE A O   1 
ATOM 384  C CB  . ILE A 1 47  ? -12.538 11.958  -10.080 1.00 52.94  ? 47  ILE A CB  1 
ATOM 385  C CG1 . ILE A 1 47  ? -13.588 12.793  -10.798 1.00 53.55  ? 47  ILE A CG1 1 
ATOM 386  C CG2 . ILE A 1 47  ? -12.386 12.357  -8.595  1.00 52.94  ? 47  ILE A CG2 1 
ATOM 387  C CD1 . ILE A 1 47  ? -13.708 12.446  -12.275 1.00 54.99  ? 47  ILE A CD1 1 
ATOM 388  N N   . ILE A 1 48  ? -9.691  13.415  -9.500  1.00 51.78  ? 48  ILE A N   1 
ATOM 389  C CA  . ILE A 1 48  ? -9.045  14.662  -9.131  1.00 51.49  ? 48  ILE A CA  1 
ATOM 390  C C   . ILE A 1 48  ? -8.331  15.298  -10.335 1.00 52.01  ? 48  ILE A C   1 
ATOM 391  O O   . ILE A 1 48  ? -8.010  16.469  -10.327 1.00 51.62  ? 48  ILE A O   1 
ATOM 392  C CB  . ILE A 1 48  ? -8.085  14.477  -7.942  1.00 51.10  ? 48  ILE A CB  1 
ATOM 393  C CG1 . ILE A 1 48  ? -6.895  13.608  -8.340  1.00 51.60  ? 48  ILE A CG1 1 
ATOM 394  C CG2 . ILE A 1 48  ? -8.790  13.812  -6.813  1.00 49.82  ? 48  ILE A CG2 1 
ATOM 395  C CD1 . ILE A 1 48  ? -5.694  13.786  -7.457  1.00 52.34  ? 48  ILE A CD1 1 
ATOM 396  N N   . HIS A 1 49  ? -8.094  14.530  -11.385 1.00 53.10  ? 49  HIS A N   1 
ATOM 397  C CA  . HIS A 1 49  ? -7.376  15.083  -12.523 1.00 54.33  ? 49  HIS A CA  1 
ATOM 398  C C   . HIS A 1 49  ? -8.305  15.803  -13.472 1.00 55.06  ? 49  HIS A C   1 
ATOM 399  O O   . HIS A 1 49  ? -7.921  16.804  -14.087 1.00 55.71  ? 49  HIS A O   1 
ATOM 400  C CB  . HIS A 1 49  ? -6.558  14.020  -13.257 1.00 54.24  ? 49  HIS A CB  1 
ATOM 401  C CG  . HIS A 1 49  ? -5.381  13.531  -12.472 1.00 55.28  ? 49  HIS A CG  1 
ATOM 402  N ND1 . HIS A 1 49  ? -4.432  14.382  -11.947 1.00 55.89  ? 49  HIS A ND1 1 
ATOM 403  C CD2 . HIS A 1 49  ? -5.009  12.284  -12.103 1.00 56.76  ? 49  HIS A CD2 1 
ATOM 404  C CE1 . HIS A 1 49  ? -3.530  13.679  -11.284 1.00 56.44  ? 49  HIS A CE1 1 
ATOM 405  N NE2 . HIS A 1 49  ? -3.853  12.402  -11.370 1.00 56.99  ? 49  HIS A NE2 1 
ATOM 406  N N   . SER A 1 50  ? -9.527  15.304  -13.601 1.00 55.56  ? 50  SER A N   1 
ATOM 407  C CA  . SER A 1 50  ? -10.485 15.950  -14.493 1.00 55.72  ? 50  SER A CA  1 
ATOM 408  C C   . SER A 1 50  ? -11.456 16.905  -13.780 1.00 55.66  ? 50  SER A C   1 
ATOM 409  O O   . SER A 1 50  ? -11.948 17.845  -14.401 1.00 56.05  ? 50  SER A O   1 
ATOM 410  C CB  . SER A 1 50  ? -11.231 14.918  -15.354 1.00 55.88  ? 50  SER A CB  1 
ATOM 411  O OG  . SER A 1 50  ? -11.992 14.000  -14.577 1.00 56.13  ? 50  SER A OG  1 
ATOM 412  N N   . ASP A 1 51  ? -11.722 16.694  -12.489 1.00 55.22  ? 51  ASP A N   1 
ATOM 413  C CA  . ASP A 1 51  ? -12.827 17.413  -11.839 1.00 54.58  ? 51  ASP A CA  1 
ATOM 414  C C   . ASP A 1 51  ? -12.620 17.716  -10.365 1.00 53.88  ? 51  ASP A C   1 
ATOM 415  O O   . ASP A 1 51  ? -13.094 16.980  -9.486  1.00 53.57  ? 51  ASP A O   1 
ATOM 416  C CB  . ASP A 1 51  ? -14.147 16.662  -12.054 1.00 54.66  ? 51  ASP A CB  1 
ATOM 417  C CG  . ASP A 1 51  ? -15.311 17.253  -11.265 1.00 55.49  ? 51  ASP A CG  1 
ATOM 418  O OD1 . ASP A 1 51  ? -15.114 18.182  -10.443 1.00 56.66  ? 51  ASP A OD1 1 
ATOM 419  O OD2 . ASP A 1 51  ? -16.444 16.763  -11.467 1.00 56.97  ? 51  ASP A OD2 1 
ATOM 420  N N   . LEU A 1 52  ? -11.958 18.837  -10.111 1.00 52.89  ? 52  LEU A N   1 
ATOM 421  C CA  . LEU A 1 52  ? -11.661 19.258  -8.759  1.00 52.14  ? 52  LEU A CA  1 
ATOM 422  C C   . LEU A 1 52  ? -12.764 19.192  -7.707  1.00 52.15  ? 52  LEU A C   1 
ATOM 423  O O   . LEU A 1 52  ? -12.478 18.834  -6.587  1.00 52.24  ? 52  LEU A O   1 
ATOM 424  C CB  . LEU A 1 52  ? -11.076 20.639  -8.796  1.00 52.04  ? 52  LEU A CB  1 
ATOM 425  C CG  . LEU A 1 52  ? -9.748  20.548  -9.493  1.00 51.24  ? 52  LEU A CG  1 
ATOM 426  C CD1 . LEU A 1 52  ? -9.147  21.909  -9.590  1.00 51.90  ? 52  LEU A CD1 1 
ATOM 427  C CD2 . LEU A 1 52  ? -8.909  19.697  -8.622  1.00 51.73  ? 52  LEU A CD2 1 
ATOM 428  N N   . SER A 1 53  ? -14.006 19.539  -8.043  1.00 52.23  ? 53  SER A N   1 
ATOM 429  C CA  . SER A 1 53  ? -15.124 19.514  -7.069  1.00 52.41  ? 53  SER A CA  1 
ATOM 430  C C   . SER A 1 53  ? -15.205 18.207  -6.275  1.00 52.87  ? 53  SER A C   1 
ATOM 431  O O   . SER A 1 53  ? -15.459 18.174  -5.038  1.00 52.95  ? 53  SER A O   1 
ATOM 432  C CB  . SER A 1 53  ? -16.447 19.644  -7.812  1.00 52.32  ? 53  SER A CB  1 
ATOM 433  O OG  . SER A 1 53  ? -16.888 18.354  -8.222  1.00 51.70  ? 53  SER A OG  1 
ATOM 434  N N   . GLN A 1 54  ? -15.005 17.142  -7.049  1.00 53.00  ? 54  GLN A N   1 
ATOM 435  C CA  . GLN A 1 54  ? -15.192 15.751  -6.680  1.00 53.21  ? 54  GLN A CA  1 
ATOM 436  C C   . GLN A 1 54  ? -14.216 15.169  -5.655  1.00 52.76  ? 54  GLN A C   1 
ATOM 437  O O   . GLN A 1 54  ? -14.515 14.155  -5.020  1.00 52.73  ? 54  GLN A O   1 
ATOM 438  C CB  . GLN A 1 54  ? -15.062 14.951  -7.958  1.00 53.72  ? 54  GLN A CB  1 
ATOM 439  C CG  . GLN A 1 54  ? -16.257 15.064  -8.813  1.00 55.59  ? 54  GLN A CG  1 
ATOM 440  C CD  . GLN A 1 54  ? -17.379 14.309  -8.212  1.00 58.36  ? 54  GLN A CD  1 
ATOM 441  O OE1 . GLN A 1 54  ? -17.348 13.069  -8.164  1.00 59.98  ? 54  GLN A OE1 1 
ATOM 442  N NE2 . GLN A 1 54  ? -18.374 15.034  -7.708  1.00 59.12  ? 54  GLN A NE2 1 
ATOM 443  N N   . ILE A 1 55  ? -13.044 15.791  -5.536  1.00 52.05  ? 55  ILE A N   1 
ATOM 444  C CA  . ILE A 1 55  ? -12.047 15.455  -4.527  1.00 51.44  ? 55  ILE A CA  1 
ATOM 445  C C   . ILE A 1 55  ? -12.645 14.955  -3.229  1.00 51.39  ? 55  ILE A C   1 
ATOM 446  O O   . ILE A 1 55  ? -12.392 13.828  -2.818  1.00 51.62  ? 55  ILE A O   1 
ATOM 447  C CB  . ILE A 1 55  ? -11.176 16.667  -4.200  1.00 51.17  ? 55  ILE A CB  1 
ATOM 448  C CG1 . ILE A 1 55  ? -10.273 16.990  -5.403  1.00 51.59  ? 55  ILE A CG1 1 
ATOM 449  C CG2 . ILE A 1 55  ? -10.372 16.409  -2.923  1.00 50.52  ? 55  ILE A CG2 1 
ATOM 450  C CD1 . ILE A 1 55  ? -9.330  18.196  -5.228  1.00 51.78  ? 55  ILE A CD1 1 
ATOM 451  N N   . SER A 1 56  ? -13.444 15.807  -2.598  1.00 51.32  ? 56  SER A N   1 
ATOM 452  C CA  . SER A 1 56  ? -14.054 15.518  -1.316  1.00 51.04  ? 56  SER A CA  1 
ATOM 453  C C   . SER A 1 56  ? -14.704 14.175  -1.238  1.00 50.32  ? 56  SER A C   1 
ATOM 454  O O   . SER A 1 56  ? -14.484 13.456  -0.294  1.00 50.30  ? 56  SER A O   1 
ATOM 455  C CB  . SER A 1 56  ? -15.093 16.571  -0.998  1.00 51.60  ? 56  SER A CB  1 
ATOM 456  O OG  . SER A 1 56  ? -14.654 17.338  0.107   1.00 53.48  ? 56  SER A OG  1 
ATOM 457  N N   . ALA A 1 57  ? -15.516 13.846  -2.223  1.00 50.03  ? 57  ALA A N   1 
ATOM 458  C CA  . ALA A 1 57  ? -16.190 12.565  -2.236  1.00 50.05  ? 57  ALA A CA  1 
ATOM 459  C C   . ALA A 1 57  ? -15.231 11.426  -2.507  1.00 49.98  ? 57  ALA A C   1 
ATOM 460  O O   . ALA A 1 57  ? -15.321 10.375  -1.887  1.00 49.94  ? 57  ALA A O   1 
ATOM 461  C CB  . ALA A 1 57  ? -17.252 12.572  -3.269  1.00 50.66  ? 57  ALA A CB  1 
ATOM 462  N N   . ALA A 1 58  ? -14.320 11.628  -3.451  1.00 50.13  ? 58  ALA A N   1 
ATOM 463  C CA  . ALA A 1 58  ? -13.319 10.604  -3.767  1.00 50.09  ? 58  ALA A CA  1 
ATOM 464  C C   . ALA A 1 58  ? -12.524 10.248  -2.528  1.00 49.71  ? 58  ALA A C   1 
ATOM 465  O O   . ALA A 1 58  ? -12.364 9.068   -2.240  1.00 49.86  ? 58  ALA A O   1 
ATOM 466  C CB  . ALA A 1 58  ? -12.398 11.035  -4.912  1.00 50.30  ? 58  ALA A CB  1 
ATOM 467  N N   . CYS A 1 59  ? -12.063 11.261  -1.794  1.00 49.22  ? 59  CYS A N   1 
ATOM 468  C CA  . CYS A 1 59  ? -11.476 11.061  -0.475  1.00 49.19  ? 59  CYS A CA  1 
ATOM 469  C C   . CYS A 1 59  ? -12.379 10.291  0.464   1.00 48.86  ? 59  CYS A C   1 
ATOM 470  O O   . CYS A 1 59  ? -11.927 9.380   1.148   1.00 49.29  ? 59  CYS A O   1 
ATOM 471  C CB  . CYS A 1 59  ? -11.131 12.380  0.189   1.00 49.07  ? 59  CYS A CB  1 
ATOM 472  S SG  . CYS A 1 59  ? -9.532  13.040  -0.261  1.00 51.53  ? 59  CYS A SG  1 
ATOM 473  N N   . GLY A 1 60  ? -13.651 10.645  0.514   1.00 48.60  ? 60  GLY A N   1 
ATOM 474  C CA  . GLY A 1 60  ? -14.557 9.966   1.424   1.00 48.88  ? 60  GLY A CA  1 
ATOM 475  C C   . GLY A 1 60  ? -14.571 8.476   1.156   1.00 49.27  ? 60  GLY A C   1 
ATOM 476  O O   . GLY A 1 60  ? -14.544 7.666   2.090   1.00 49.18  ? 60  GLY A O   1 
ATOM 477  N N   . LEU A 1 61  ? -14.590 8.130   -0.136  1.00 49.71  ? 61  LEU A N   1 
ATOM 478  C CA  . LEU A 1 61  ? -14.712 6.755   -0.613  1.00 50.10  ? 61  LEU A CA  1 
ATOM 479  C C   . LEU A 1 61  ? -13.472 5.926   -0.323  1.00 50.05  ? 61  LEU A C   1 
ATOM 480  O O   . LEU A 1 61  ? -13.548 4.863   0.308   1.00 49.76  ? 61  LEU A O   1 
ATOM 481  C CB  . LEU A 1 61  ? -14.940 6.760   -2.112  1.00 50.21  ? 61  LEU A CB  1 
ATOM 482  C CG  . LEU A 1 61  ? -15.569 5.482   -2.670  1.00 51.90  ? 61  LEU A CG  1 
ATOM 483  C CD1 . LEU A 1 61  ? -15.182 5.284   -4.137  1.00 53.63  ? 61  LEU A CD1 1 
ATOM 484  C CD2 . LEU A 1 61  ? -15.248 4.202   -1.866  1.00 53.01  ? 61  LEU A CD2 1 
ATOM 485  N N   . ALA A 1 62  ? -12.345 6.410   -0.837  1.00 50.23  ? 62  ALA A N   1 
ATOM 486  C CA  . ALA A 1 62  ? -11.021 5.914   -0.471  1.00 50.82  ? 62  ALA A CA  1 
ATOM 487  C C   . ALA A 1 62  ? -10.948 5.583   1.014   1.00 51.23  ? 62  ALA A C   1 
ATOM 488  O O   . ALA A 1 62  ? -10.598 4.453   1.406   1.00 51.61  ? 62  ALA A O   1 
ATOM 489  C CB  . ALA A 1 62  ? -9.947  6.949   -0.820  1.00 50.61  ? 62  ALA A CB  1 
ATOM 490  N N   . ARG A 1 63  ? -11.292 6.570   1.832   1.00 51.34  ? 63  ARG A N   1 
ATOM 491  C CA  . ARG A 1 63  ? -11.194 6.417   3.256   1.00 51.80  ? 63  ARG A CA  1 
ATOM 492  C C   . ARG A 1 63  ? -12.108 5.302   3.779   1.00 53.13  ? 63  ARG A C   1 
ATOM 493  O O   . ARG A 1 63  ? -11.861 4.756   4.863   1.00 53.14  ? 63  ARG A O   1 
ATOM 494  C CB  . ARG A 1 63  ? -11.461 7.748   3.929   1.00 51.22  ? 63  ARG A CB  1 
ATOM 495  C CG  . ARG A 1 63  ? -10.841 7.869   5.279   1.00 49.81  ? 63  ARG A CG  1 
ATOM 496  C CD  . ARG A 1 63  ? -10.811 9.290   5.668   1.00 47.31  ? 63  ARG A CD  1 
ATOM 497  N NE  . ARG A 1 63  ? -10.056 9.472   6.890   1.00 46.60  ? 63  ARG A NE  1 
ATOM 498  C CZ  . ARG A 1 63  ? -9.167  10.441  7.007   1.00 46.88  ? 63  ARG A CZ  1 
ATOM 499  N NH1 . ARG A 1 63  ? -8.966  11.225  5.965   1.00 47.14  ? 63  ARG A NH1 1 
ATOM 500  N NH2 . ARG A 1 63  ? -8.463  10.617  8.116   1.00 46.86  ? 63  ARG A NH2 1 
ATOM 501  N N   . LYS A 1 64  ? -13.142 4.958   3.001   1.00 54.68  ? 64  LYS A N   1 
ATOM 502  C CA  . LYS A 1 64  ? -14.079 3.899   3.376   1.00 56.50  ? 64  LYS A CA  1 
ATOM 503  C C   . LYS A 1 64  ? -13.420 2.568   3.158   1.00 56.33  ? 64  LYS A C   1 
ATOM 504  O O   . LYS A 1 64  ? -13.328 1.768   4.100   1.00 56.29  ? 64  LYS A O   1 
ATOM 505  C CB  . LYS A 1 64  ? -15.356 3.966   2.549   1.00 56.86  ? 64  LYS A CB  1 
ATOM 506  C CG  . LYS A 1 64  ? -16.271 2.757   2.778   1.00 59.21  ? 64  LYS A CG  1 
ATOM 507  C CD  . LYS A 1 64  ? -17.532 2.772   1.873   1.00 59.05  ? 64  LYS A CD  1 
ATOM 508  C CE  . LYS A 1 64  ? -18.712 1.970   2.512   1.00 61.51  ? 64  LYS A CE  1 
ATOM 509  N NZ  . LYS A 1 64  ? -20.093 2.351   2.008   1.00 62.17  ? 64  LYS A NZ  1 
ATOM 510  N N   . GLN A 1 65  ? -12.981 2.357   1.904   1.00 56.61  ? 65  GLN A N   1 
ATOM 511  C CA  . GLN A 1 65  ? -12.185 1.197   1.452   1.00 56.70  ? 65  GLN A CA  1 
ATOM 512  C C   . GLN A 1 65  ? -11.039 0.911   2.366   1.00 56.74  ? 65  GLN A C   1 
ATOM 513  O O   . GLN A 1 65  ? -10.860 -0.212  2.837   1.00 56.63  ? 65  GLN A O   1 
ATOM 514  C CB  . GLN A 1 65  ? -11.576 1.462   0.087   1.00 56.35  ? 65  GLN A CB  1 
ATOM 515  C CG  . GLN A 1 65  ? -12.568 1.694   -0.983  1.00 57.96  ? 65  GLN A CG  1 
ATOM 516  C CD  . GLN A 1 65  ? -13.729 0.729   -0.897  1.00 60.87  ? 65  GLN A CD  1 
ATOM 517  O OE1 . GLN A 1 65  ? -14.374 0.593   0.168   1.00 61.05  ? 65  GLN A OE1 1 
ATOM 518  N NE2 . GLN A 1 65  ? -14.025 0.054   -2.025  1.00 61.35  ? 65  GLN A NE2 1 
ATOM 519  N N   . VAL A 1 66  ? -10.252 1.950   2.604   1.00 56.97  ? 66  VAL A N   1 
ATOM 520  C CA  . VAL A 1 66  ? -9.079  1.809   3.418   1.00 57.46  ? 66  VAL A CA  1 
ATOM 521  C C   . VAL A 1 66  ? -9.375  1.023   4.693   1.00 58.54  ? 66  VAL A C   1 
ATOM 522  O O   . VAL A 1 66  ? -8.531  0.265   5.152   1.00 59.08  ? 66  VAL A O   1 
ATOM 523  C CB  . VAL A 1 66  ? -8.375  3.160   3.668   1.00 57.07  ? 66  VAL A CB  1 
ATOM 524  C CG1 . VAL A 1 66  ? -7.492  3.124   4.929   1.00 56.54  ? 66  VAL A CG1 1 
ATOM 525  C CG2 . VAL A 1 66  ? -7.562  3.526   2.461   1.00 55.84  ? 66  VAL A CG2 1 
ATOM 526  N N   . GLU A 1 67  ? -10.566 1.148   5.254   1.00 59.53  ? 67  GLU A N   1 
ATOM 527  C CA  . GLU A 1 67  ? -10.777 0.460   6.516   1.00 61.32  ? 67  GLU A CA  1 
ATOM 528  C C   . GLU A 1 67  ? -11.671 -0.724  6.327   1.00 60.87  ? 67  GLU A C   1 
ATOM 529  O O   . GLU A 1 67  ? -11.811 -1.578  7.211   1.00 60.87  ? 67  GLU A O   1 
ATOM 530  C CB  . GLU A 1 67  ? -11.295 1.387   7.608   1.00 62.19  ? 67  GLU A CB  1 
ATOM 531  C CG  . GLU A 1 67  ? -12.553 2.142   7.211   1.00 67.78  ? 67  GLU A CG  1 
ATOM 532  C CD  . GLU A 1 67  ? -13.622 2.139   8.312   1.00 74.07  ? 67  GLU A CD  1 
ATOM 533  O OE1 . GLU A 1 67  ? -13.254 2.121   9.529   1.00 76.36  ? 67  GLU A OE1 1 
ATOM 534  O OE2 . GLU A 1 67  ? -14.831 2.149   7.938   1.00 75.62  ? 67  GLU A OE2 1 
ATOM 535  N N   . LEU A 1 68  ? -12.267 -0.772  5.152   1.00 60.90  ? 68  LEU A N   1 
ATOM 536  C CA  . LEU A 1 68  ? -12.952 -1.961  4.723   1.00 61.39  ? 68  LEU A CA  1 
ATOM 537  C C   . LEU A 1 68  ? -11.899 -3.063  4.469   1.00 61.99  ? 68  LEU A C   1 
ATOM 538  O O   . LEU A 1 68  ? -12.220 -4.261  4.333   1.00 62.62  ? 68  LEU A O   1 
ATOM 539  C CB  . LEU A 1 68  ? -13.755 -1.639  3.471   1.00 60.97  ? 68  LEU A CB  1 
ATOM 540  C CG  . LEU A 1 68  ? -14.662 -2.680  2.841   1.00 60.71  ? 68  LEU A CG  1 
ATOM 541  C CD1 . LEU A 1 68  ? -15.422 -3.517  3.868   1.00 59.89  ? 68  LEU A CD1 1 
ATOM 542  C CD2 . LEU A 1 68  ? -15.604 -1.943  1.918   1.00 62.20  ? 68  LEU A CD2 1 
ATOM 543  N N   . CYS A 1 69  ? -10.633 -2.665  4.424   1.00 61.98  ? 69  CYS A N   1 
ATOM 544  C CA  . CYS A 1 69  ? -9.601  -3.617  4.118   1.00 61.61  ? 69  CYS A CA  1 
ATOM 545  C C   . CYS A 1 69  ? -8.433  -3.473  5.044   1.00 62.15  ? 69  CYS A C   1 
ATOM 546  O O   . CYS A 1 69  ? -7.320  -3.764  4.697   1.00 61.71  ? 69  CYS A O   1 
ATOM 547  C CB  . CYS A 1 69  ? -9.236  -3.556  2.623   1.00 61.80  ? 69  CYS A CB  1 
ATOM 548  S SG  . CYS A 1 69  ? -8.176  -2.266  1.954   1.00 59.15  ? 69  CYS A SG  1 
ATOM 549  N N   . ALA A 1 70  ? -8.715  -3.003  6.244   1.00 63.52  ? 70  ALA A N   1 
ATOM 550  C CA  . ALA A 1 70  ? -7.749  -3.034  7.329   1.00 65.01  ? 70  ALA A CA  1 
ATOM 551  C C   . ALA A 1 70  ? -8.219  -4.229  8.105   1.00 66.10  ? 70  ALA A C   1 
ATOM 552  O O   . ALA A 1 70  ? -7.572  -4.689  9.057   1.00 66.26  ? 70  ALA A O   1 
ATOM 553  C CB  . ALA A 1 70  ? -7.827  -1.780  8.172   1.00 64.66  ? 70  ALA A CB  1 
ATOM 554  N N   . GLN A 1 71  ? -9.373  -4.719  7.664   1.00 67.40  ? 71  GLN A N   1 
ATOM 555  C CA  . GLN A 1 71  ? -9.934  -5.947  8.160   1.00 69.11  ? 71  GLN A CA  1 
ATOM 556  C C   . GLN A 1 71  ? -9.288  -7.118  7.496   1.00 69.43  ? 71  GLN A C   1 
ATOM 557  O O   . GLN A 1 71  ? -8.985  -8.104  8.143   1.00 69.48  ? 71  GLN A O   1 
ATOM 558  C CB  . GLN A 1 71  ? -11.409 -6.000  7.838   1.00 69.60  ? 71  GLN A CB  1 
ATOM 559  C CG  . GLN A 1 71  ? -12.272 -5.911  9.057   1.00 72.62  ? 71  GLN A CG  1 
ATOM 560  C CD  . GLN A 1 71  ? -13.329 -4.829  8.908   1.00 76.19  ? 71  GLN A CD  1 
ATOM 561  O OE1 . GLN A 1 71  ? -13.918 -4.642  7.820   1.00 76.38  ? 71  GLN A OE1 1 
ATOM 562  N NE2 . GLN A 1 71  ? -13.574 -4.095  10.008  1.00 77.30  ? 71  GLN A NE2 1 
ATOM 563  N N   . LYS A 1 72  ? -9.117  -7.015  6.184   1.00 70.17  ? 72  LYS A N   1 
ATOM 564  C CA  . LYS A 1 72  ? -8.565  -8.098  5.403   1.00 70.77  ? 72  LYS A CA  1 
ATOM 565  C C   . LYS A 1 72  ? -7.155  -8.381  5.881   1.00 71.14  ? 72  LYS A C   1 
ATOM 566  O O   . LYS A 1 72  ? -6.795  -9.534  6.147   1.00 71.28  ? 72  LYS A O   1 
ATOM 567  C CB  . LYS A 1 72  ? -8.585  -7.738  3.927   1.00 70.84  ? 72  LYS A CB  1 
ATOM 568  C CG  . LYS A 1 72  ? -9.970  -7.652  3.346   1.00 72.23  ? 72  LYS A CG  1 
ATOM 569  C CD  . LYS A 1 72  ? -10.776 -8.838  3.791   1.00 75.24  ? 72  LYS A CD  1 
ATOM 570  C CE  . LYS A 1 72  ? -12.262 -8.549  3.768   1.00 78.26  ? 72  LYS A CE  1 
ATOM 571  N NZ  . LYS A 1 72  ? -13.003 -9.782  4.217   1.00 80.40  ? 72  LYS A NZ  1 
ATOM 572  N N   . TYR A 1 73  ? -6.374  -7.315  6.028   1.00 71.46  ? 73  TYR A N   1 
ATOM 573  C CA  . TYR A 1 73  ? -5.088  -7.389  6.696   1.00 71.93  ? 73  TYR A CA  1 
ATOM 574  C C   . TYR A 1 73  ? -5.194  -8.003  8.097   1.00 72.95  ? 73  TYR A C   1 
ATOM 575  O O   . TYR A 1 73  ? -4.381  -7.721  8.964   1.00 73.42  ? 73  TYR A O   1 
ATOM 576  C CB  . TYR A 1 73  ? -4.491  -5.991  6.808   1.00 71.11  ? 73  TYR A CB  1 
ATOM 577  C CG  . TYR A 1 73  ? -3.776  -5.536  5.574   1.00 70.31  ? 73  TYR A CG  1 
ATOM 578  C CD1 . TYR A 1 73  ? -4.463  -5.253  4.411   1.00 69.86  ? 73  TYR A CD1 1 
ATOM 579  C CD2 . TYR A 1 73  ? -2.407  -5.376  5.569   1.00 69.94  ? 73  TYR A CD2 1 
ATOM 580  C CE1 . TYR A 1 73  ? -3.805  -4.825  3.277   1.00 68.55  ? 73  TYR A CE1 1 
ATOM 581  C CE2 . TYR A 1 73  ? -1.744  -4.951  4.435   1.00 69.16  ? 73  TYR A CE2 1 
ATOM 582  C CZ  . TYR A 1 73  ? -2.457  -4.676  3.302   1.00 68.82  ? 73  TYR A CZ  1 
ATOM 583  O OH  . TYR A 1 73  ? -1.811  -4.252  2.186   1.00 69.91  ? 73  TYR A OH  1 
ATOM 584  N N   . GLN A 1 74  ? -6.196  -8.830  8.331   1.00 74.00  ? 74  GLN A N   1 
ATOM 585  C CA  . GLN A 1 74  ? -6.407  -9.350  9.654   1.00 75.37  ? 74  GLN A CA  1 
ATOM 586  C C   . GLN A 1 74  ? -6.727  -10.796 9.557   1.00 75.89  ? 74  GLN A C   1 
ATOM 587  O O   . GLN A 1 74  ? -6.442  -11.552 10.481  1.00 76.35  ? 74  GLN A O   1 
ATOM 588  C CB  . GLN A 1 74  ? -7.543  -8.619  10.362  1.00 75.71  ? 74  GLN A CB  1 
ATOM 589  C CG  . GLN A 1 74  ? -7.138  -7.295  10.959  1.00 78.21  ? 74  GLN A CG  1 
ATOM 590  C CD  . GLN A 1 74  ? -6.167  -7.440  12.133  1.00 81.94  ? 74  GLN A CD  1 
ATOM 591  O OE1 . GLN A 1 74  ? -5.595  -8.521  12.387  1.00 82.98  ? 74  GLN A OE1 1 
ATOM 592  N NE2 . GLN A 1 74  ? -5.973  -6.339  12.858  1.00 83.17  ? 74  GLN A NE2 1 
ATOM 593  N N   . LYS A 1 75  ? -7.364  -11.183 8.460   1.00 76.53  ? 75  LYS A N   1 
ATOM 594  C CA  . LYS A 1 75  ? -7.415  -12.582 8.136   1.00 77.31  ? 75  LYS A CA  1 
ATOM 595  C C   . LYS A 1 75  ? -5.974  -12.883 7.784   1.00 77.31  ? 75  LYS A C   1 
ATOM 596  O O   . LYS A 1 75  ? -5.293  -13.638 8.500   1.00 77.85  ? 75  LYS A O   1 
ATOM 597  C CB  . LYS A 1 75  ? -8.391  -12.873 7.000   1.00 77.52  ? 75  LYS A CB  1 
ATOM 598  C CG  . LYS A 1 75  ? -9.680  -13.525 7.512   1.00 80.21  ? 75  LYS A CG  1 
ATOM 599  C CD  . LYS A 1 75  ? -10.911 -13.185 6.651   1.00 84.76  ? 75  LYS A CD  1 
ATOM 600  C CE  . LYS A 1 75  ? -12.204 -13.208 7.507   1.00 86.81  ? 75  LYS A CE  1 
ATOM 601  N NZ  . LYS A 1 75  ? -13.219 -12.171 7.083   1.00 87.95  ? 75  LYS A NZ  1 
ATOM 602  N N   . LEU A 1 76  ? -5.482  -12.215 6.744   1.00 76.91  ? 76  LEU A N   1 
ATOM 603  C CA  . LEU A 1 76  ? -4.072  -12.287 6.373   1.00 76.14  ? 76  LEU A CA  1 
ATOM 604  C C   . LEU A 1 76  ? -3.177  -12.307 7.600   1.00 75.88  ? 76  LEU A C   1 
ATOM 605  O O   . LEU A 1 76  ? -2.264  -13.090 7.682   1.00 75.48  ? 76  LEU A O   1 
ATOM 606  C CB  . LEU A 1 76  ? -3.709  -11.094 5.504   1.00 76.02  ? 76  LEU A CB  1 
ATOM 607  C CG  . LEU A 1 76  ? -2.439  -11.205 4.682   1.00 74.88  ? 76  LEU A CG  1 
ATOM 608  C CD1 . LEU A 1 76  ? -2.763  -11.962 3.420   1.00 74.23  ? 76  LEU A CD1 1 
ATOM 609  C CD2 . LEU A 1 76  ? -1.903  -9.820  4.372   1.00 73.73  ? 76  LEU A CD2 1 
ATOM 610  N N   . ALA A 1 77  ? -3.464  -11.456 8.569   1.00 76.08  ? 77  ALA A N   1 
ATOM 611  C CA  . ALA A 1 77  ? -2.607  -11.357 9.732   1.00 76.70  ? 77  ALA A CA  1 
ATOM 612  C C   . ALA A 1 77  ? -2.412  -12.695 10.439  1.00 77.03  ? 77  ALA A C   1 
ATOM 613  O O   . ALA A 1 77  ? -1.295  -13.089 10.753  1.00 76.85  ? 77  ALA A O   1 
ATOM 614  C CB  . ALA A 1 77  ? -3.144  -10.297 10.707  1.00 76.82  ? 77  ALA A CB  1 
ATOM 615  N N   . GLU A 1 78  ? -3.505  -13.389 10.696  1.00 77.76  ? 78  GLU A N   1 
ATOM 616  C CA  . GLU A 1 78  ? -3.439  -14.567 11.521  1.00 79.00  ? 78  GLU A CA  1 
ATOM 617  C C   . GLU A 1 78  ? -3.026  -15.733 10.638  1.00 78.74  ? 78  GLU A C   1 
ATOM 618  O O   . GLU A 1 78  ? -2.568  -16.754 11.132  1.00 79.45  ? 78  GLU A O   1 
ATOM 619  C CB  . GLU A 1 78  ? -4.787  -14.833 12.185  1.00 79.09  ? 78  GLU A CB  1 
ATOM 620  C CG  . GLU A 1 78  ? -5.800  -15.490 11.231  1.00 80.64  ? 78  GLU A CG  1 
ATOM 621  C CD  . GLU A 1 78  ? -7.225  -15.483 11.750  1.00 80.89  ? 78  GLU A CD  1 
ATOM 622  O OE1 . GLU A 1 78  ? -7.413  -15.306 12.981  1.00 83.44  ? 78  GLU A OE1 1 
ATOM 623  O OE2 . GLU A 1 78  ? -8.150  -15.656 10.914  1.00 83.10  ? 78  GLU A OE2 1 
ATOM 624  N N   . LEU A 1 79  ? -3.174  -15.567 9.331   1.00 78.42  ? 79  LEU A N   1 
ATOM 625  C CA  . LEU A 1 79  ? -2.844  -16.609 8.358   1.00 78.13  ? 79  LEU A CA  1 
ATOM 626  C C   . LEU A 1 79  ? -1.329  -16.846 8.177   1.00 78.38  ? 79  LEU A C   1 
ATOM 627  O O   . LEU A 1 79  ? -0.902  -17.852 7.647   1.00 78.19  ? 79  LEU A O   1 
ATOM 628  C CB  . LEU A 1 79  ? -3.462  -16.213 7.028   1.00 77.77  ? 79  LEU A CB  1 
ATOM 629  C CG  . LEU A 1 79  ? -3.815  -17.238 5.983   1.00 76.76  ? 79  LEU A CG  1 
ATOM 630  C CD1 . LEU A 1 79  ? -4.844  -18.196 6.512   1.00 76.90  ? 79  LEU A CD1 1 
ATOM 631  C CD2 . LEU A 1 79  ? -4.394  -16.443 4.883   1.00 76.89  ? 79  LEU A CD2 1 
ATOM 632  N N   . VAL A 1 80  ? -0.517  -15.900 8.617   1.00 78.97  ? 80  VAL A N   1 
ATOM 633  C CA  . VAL A 1 80  ? 0.922   -15.991 8.456   1.00 79.29  ? 80  VAL A CA  1 
ATOM 634  C C   . VAL A 1 80  ? 1.559   -16.490 9.768   1.00 80.04  ? 80  VAL A C   1 
ATOM 635  O O   . VAL A 1 80  ? 1.374   -15.893 10.847  1.00 79.99  ? 80  VAL A O   1 
ATOM 636  C CB  . VAL A 1 80  ? 1.512   -14.643 7.930   1.00 79.14  ? 80  VAL A CB  1 
ATOM 637  C CG1 . VAL A 1 80  ? 2.999   -14.514 8.219   1.00 79.33  ? 80  VAL A CG1 1 
ATOM 638  C CG2 . VAL A 1 80  ? 1.229   -14.477 6.435   1.00 78.01  ? 80  VAL A CG2 1 
ATOM 639  N N   . PRO A 1 81  ? 2.298   -17.609 9.671   1.00 80.68  ? 81  PRO A N   1 
ATOM 640  C CA  . PRO A 1 81  ? 2.836   -18.314 10.829  1.00 81.17  ? 81  PRO A CA  1 
ATOM 641  C C   . PRO A 1 81  ? 4.128   -17.747 11.425  1.00 81.54  ? 81  PRO A C   1 
ATOM 642  O O   . PRO A 1 81  ? 4.905   -17.053 10.744  1.00 80.76  ? 81  PRO A O   1 
ATOM 643  C CB  . PRO A 1 81  ? 3.109   -19.709 10.264  1.00 81.30  ? 81  PRO A CB  1 
ATOM 644  C CG  . PRO A 1 81  ? 3.493   -19.447 8.835   1.00 80.64  ? 81  PRO A CG  1 
ATOM 645  C CD  . PRO A 1 81  ? 2.642   -18.290 8.404   1.00 80.62  ? 81  PRO A CD  1 
ATOM 646  N N   . ALA A 1 82  ? 4.327   -18.079 12.704  1.00 82.35  ? 82  ALA A N   1 
ATOM 647  C CA  . ALA A 1 82  ? 5.617   -17.973 13.377  1.00 83.31  ? 82  ALA A CA  1 
ATOM 648  C C   . ALA A 1 82  ? 6.239   -16.583 13.225  1.00 83.76  ? 82  ALA A C   1 
ATOM 649  O O   . ALA A 1 82  ? 5.607   -15.561 13.534  1.00 84.07  ? 82  ALA A O   1 
ATOM 650  C CB  . ALA A 1 82  ? 6.597   -19.089 12.863  1.00 83.41  ? 82  ALA A CB  1 
ATOM 651  N N   . GLY A 1 83  ? 7.488   -16.566 12.770  1.00 83.90  ? 83  GLY A N   1 
ATOM 652  C CA  . GLY A 1 83  ? 8.168   -15.346 12.407  1.00 83.90  ? 83  GLY A CA  1 
ATOM 653  C C   . GLY A 1 83  ? 8.510   -15.551 10.952  1.00 84.05  ? 83  GLY A C   1 
ATOM 654  O O   . GLY A 1 83  ? 9.678   -15.608 10.599  1.00 84.14  ? 83  GLY A O   1 
ATOM 655  N N   . GLN A 1 84  ? 7.487   -15.683 10.105  1.00 84.14  ? 84  GLN A N   1 
ATOM 656  C CA  . GLN A 1 84  ? 7.695   -15.931 8.656   1.00 84.07  ? 84  GLN A CA  1 
ATOM 657  C C   . GLN A 1 84  ? 7.098   -14.919 7.666   1.00 82.68  ? 84  GLN A C   1 
ATOM 658  O O   . GLN A 1 84  ? 6.760   -15.255 6.509   1.00 82.64  ? 84  GLN A O   1 
ATOM 659  C CB  . GLN A 1 84  ? 7.215   -17.320 8.305   1.00 84.74  ? 84  GLN A CB  1 
ATOM 660  C CG  . GLN A 1 84  ? 8.091   -18.367 8.895   1.00 88.27  ? 84  GLN A CG  1 
ATOM 661  C CD  . GLN A 1 84  ? 7.544   -19.728 8.619   1.00 93.13  ? 84  GLN A CD  1 
ATOM 662  O OE1 . GLN A 1 84  ? 7.507   -20.176 7.451   1.00 93.57  ? 84  GLN A OE1 1 
ATOM 663  N NE2 . GLN A 1 84  ? 7.084   -20.410 9.692   1.00 94.87  ? 84  GLN A NE2 1 
ATOM 664  N N   . TYR A 1 85  ? 6.973   -13.684 8.140   1.00 80.75  ? 85  TYR A N   1 
ATOM 665  C CA  . TYR A 1 85  ? 6.469   -12.588 7.351   1.00 78.73  ? 85  TYR A CA  1 
ATOM 666  C C   . TYR A 1 85  ? 7.248   -12.625 6.045   1.00 77.63  ? 85  TYR A C   1 
ATOM 667  O O   . TYR A 1 85  ? 6.651   -12.785 4.970   1.00 77.54  ? 85  TYR A O   1 
ATOM 668  C CB  . TYR A 1 85  ? 6.702   -11.290 8.134   1.00 78.66  ? 85  TYR A CB  1 
ATOM 669  C CG  . TYR A 1 85  ? 6.205   -9.989  7.540   1.00 77.46  ? 85  TYR A CG  1 
ATOM 670  C CD1 . TYR A 1 85  ? 4.972   -9.472  7.894   1.00 76.39  ? 85  TYR A CD1 1 
ATOM 671  C CD2 . TYR A 1 85  ? 7.010   -9.248  6.685   1.00 76.87  ? 85  TYR A CD2 1 
ATOM 672  C CE1 . TYR A 1 85  ? 4.529   -8.270  7.370   1.00 77.52  ? 85  TYR A CE1 1 
ATOM 673  C CE2 . TYR A 1 85  ? 6.588   -8.050  6.159   1.00 77.86  ? 85  TYR A CE2 1 
ATOM 674  C CZ  . TYR A 1 85  ? 5.338   -7.551  6.498   1.00 78.29  ? 85  TYR A CZ  1 
ATOM 675  O OH  . TYR A 1 85  ? 4.918   -6.327  5.971   1.00 78.36  ? 85  TYR A OH  1 
ATOM 676  N N   . TYR A 1 86  ? 8.579   -12.567 6.151   1.00 75.79  ? 86  TYR A N   1 
ATOM 677  C CA  . TYR A 1 86  ? 9.399   -12.301 4.981   1.00 73.96  ? 86  TYR A CA  1 
ATOM 678  C C   . TYR A 1 86  ? 9.391   -13.426 3.991   1.00 72.76  ? 86  TYR A C   1 
ATOM 679  O O   . TYR A 1 86  ? 9.657   -13.210 2.820   1.00 72.55  ? 86  TYR A O   1 
ATOM 680  C CB  . TYR A 1 86  ? 10.791  -11.800 5.351   1.00 73.93  ? 86  TYR A CB  1 
ATOM 681  C CG  . TYR A 1 86  ? 10.711  -10.382 5.848   1.00 74.12  ? 86  TYR A CG  1 
ATOM 682  C CD1 . TYR A 1 86  ? 10.384  -9.332  4.975   1.00 74.52  ? 86  TYR A CD1 1 
ATOM 683  C CD2 . TYR A 1 86  ? 10.894  -10.082 7.199   1.00 74.59  ? 86  TYR A CD2 1 
ATOM 684  C CE1 . TYR A 1 86  ? 10.269  -8.009  5.437   1.00 74.04  ? 86  TYR A CE1 1 
ATOM 685  C CE2 . TYR A 1 86  ? 10.792  -8.757  7.668   1.00 74.41  ? 86  TYR A CE2 1 
ATOM 686  C CZ  . TYR A 1 86  ? 10.481  -7.734  6.781   1.00 73.85  ? 86  TYR A CZ  1 
ATOM 687  O OH  . TYR A 1 86  ? 10.382  -6.446  7.244   1.00 73.55  ? 86  TYR A OH  1 
ATOM 688  N N   . ARG A 1 87  ? 9.044   -14.615 4.454   1.00 71.44  ? 87  ARG A N   1 
ATOM 689  C CA  . ARG A 1 87  ? 8.891   -15.727 3.559   1.00 70.69  ? 87  ARG A CA  1 
ATOM 690  C C   . ARG A 1 87  ? 7.858   -15.423 2.476   1.00 70.07  ? 87  ARG A C   1 
ATOM 691  O O   . ARG A 1 87  ? 8.085   -15.694 1.300   1.00 69.88  ? 87  ARG A O   1 
ATOM 692  C CB  . ARG A 1 87  ? 8.485   -16.955 4.340   1.00 70.88  ? 87  ARG A CB  1 
ATOM 693  C CG  . ARG A 1 87  ? 8.509   -18.199 3.510   1.00 71.90  ? 87  ARG A CG  1 
ATOM 694  C CD  . ARG A 1 87  ? 8.560   -19.428 4.376   1.00 73.63  ? 87  ARG A CD  1 
ATOM 695  N NE  . ARG A 1 87  ? 9.168   -20.532 3.643   1.00 74.95  ? 87  ARG A NE  1 
ATOM 696  C CZ  . ARG A 1 87  ? 8.749   -21.791 3.701   1.00 76.31  ? 87  ARG A CZ  1 
ATOM 697  N NH1 . ARG A 1 87  ? 7.703   -22.129 4.453   1.00 76.67  ? 87  ARG A NH1 1 
ATOM 698  N NH2 . ARG A 1 87  ? 9.376   -22.716 2.993   1.00 76.98  ? 87  ARG A NH2 1 
ATOM 699  N N   . TYR A 1 88  ? 6.740   -14.823 2.874   1.00 69.49  ? 88  TYR A N   1 
ATOM 700  C CA  . TYR A 1 88  ? 5.615   -14.578 1.957   1.00 68.86  ? 88  TYR A CA  1 
ATOM 701  C C   . TYR A 1 88  ? 5.425   -13.122 1.548   1.00 68.51  ? 88  TYR A C   1 
ATOM 702  O O   . TYR A 1 88  ? 4.852   -12.822 0.495   1.00 68.16  ? 88  TYR A O   1 
ATOM 703  C CB  . TYR A 1 88  ? 4.330   -15.099 2.588   1.00 68.76  ? 88  TYR A CB  1 
ATOM 704  C CG  . TYR A 1 88  ? 4.476   -16.506 3.046   1.00 68.19  ? 88  TYR A CG  1 
ATOM 705  C CD1 . TYR A 1 88  ? 4.215   -17.551 2.177   1.00 68.23  ? 88  TYR A CD1 1 
ATOM 706  C CD2 . TYR A 1 88  ? 4.914   -16.796 4.331   1.00 67.62  ? 88  TYR A CD2 1 
ATOM 707  C CE1 . TYR A 1 88  ? 4.359   -18.855 2.570   1.00 68.74  ? 88  TYR A CE1 1 
ATOM 708  C CE2 . TYR A 1 88  ? 5.066   -18.102 4.742   1.00 68.61  ? 88  TYR A CE2 1 
ATOM 709  C CZ  . TYR A 1 88  ? 4.787   -19.134 3.848   1.00 68.89  ? 88  TYR A CZ  1 
ATOM 710  O OH  . TYR A 1 88  ? 4.930   -20.454 4.212   1.00 68.80  ? 88  TYR A OH  1 
ATOM 711  N N   . SER A 1 89  ? 5.901   -12.226 2.399   1.00 68.18  ? 89  SER A N   1 
ATOM 712  C CA  . SER A 1 89  ? 5.783   -10.806 2.189   1.00 68.14  ? 89  SER A CA  1 
ATOM 713  C C   . SER A 1 89  ? 5.779   -10.382 0.718   1.00 68.23  ? 89  SER A C   1 
ATOM 714  O O   . SER A 1 89  ? 5.369   -9.278  0.411   1.00 68.85  ? 89  SER A O   1 
ATOM 715  C CB  . SER A 1 89  ? 6.872   -10.073 2.968   1.00 68.05  ? 89  SER A CB  1 
ATOM 716  O OG  . SER A 1 89  ? 8.123   -10.179 2.314   1.00 68.50  ? 89  SER A OG  1 
ATOM 717  N N   . ASP A 1 90  ? 6.215   -11.246 -0.190  1.00 68.17  ? 90  ASP A N   1 
ATOM 718  C CA  . ASP A 1 90  ? 6.190   -10.930 -1.621  1.00 68.39  ? 90  ASP A CA  1 
ATOM 719  C C   . ASP A 1 90  ? 4.813   -10.767 -2.206  1.00 67.60  ? 90  ASP A C   1 
ATOM 720  O O   . ASP A 1 90  ? 4.645   -10.121 -3.249  1.00 67.21  ? 90  ASP A O   1 
ATOM 721  C CB  . ASP A 1 90  ? 6.852   -12.037 -2.402  1.00 69.31  ? 90  ASP A CB  1 
ATOM 722  C CG  . ASP A 1 90  ? 8.320   -11.848 -2.500  1.00 71.77  ? 90  ASP A CG  1 
ATOM 723  O OD1 . ASP A 1 90  ? 8.748   -10.721 -2.873  1.00 73.09  ? 90  ASP A OD1 1 
ATOM 724  O OD2 . ASP A 1 90  ? 9.032   -12.834 -2.183  1.00 75.52  ? 90  ASP A OD2 1 
ATOM 725  N N   . HIS A 1 91  ? 3.851   -11.394 -1.540  1.00 66.81  ? 91  HIS A N   1 
ATOM 726  C CA  . HIS A 1 91  ? 2.465   -11.374 -1.949  1.00 66.47  ? 91  HIS A CA  1 
ATOM 727  C C   . HIS A 1 91  ? 1.734   -10.073 -1.619  1.00 65.91  ? 91  HIS A C   1 
ATOM 728  O O   . HIS A 1 91  ? 0.936   -9.580  -2.424  1.00 66.17  ? 91  HIS A O   1 
ATOM 729  C CB  . HIS A 1 91  ? 1.746   -12.507 -1.266  1.00 66.92  ? 91  HIS A CB  1 
ATOM 730  C CG  . HIS A 1 91  ? 2.046   -13.844 -1.852  1.00 68.04  ? 91  HIS A CG  1 
ATOM 731  N ND1 . HIS A 1 91  ? 3.034   -14.666 -1.356  1.00 69.30  ? 91  HIS A ND1 1 
ATOM 732  C CD2 . HIS A 1 91  ? 1.478   -14.510 -2.884  1.00 68.84  ? 91  HIS A CD2 1 
ATOM 733  C CE1 . HIS A 1 91  ? 3.069   -15.780 -2.066  1.00 69.41  ? 91  HIS A CE1 1 
ATOM 734  N NE2 . HIS A 1 91  ? 2.133   -15.711 -2.996  1.00 69.73  ? 91  HIS A NE2 1 
ATOM 735  N N   . TRP A 1 92  ? 1.978   -9.522  -0.435  1.00 64.68  ? 92  TRP A N   1 
ATOM 736  C CA  . TRP A 1 92  ? 1.370   -8.257  -0.098  1.00 63.57  ? 92  TRP A CA  1 
ATOM 737  C C   . TRP A 1 92  ? 2.359   -7.103  -0.111  1.00 63.53  ? 92  TRP A C   1 
ATOM 738  O O   . TRP A 1 92  ? 2.453   -6.355  0.841   1.00 63.90  ? 92  TRP A O   1 
ATOM 739  C CB  . TRP A 1 92  ? 0.705   -8.362  1.257   1.00 63.12  ? 92  TRP A CB  1 
ATOM 740  C CG  . TRP A 1 92  ? 1.628   -8.652  2.383   1.00 62.14  ? 92  TRP A CG  1 
ATOM 741  C CD1 . TRP A 1 92  ? 2.264   -7.755  3.165   1.00 61.76  ? 92  TRP A CD1 1 
ATOM 742  C CD2 . TRP A 1 92  ? 1.986   -9.928  2.874   1.00 61.84  ? 92  TRP A CD2 1 
ATOM 743  N NE1 . TRP A 1 92  ? 3.011   -8.383  4.113   1.00 60.74  ? 92  TRP A NE1 1 
ATOM 744  C CE2 . TRP A 1 92  ? 2.855   -9.727  3.959   1.00 61.49  ? 92  TRP A CE2 1 
ATOM 745  C CE3 . TRP A 1 92  ? 1.660   -11.233 2.501   1.00 62.63  ? 92  TRP A CE3 1 
ATOM 746  C CZ2 . TRP A 1 92  ? 3.406   -10.776 4.676   1.00 62.86  ? 92  TRP A CZ2 1 
ATOM 747  C CZ3 . TRP A 1 92  ? 2.200   -12.282 3.223   1.00 62.35  ? 92  TRP A CZ3 1 
ATOM 748  C CH2 . TRP A 1 92  ? 3.065   -12.048 4.298   1.00 62.66  ? 92  TRP A CH2 1 
ATOM 749  N N   . THR A 1 93  ? 3.116   -6.929  -1.174  1.00 63.18  ? 93  THR A N   1 
ATOM 750  C CA  . THR A 1 93  ? 4.040   -5.820  -1.117  1.00 62.83  ? 93  THR A CA  1 
ATOM 751  C C   . THR A 1 93  ? 3.569   -4.756  -2.058  1.00 62.88  ? 93  THR A C   1 
ATOM 752  O O   . THR A 1 93  ? 3.630   -3.579  -1.736  1.00 62.83  ? 93  THR A O   1 
ATOM 753  C CB  . THR A 1 93  ? 5.521   -6.253  -1.260  1.00 62.89  ? 93  THR A CB  1 
ATOM 754  O OG1 . THR A 1 93  ? 6.053   -6.389  0.058   1.00 62.30  ? 93  THR A OG1 1 
ATOM 755  C CG2 . THR A 1 93  ? 6.391   -5.231  -2.025  1.00 62.64  ? 93  THR A CG2 1 
ATOM 756  N N   . PHE A 1 94  ? 3.031   -5.175  -3.193  1.00 62.90  ? 94  PHE A N   1 
ATOM 757  C CA  . PHE A 1 94  ? 2.594   -4.211  -4.192  1.00 63.27  ? 94  PHE A CA  1 
ATOM 758  C C   . PHE A 1 94  ? 1.267   -3.674  -3.738  1.00 62.28  ? 94  PHE A C   1 
ATOM 759  O O   . PHE A 1 94  ? 1.009   -2.473  -3.855  1.00 62.79  ? 94  PHE A O   1 
ATOM 760  C CB  . PHE A 1 94  ? 2.587   -4.844  -5.580  1.00 64.22  ? 94  PHE A CB  1 
ATOM 761  C CG  . PHE A 1 94  ? 3.978   -5.321  -6.002  1.00 68.14  ? 94  PHE A CG  1 
ATOM 762  C CD1 . PHE A 1 94  ? 4.488   -5.056  -7.282  1.00 70.05  ? 94  PHE A CD1 1 
ATOM 763  C CD2 . PHE A 1 94  ? 4.824   -5.999  -5.069  1.00 70.28  ? 94  PHE A CD2 1 
ATOM 764  C CE1 . PHE A 1 94  ? 5.807   -5.487  -7.639  1.00 69.57  ? 94  PHE A CE1 1 
ATOM 765  C CE2 . PHE A 1 94  ? 6.127   -6.413  -5.411  1.00 68.79  ? 94  PHE A CE2 1 
ATOM 766  C CZ  . PHE A 1 94  ? 6.613   -6.161  -6.696  1.00 67.84  ? 94  PHE A CZ  1 
ATOM 767  N N   . ILE A 1 95  ? 0.471   -4.557  -3.131  1.00 60.56  ? 95  ILE A N   1 
ATOM 768  C CA  . ILE A 1 95  ? -0.778  -4.177  -2.468  1.00 57.78  ? 95  ILE A CA  1 
ATOM 769  C C   . ILE A 1 95  ? -0.524  -3.199  -1.341  1.00 56.03  ? 95  ILE A C   1 
ATOM 770  O O   . ILE A 1 95  ? -1.012  -2.088  -1.396  1.00 55.66  ? 95  ILE A O   1 
ATOM 771  C CB  . ILE A 1 95  ? -1.588  -5.420  -2.013  1.00 57.79  ? 95  ILE A CB  1 
ATOM 772  C CG1 . ILE A 1 95  ? -2.653  -5.752  -3.053  1.00 56.95  ? 95  ILE A CG1 1 
ATOM 773  C CG2 . ILE A 1 95  ? -2.257  -5.193  -0.698  1.00 58.01  ? 95  ILE A CG2 1 
ATOM 774  C CD1 . ILE A 1 95  ? -3.152  -4.537  -3.799  1.00 56.71  ? 95  ILE A CD1 1 
ATOM 775  N N   . THR A 1 96  ? 0.271   -3.586  -0.356  1.00 54.18  ? 96  THR A N   1 
ATOM 776  C CA  . THR A 1 96  ? 0.560   -2.678  0.731   1.00 53.27  ? 96  THR A CA  1 
ATOM 777  C C   . THR A 1 96  ? 1.164   -1.354  0.234   1.00 53.66  ? 96  THR A C   1 
ATOM 778  O O   . THR A 1 96  ? 0.904   -0.288  0.800   1.00 53.69  ? 96  THR A O   1 
ATOM 779  C CB  . THR A 1 96  ? 1.400   -3.354  1.812   1.00 52.76  ? 96  THR A CB  1 
ATOM 780  O OG1 . THR A 1 96  ? 0.606   -4.374  2.394   1.00 51.77  ? 96  THR A OG1 1 
ATOM 781  C CG2 . THR A 1 96  ? 1.770   -2.411  2.927   1.00 51.37  ? 96  THR A CG2 1 
ATOM 782  N N   . GLN A 1 97  ? 1.924   -1.388  -0.848  1.00 53.61  ? 97  GLN A N   1 
ATOM 783  C CA  . GLN A 1 97  ? 2.467   -0.135  -1.334  1.00 53.64  ? 97  GLN A CA  1 
ATOM 784  C C   . GLN A 1 97  ? 1.379   0.772   -1.851  1.00 53.03  ? 97  GLN A C   1 
ATOM 785  O O   . GLN A 1 97  ? 1.328   1.920   -1.437  1.00 53.54  ? 97  GLN A O   1 
ATOM 786  C CB  . GLN A 1 97  ? 3.585   -0.330  -2.356  1.00 54.39  ? 97  GLN A CB  1 
ATOM 787  C CG  . GLN A 1 97  ? 4.988   -0.265  -1.693  1.00 56.02  ? 97  GLN A CG  1 
ATOM 788  C CD  . GLN A 1 97  ? 6.020   -1.128  -2.397  1.00 56.78  ? 97  GLN A CD  1 
ATOM 789  O OE1 . GLN A 1 97  ? 6.079   -1.140  -3.626  1.00 56.99  ? 97  GLN A OE1 1 
ATOM 790  N NE2 . GLN A 1 97  ? 6.831   -1.863  -1.621  1.00 56.07  ? 97  GLN A NE2 1 
ATOM 791  N N   . ARG A 1 98  ? 0.495   0.252   -2.705  1.00 52.11  ? 98  ARG A N   1 
ATOM 792  C CA  . ARG A 1 98  ? -0.628  1.034   -3.254  1.00 51.31  ? 98  ARG A CA  1 
ATOM 793  C C   . ARG A 1 98  ? -1.532  1.647   -2.190  1.00 50.05  ? 98  ARG A C   1 
ATOM 794  O O   . ARG A 1 98  ? -2.066  2.736   -2.399  1.00 49.72  ? 98  ARG A O   1 
ATOM 795  C CB  . ARG A 1 98  ? -1.478  0.193   -4.194  1.00 51.78  ? 98  ARG A CB  1 
ATOM 796  C CG  . ARG A 1 98  ? -1.869  0.938   -5.453  1.00 54.13  ? 98  ARG A CG  1 
ATOM 797  C CD  . ARG A 1 98  ? -2.215  -0.003  -6.569  1.00 58.04  ? 98  ARG A CD  1 
ATOM 798  N NE  . ARG A 1 98  ? -3.204  -0.972  -6.101  1.00 62.82  ? 98  ARG A NE  1 
ATOM 799  C CZ  . ARG A 1 98  ? -3.804  -1.903  -6.853  1.00 66.41  ? 98  ARG A CZ  1 
ATOM 800  N NH1 . ARG A 1 98  ? -3.554  -2.037  -8.159  1.00 67.72  ? 98  ARG A NH1 1 
ATOM 801  N NH2 . ARG A 1 98  ? -4.685  -2.717  -6.286  1.00 68.81  ? 98  ARG A NH2 1 
ATOM 802  N N   . LEU A 1 99  ? -1.684  0.943   -1.063  1.00 48.82  ? 99  LEU A N   1 
ATOM 803  C CA  . LEU A 1 99  ? -2.432  1.437   0.104   1.00 47.57  ? 99  LEU A CA  1 
ATOM 804  C C   . LEU A 1 99  ? -1.799  2.619   0.815   1.00 46.75  ? 99  LEU A C   1 
ATOM 805  O O   . LEU A 1 99  ? -2.480  3.631   1.054   1.00 46.54  ? 99  LEU A O   1 
ATOM 806  C CB  . LEU A 1 99  ? -2.756  0.320   1.090   1.00 47.29  ? 99  LEU A CB  1 
ATOM 807  C CG  . LEU A 1 99  ? -3.987  -0.442  0.587   1.00 48.01  ? 99  LEU A CG  1 
ATOM 808  C CD1 . LEU A 1 99  ? -4.481  -1.450  1.608   1.00 49.65  ? 99  LEU A CD1 1 
ATOM 809  C CD2 . LEU A 1 99  ? -5.136  0.487   0.173   1.00 47.42  ? 99  LEU A CD2 1 
ATOM 810  N N   . ILE A 1 100 ? -0.510  2.488   1.144   1.00 45.80  ? 100 ILE A N   1 
ATOM 811  C CA  . ILE A 1 100 ? 0.288   3.609   1.654   1.00 45.19  ? 100 ILE A CA  1 
ATOM 812  C C   . ILE A 1 100 ? 0.103   4.795   0.736   1.00 44.14  ? 100 ILE A C   1 
ATOM 813  O O   . ILE A 1 100 ? -0.265  5.880   1.177   1.00 44.39  ? 100 ILE A O   1 
ATOM 814  C CB  . ILE A 1 100 ? 1.801   3.344   1.599   1.00 45.75  ? 100 ILE A CB  1 
ATOM 815  C CG1 . ILE A 1 100 ? 2.150   1.886   1.971   1.00 47.39  ? 100 ILE A CG1 1 
ATOM 816  C CG2 . ILE A 1 100 ? 2.587   4.453   2.375   1.00 45.20  ? 100 ILE A CG2 1 
ATOM 817  C CD1 . ILE A 1 100 ? 2.513   1.639   3.459   1.00 50.41  ? 100 ILE A CD1 1 
ATOM 818  N N   . PHE A 1 101 ? 0.383   4.576   -0.541  1.00 42.67  ? 101 PHE A N   1 
ATOM 819  C CA  . PHE A 1 101 ? 0.219   5.595   -1.541  1.00 41.56  ? 101 PHE A CA  1 
ATOM 820  C C   . PHE A 1 101 ? -1.156  6.252   -1.472  1.00 40.53  ? 101 PHE A C   1 
ATOM 821  O O   . PHE A 1 101 ? -1.265  7.489   -1.408  1.00 40.23  ? 101 PHE A O   1 
ATOM 822  C CB  . PHE A 1 101 ? 0.421   5.016   -2.934  1.00 42.00  ? 101 PHE A CB  1 
ATOM 823  C CG  . PHE A 1 101 ? -0.195  5.858   -4.011  1.00 42.87  ? 101 PHE A CG  1 
ATOM 824  C CD1 . PHE A 1 101 ? 0.299   7.152   -4.271  1.00 43.00  ? 101 PHE A CD1 1 
ATOM 825  C CD2 . PHE A 1 101 ? -1.295  5.393   -4.728  1.00 42.73  ? 101 PHE A CD2 1 
ATOM 826  C CE1 . PHE A 1 101 ? -0.270  7.950   -5.229  1.00 41.79  ? 101 PHE A CE1 1 
ATOM 827  C CE2 . PHE A 1 101 ? -1.872  6.181   -5.703  1.00 42.72  ? 101 PHE A CE2 1 
ATOM 828  C CZ  . PHE A 1 101 ? -1.352  7.468   -5.955  1.00 42.75  ? 101 PHE A CZ  1 
ATOM 829  N N   . ILE A 1 102 ? -2.199  5.423   -1.512  1.00 39.36  ? 102 ILE A N   1 
ATOM 830  C CA  . ILE A 1 102 ? -3.579  5.912   -1.460  1.00 37.90  ? 102 ILE A CA  1 
ATOM 831  C C   . ILE A 1 102 ? -3.803  6.788   -0.244  1.00 37.24  ? 102 ILE A C   1 
ATOM 832  O O   . ILE A 1 102 ? -4.002  7.999   -0.378  1.00 36.98  ? 102 ILE A O   1 
ATOM 833  C CB  . ILE A 1 102 ? -4.573  4.781   -1.440  1.00 37.58  ? 102 ILE A CB  1 
ATOM 834  C CG1 . ILE A 1 102 ? -5.004  4.468   -2.867  1.00 36.41  ? 102 ILE A CG1 1 
ATOM 835  C CG2 . ILE A 1 102 ? -5.746  5.158   -0.577  1.00 37.45  ? 102 ILE A CG2 1 
ATOM 836  C CD1 . ILE A 1 102 ? -5.845  3.226   -2.963  1.00 36.37  ? 102 ILE A CD1 1 
ATOM 837  N N   . ILE A 1 103 ? -3.750  6.174   0.931   1.00 36.26  ? 103 ILE A N   1 
ATOM 838  C CA  . ILE A 1 103 ? -3.749  6.933   2.166   1.00 36.12  ? 103 ILE A CA  1 
ATOM 839  C C   . ILE A 1 103 ? -2.953  8.253   2.104   1.00 35.70  ? 103 ILE A C   1 
ATOM 840  O O   . ILE A 1 103 ? -3.489  9.329   2.411   1.00 35.61  ? 103 ILE A O   1 
ATOM 841  C CB  . ILE A 1 103 ? -3.245  6.084   3.314   1.00 36.13  ? 103 ILE A CB  1 
ATOM 842  C CG1 . ILE A 1 103 ? -4.319  5.061   3.644   1.00 37.03  ? 103 ILE A CG1 1 
ATOM 843  C CG2 . ILE A 1 103 ? -2.897  6.952   4.533   1.00 35.73  ? 103 ILE A CG2 1 
ATOM 844  C CD1 . ILE A 1 103 ? -4.004  4.209   4.852   1.00 39.42  ? 103 ILE A CD1 1 
ATOM 845  N N   . ALA A 1 104 ? -1.689  8.172   1.712   1.00 35.12  ? 104 ALA A N   1 
ATOM 846  C CA  . ALA A 1 104 ? -0.856  9.358   1.658   1.00 35.05  ? 104 ALA A CA  1 
ATOM 847  C C   . ALA A 1 104 ? -1.473  10.494  0.824   1.00 34.84  ? 104 ALA A C   1 
ATOM 848  O O   . ALA A 1 104 ? -1.419  11.679  1.242   1.00 34.61  ? 104 ALA A O   1 
ATOM 849  C CB  . ALA A 1 104 ? 0.542   9.004   1.162   1.00 35.26  ? 104 ALA A CB  1 
ATOM 850  N N   . LEU A 1 105 ? -2.050  10.107  -0.328  1.00 34.52  ? 105 LEU A N   1 
ATOM 851  C CA  . LEU A 1 105 ? -2.726  11.017  -1.268  1.00 34.14  ? 105 LEU A CA  1 
ATOM 852  C C   . LEU A 1 105 ? -3.934  11.682  -0.626  1.00 34.88  ? 105 LEU A C   1 
ATOM 853  O O   . LEU A 1 105 ? -4.004  12.923  -0.572  1.00 35.17  ? 105 LEU A O   1 
ATOM 854  C CB  . LEU A 1 105 ? -3.207  10.276  -2.516  1.00 34.05  ? 105 LEU A CB  1 
ATOM 855  C CG  . LEU A 1 105 ? -3.941  11.183  -3.513  1.00 32.73  ? 105 LEU A CG  1 
ATOM 856  C CD1 . LEU A 1 105 ? -2.940  12.148  -4.189  1.00 30.24  ? 105 LEU A CD1 1 
ATOM 857  C CD2 . LEU A 1 105 ? -4.774  10.406  -4.542  1.00 32.84  ? 105 LEU A CD2 1 
ATOM 858  N N   . VAL A 1 106 ? -4.884  10.854  -0.162  1.00 34.97  ? 106 VAL A N   1 
ATOM 859  C CA  . VAL A 1 106 ? -5.986  11.302  0.709   1.00 34.61  ? 106 VAL A CA  1 
ATOM 860  C C   . VAL A 1 106 ? -5.553  12.394  1.701   1.00 35.36  ? 106 VAL A C   1 
ATOM 861  O O   . VAL A 1 106 ? -5.926  13.564  1.544   1.00 36.05  ? 106 VAL A O   1 
ATOM 862  C CB  . VAL A 1 106 ? -6.659  10.133  1.445   1.00 34.03  ? 106 VAL A CB  1 
ATOM 863  C CG1 . VAL A 1 106 ? -7.550  10.639  2.596   1.00 32.42  ? 106 VAL A CG1 1 
ATOM 864  C CG2 . VAL A 1 106 ? -7.451  9.282   0.440   1.00 33.32  ? 106 VAL A CG2 1 
ATOM 865  N N   . ILE A 1 107 ? -4.738  12.041  2.688   1.00 35.38  ? 107 ILE A N   1 
ATOM 866  C CA  . ILE A 1 107 ? -4.323  13.038  3.660   1.00 35.61  ? 107 ILE A CA  1 
ATOM 867  C C   . ILE A 1 107 ? -3.803  14.322  3.024   1.00 35.42  ? 107 ILE A C   1 
ATOM 868  O O   . ILE A 1 107 ? -4.216  15.401  3.422   1.00 35.04  ? 107 ILE A O   1 
ATOM 869  C CB  . ILE A 1 107 ? -3.350  12.453  4.696   1.00 36.04  ? 107 ILE A CB  1 
ATOM 870  C CG1 . ILE A 1 107 ? -3.991  11.220  5.338   1.00 36.17  ? 107 ILE A CG1 1 
ATOM 871  C CG2 . ILE A 1 107 ? -2.997  13.500  5.785   1.00 36.09  ? 107 ILE A CG2 1 
ATOM 872  C CD1 . ILE A 1 107 ? -5.450  11.478  5.762   1.00 38.19  ? 107 ILE A CD1 1 
ATOM 873  N N   . TYR A 1 108 ? -2.941  14.215  2.026   1.00 35.95  ? 108 TYR A N   1 
ATOM 874  C CA  . TYR A 1 108 ? -2.450  15.423  1.373   1.00 37.09  ? 108 TYR A CA  1 
ATOM 875  C C   . TYR A 1 108 ? -3.554  16.292  0.768   1.00 37.89  ? 108 TYR A C   1 
ATOM 876  O O   . TYR A 1 108 ? -3.593  17.521  0.980   1.00 37.93  ? 108 TYR A O   1 
ATOM 877  C CB  . TYR A 1 108 ? -1.448  15.123  0.274   1.00 37.39  ? 108 TYR A CB  1 
ATOM 878  C CG  . TYR A 1 108 ? -1.123  16.384  -0.460  1.00 36.68  ? 108 TYR A CG  1 
ATOM 879  C CD1 . TYR A 1 108 ? -0.253  17.299  0.111   1.00 36.67  ? 108 TYR A CD1 1 
ATOM 880  C CD2 . TYR A 1 108 ? -1.743  16.697  -1.684  1.00 34.99  ? 108 TYR A CD2 1 
ATOM 881  C CE1 . TYR A 1 108 ? 0.038   18.505  -0.517  1.00 39.22  ? 108 TYR A CE1 1 
ATOM 882  C CE2 . TYR A 1 108 ? -1.461  17.889  -2.348  1.00 36.92  ? 108 TYR A CE2 1 
ATOM 883  C CZ  . TYR A 1 108 ? -0.557  18.815  -1.755  1.00 39.32  ? 108 TYR A CZ  1 
ATOM 884  O OH  . TYR A 1 108 ? -0.213  20.047  -2.351  1.00 38.93  ? 108 TYR A OH  1 
ATOM 885  N N   . LEU A 1 109 ? -4.409  15.658  -0.034  1.00 38.73  ? 109 LEU A N   1 
ATOM 886  C CA  . LEU A 1 109 ? -5.653  16.289  -0.494  1.00 39.49  ? 109 LEU A CA  1 
ATOM 887  C C   . LEU A 1 109 ? -6.428  16.871  0.700   1.00 40.13  ? 109 LEU A C   1 
ATOM 888  O O   . LEU A 1 109 ? -6.500  18.091  0.848   1.00 40.15  ? 109 LEU A O   1 
ATOM 889  C CB  . LEU A 1 109 ? -6.521  15.313  -1.301  1.00 39.09  ? 109 LEU A CB  1 
ATOM 890  C CG  . LEU A 1 109 ? -5.926  14.834  -2.631  1.00 38.59  ? 109 LEU A CG  1 
ATOM 891  C CD1 . LEU A 1 109 ? -6.861  13.825  -3.334  1.00 37.49  ? 109 LEU A CD1 1 
ATOM 892  C CD2 . LEU A 1 109 ? -5.490  15.999  -3.575  1.00 36.52  ? 109 LEU A CD2 1 
ATOM 893  N N   . GLU A 1 110 ? -6.954  16.005  1.563   1.00 40.76  ? 110 GLU A N   1 
ATOM 894  C CA  . GLU A 1 110 ? -7.573  16.444  2.794   1.00 41.84  ? 110 GLU A CA  1 
ATOM 895  C C   . GLU A 1 110 ? -6.851  17.582  3.534   1.00 42.41  ? 110 GLU A C   1 
ATOM 896  O O   . GLU A 1 110 ? -7.351  18.712  3.558   1.00 42.74  ? 110 GLU A O   1 
ATOM 897  C CB  . GLU A 1 110 ? -7.792  15.276  3.716   1.00 41.78  ? 110 GLU A CB  1 
ATOM 898  C CG  . GLU A 1 110 ? -9.018  14.477  3.366   1.00 44.37  ? 110 GLU A CG  1 
ATOM 899  C CD  . GLU A 1 110 ? -9.409  13.574  4.516   1.00 49.49  ? 110 GLU A CD  1 
ATOM 900  O OE1 . GLU A 1 110 ? -8.562  13.494  5.449   1.00 52.70  ? 110 GLU A OE1 1 
ATOM 901  O OE2 . GLU A 1 110 ? -10.517 12.949  4.509   1.00 49.81  ? 110 GLU A OE2 1 
ATOM 902  N N   . ALA A 1 111 ? -5.688  17.320  4.124   1.00 43.07  ? 111 ALA A N   1 
ATOM 903  C CA  . ALA A 1 111 ? -5.111  18.308  5.039   1.00 43.72  ? 111 ALA A CA  1 
ATOM 904  C C   . ALA A 1 111 ? -3.804  18.917  4.620   1.00 44.62  ? 111 ALA A C   1 
ATOM 905  O O   . ALA A 1 111 ? -3.189  19.624  5.399   1.00 43.53  ? 111 ALA A O   1 
ATOM 906  C CB  . ALA A 1 111 ? -4.984  17.730  6.411   1.00 43.71  ? 111 ALA A CB  1 
ATOM 907  N N   . GLY A 1 112 ? -3.386  18.624  3.397   1.00 46.80  ? 112 GLY A N   1 
ATOM 908  C CA  . GLY A 1 112 ? -2.199  19.243  2.788   1.00 50.18  ? 112 GLY A CA  1 
ATOM 909  C C   . GLY A 1 112 ? -0.783  18.981  3.352   1.00 52.50  ? 112 GLY A C   1 
ATOM 910  O O   . GLY A 1 112 ? 0.090   19.883  3.316   1.00 52.83  ? 112 GLY A O   1 
ATOM 911  N N   . PHE A 1 113 ? -0.520  17.765  3.854   1.00 54.01  ? 113 PHE A N   1 
ATOM 912  C CA  . PHE A 1 113 ? 0.804   17.444  4.432   1.00 55.04  ? 113 PHE A CA  1 
ATOM 913  C C   . PHE A 1 113 ? 1.089   15.925  4.400   1.00 55.30  ? 113 PHE A C   1 
ATOM 914  O O   . PHE A 1 113 ? 0.182   15.111  4.083   1.00 55.61  ? 113 PHE A O   1 
ATOM 915  C CB  . PHE A 1 113 ? 0.935   18.042  5.847   1.00 55.55  ? 113 PHE A CB  1 
ATOM 916  C CG  . PHE A 1 113 ? 0.142   17.310  6.883   1.00 57.01  ? 113 PHE A CG  1 
ATOM 917  C CD1 . PHE A 1 113 ? -1.247  17.261  6.819   1.00 58.62  ? 113 PHE A CD1 1 
ATOM 918  C CD2 . PHE A 1 113 ? 0.787   16.642  7.922   1.00 59.44  ? 113 PHE A CD2 1 
ATOM 919  C CE1 . PHE A 1 113 ? -1.986  16.549  7.784   1.00 60.11  ? 113 PHE A CE1 1 
ATOM 920  C CE2 . PHE A 1 113 ? 0.054   15.929  8.906   1.00 60.51  ? 113 PHE A CE2 1 
ATOM 921  C CZ  . PHE A 1 113 ? -1.334  15.882  8.831   1.00 59.22  ? 113 PHE A CZ  1 
ATOM 922  N N   . LEU A 1 114 ? 2.339   15.546  4.710   1.00 55.16  ? 114 LEU A N   1 
ATOM 923  C CA  . LEU A 1 114 ? 2.772   14.146  4.564   1.00 54.57  ? 114 LEU A CA  1 
ATOM 924  C C   . LEU A 1 114 ? 2.468   13.318  5.777   1.00 54.56  ? 114 LEU A C   1 
ATOM 925  O O   . LEU A 1 114 ? 2.839   13.709  6.883   1.00 54.17  ? 114 LEU A O   1 
ATOM 926  C CB  . LEU A 1 114 ? 4.259   14.065  4.314   1.00 54.27  ? 114 LEU A CB  1 
ATOM 927  C CG  . LEU A 1 114 ? 4.729   12.658  4.003   1.00 52.91  ? 114 LEU A CG  1 
ATOM 928  C CD1 . LEU A 1 114 ? 4.794   12.484  2.532   1.00 51.36  ? 114 LEU A CD1 1 
ATOM 929  C CD2 . LEU A 1 114 ? 6.094   12.476  4.608   1.00 53.27  ? 114 LEU A CD2 1 
ATOM 930  N N   . VAL A 1 115 ? 1.830   12.170  5.538   1.00 54.73  ? 115 VAL A N   1 
ATOM 931  C CA  . VAL A 1 115 ? 1.412   11.210  6.578   1.00 55.09  ? 115 VAL A CA  1 
ATOM 932  C C   . VAL A 1 115 ? 2.566   10.622  7.338   1.00 55.52  ? 115 VAL A C   1 
ATOM 933  O O   . VAL A 1 115 ? 3.698   10.648  6.863   1.00 56.10  ? 115 VAL A O   1 
ATOM 934  C CB  . VAL A 1 115 ? 0.778   10.002  5.958   1.00 54.81  ? 115 VAL A CB  1 
ATOM 935  C CG1 . VAL A 1 115 ? -0.293  9.494   6.862   1.00 54.18  ? 115 VAL A CG1 1 
ATOM 936  C CG2 . VAL A 1 115 ? 0.230   10.375  4.604   1.00 55.97  ? 115 VAL A CG2 1 
ATOM 937  N N   . THR A 1 116 ? 2.299   10.073  8.513   1.00 55.90  ? 116 THR A N   1 
ATOM 938  C CA  . THR A 1 116 ? 3.365   9.354   9.188   1.00 56.49  ? 116 THR A CA  1 
ATOM 939  C C   . THR A 1 116 ? 3.127   7.876   9.049   1.00 57.15  ? 116 THR A C   1 
ATOM 940  O O   . THR A 1 116 ? 1.986   7.416   9.044   1.00 57.24  ? 116 THR A O   1 
ATOM 941  C CB  . THR A 1 116 ? 3.549   9.716   10.679  1.00 56.33  ? 116 THR A CB  1 
ATOM 942  O OG1 . THR A 1 116 ? 2.319   9.532   11.393  1.00 56.20  ? 116 THR A OG1 1 
ATOM 943  C CG2 . THR A 1 116 ? 4.075   11.136  10.831  1.00 55.75  ? 116 THR A CG2 1 
ATOM 944  N N   . ARG A 1 117 ? 4.218   7.135   8.933   1.00 57.73  ? 117 ARG A N   1 
ATOM 945  C CA  . ARG A 1 117 ? 4.128   5.710   8.897   1.00 58.40  ? 117 ARG A CA  1 
ATOM 946  C C   . ARG A 1 117 ? 3.243   5.172   10.033  1.00 58.83  ? 117 ARG A C   1 
ATOM 947  O O   . ARG A 1 117 ? 2.444   4.257   9.817   1.00 59.04  ? 117 ARG A O   1 
ATOM 948  C CB  . ARG A 1 117 ? 5.515   5.155   9.013   1.00 58.49  ? 117 ARG A CB  1 
ATOM 949  C CG  . ARG A 1 117 ? 5.611   3.729   8.579   1.00 60.06  ? 117 ARG A CG  1 
ATOM 950  C CD  . ARG A 1 117 ? 7.075   3.315   8.580   1.00 64.33  ? 117 ARG A CD  1 
ATOM 951  N NE  . ARG A 1 117 ? 7.570   3.050   9.926   1.00 65.31  ? 117 ARG A NE  1 
ATOM 952  C CZ  . ARG A 1 117 ? 7.505   1.854   10.486  1.00 66.46  ? 117 ARG A CZ  1 
ATOM 953  N NH1 . ARG A 1 117 ? 7.000   0.825   9.798   1.00 66.15  ? 117 ARG A NH1 1 
ATOM 954  N NH2 . ARG A 1 117 ? 7.949   1.687   11.720  1.00 67.75  ? 117 ARG A NH2 1 
ATOM 955  N N   . GLU A 1 118 ? 3.380   5.774   11.222  1.00 59.24  ? 118 GLU A N   1 
ATOM 956  C CA  . GLU A 1 118 ? 2.704   5.361   12.464  1.00 59.44  ? 118 GLU A CA  1 
ATOM 957  C C   . GLU A 1 118 ? 1.207   5.481   12.297  1.00 59.15  ? 118 GLU A C   1 
ATOM 958  O O   . GLU A 1 118 ? 0.450   4.667   12.836  1.00 59.28  ? 118 GLU A O   1 
ATOM 959  C CB  . GLU A 1 118 ? 3.153   6.224   13.648  1.00 59.56  ? 118 GLU A CB  1 
ATOM 960  C CG  . GLU A 1 118 ? 4.641   6.130   14.013  1.00 62.85  ? 118 GLU A CG  1 
ATOM 961  C CD  . GLU A 1 118 ? 5.635   6.702   12.923  1.00 68.48  ? 118 GLU A CD  1 
ATOM 962  O OE1 . GLU A 1 118 ? 5.228   7.299   11.880  1.00 70.29  ? 118 GLU A OE1 1 
ATOM 963  O OE2 . GLU A 1 118 ? 6.868   6.540   13.114  1.00 70.63  ? 118 GLU A OE2 1 
ATOM 964  N N   . THR A 1 119 ? 0.785   6.493   11.538  1.00 58.75  ? 119 THR A N   1 
ATOM 965  C CA  . THR A 1 119 ? -0.627  6.637   11.184  1.00 58.30  ? 119 THR A CA  1 
ATOM 966  C C   . THR A 1 119 ? -1.104  5.548   10.196  1.00 58.35  ? 119 THR A C   1 
ATOM 967  O O   . THR A 1 119 ? -2.077  4.840   10.486  1.00 58.76  ? 119 THR A O   1 
ATOM 968  C CB  . THR A 1 119 ? -0.971  8.047   10.635  1.00 58.06  ? 119 THR A CB  1 
ATOM 969  O OG1 . THR A 1 119 ? -0.266  9.044   11.374  1.00 57.25  ? 119 THR A OG1 1 
ATOM 970  C CG2 . THR A 1 119 ? -2.465  8.299   10.737  1.00 57.15  ? 119 THR A CG2 1 
ATOM 971  N N   . VAL A 1 120 ? -0.423  5.412   9.051   1.00 57.79  ? 120 VAL A N   1 
ATOM 972  C CA  . VAL A 1 120 ? -0.823  4.458   8.005   1.00 57.36  ? 120 VAL A CA  1 
ATOM 973  C C   . VAL A 1 120 ? -0.956  3.107   8.702   1.00 57.67  ? 120 VAL A C   1 
ATOM 974  O O   . VAL A 1 120 ? -1.888  2.328   8.445   1.00 57.03  ? 120 VAL A O   1 
ATOM 975  C CB  . VAL A 1 120 ? 0.219   4.412   6.837   1.00 57.16  ? 120 VAL A CB  1 
ATOM 976  C CG1 . VAL A 1 120 ? -0.383  3.884   5.545   1.00 55.94  ? 120 VAL A CG1 1 
ATOM 977  C CG2 . VAL A 1 120 ? 0.792   5.779   6.577   1.00 57.05  ? 120 VAL A CG2 1 
ATOM 978  N N   . ALA A 1 121 ? -0.022  2.882   9.625   1.00 58.31  ? 121 ALA A N   1 
ATOM 979  C CA  . ALA A 1 121 ? 0.000   1.716   10.477  1.00 59.57  ? 121 ALA A CA  1 
ATOM 980  C C   . ALA A 1 121 ? -1.337  1.559   11.216  1.00 60.83  ? 121 ALA A C   1 
ATOM 981  O O   . ALA A 1 121 ? -2.065  0.576   11.001  1.00 61.26  ? 121 ALA A O   1 
ATOM 982  C CB  . ALA A 1 121 ? 1.160   1.805   11.448  1.00 58.94  ? 121 ALA A CB  1 
ATOM 983  N N   . GLU A 1 122 ? -1.678  2.534   12.063  1.00 61.97  ? 122 GLU A N   1 
ATOM 984  C CA  . GLU A 1 122 ? -2.921  2.477   12.832  1.00 62.90  ? 122 GLU A CA  1 
ATOM 985  C C   . GLU A 1 122 ? -4.085  2.315   11.913  1.00 62.65  ? 122 GLU A C   1 
ATOM 986  O O   . GLU A 1 122 ? -5.070  1.663   12.231  1.00 62.49  ? 122 GLU A O   1 
ATOM 987  C CB  . GLU A 1 122 ? -3.144  3.781   13.527  1.00 63.17  ? 122 GLU A CB  1 
ATOM 988  C CG  . GLU A 1 122 ? -2.569  3.870   14.860  1.00 67.58  ? 122 GLU A CG  1 
ATOM 989  C CD  . GLU A 1 122 ? -2.735  5.271   15.390  1.00 74.73  ? 122 GLU A CD  1 
ATOM 990  O OE1 . GLU A 1 122 ? -2.766  6.230   14.559  1.00 76.86  ? 122 GLU A OE1 1 
ATOM 991  O OE2 . GLU A 1 122 ? -2.846  5.420   16.634  1.00 78.08  ? 122 GLU A OE2 1 
ATOM 992  N N   . MET A 1 123 ? -3.948  2.938   10.759  1.00 62.88  ? 123 MET A N   1 
ATOM 993  C CA  . MET A 1 123 ? -5.043  3.155   9.883   1.00 63.29  ? 123 MET A CA  1 
ATOM 994  C C   . MET A 1 123 ? -5.403  1.880   9.146   1.00 63.82  ? 123 MET A C   1 
ATOM 995  O O   . MET A 1 123 ? -6.574  1.678   8.774   1.00 64.12  ? 123 MET A O   1 
ATOM 996  C CB  . MET A 1 123 ? -4.664  4.255   8.929   1.00 62.82  ? 123 MET A CB  1 
ATOM 997  C CG  . MET A 1 123 ? -5.836  4.841   8.294   1.00 63.20  ? 123 MET A CG  1 
ATOM 998  S SD  . MET A 1 123 ? -5.505  6.546   7.964   1.00 63.92  ? 123 MET A SD  1 
ATOM 999  C CE  . MET A 1 123 ? -6.972  6.904   6.986   1.00 62.22  ? 123 MET A CE  1 
ATOM 1000 N N   . LEU A 1 124 ? -4.395  1.026   8.941   1.00 64.25  ? 124 LEU A N   1 
ATOM 1001 C CA  . LEU A 1 124 ? -4.590  -0.306  8.352   1.00 64.41  ? 124 LEU A CA  1 
ATOM 1002 C C   . LEU A 1 124 ? -4.666  -1.374  9.445   1.00 65.11  ? 124 LEU A C   1 
ATOM 1003 O O   . LEU A 1 124 ? -5.068  -2.516  9.200   1.00 65.08  ? 124 LEU A O   1 
ATOM 1004 C CB  . LEU A 1 124 ? -3.485  -0.604  7.344   1.00 63.93  ? 124 LEU A CB  1 
ATOM 1005 C CG  . LEU A 1 124 ? -3.642  0.215   6.065   1.00 62.54  ? 124 LEU A CG  1 
ATOM 1006 C CD1 . LEU A 1 124 ? -2.318  0.594   5.521   1.00 60.58  ? 124 LEU A CD1 1 
ATOM 1007 C CD2 . LEU A 1 124 ? -4.476  -0.525  5.029   1.00 61.56  ? 124 LEU A CD2 1 
ATOM 1008 N N   . GLY A 1 125 ? -4.299  -0.965  10.658  1.00 66.00  ? 125 GLY A N   1 
ATOM 1009 C CA  . GLY A 1 125 ? -4.392  -1.806  11.846  1.00 67.08  ? 125 GLY A CA  1 
ATOM 1010 C C   . GLY A 1 125 ? -3.225  -2.745  11.847  1.00 67.88  ? 125 GLY A C   1 
ATOM 1011 O O   . GLY A 1 125 ? -3.408  -3.954  11.977  1.00 67.98  ? 125 GLY A O   1 
ATOM 1012 N N   . LEU A 1 126 ? -2.034  -2.169  11.677  1.00 68.75  ? 126 LEU A N   1 
ATOM 1013 C CA  . LEU A 1 126 ? -0.779  -2.906  11.485  1.00 69.71  ? 126 LEU A CA  1 
ATOM 1014 C C   . LEU A 1 126 ? 0.258   -2.427  12.452  1.00 70.88  ? 126 LEU A C   1 
ATOM 1015 O O   . LEU A 1 126 ? 0.323   -1.234  12.733  1.00 71.40  ? 126 LEU A O   1 
ATOM 1016 C CB  . LEU A 1 126 ? -0.200  -2.654  10.099  1.00 69.07  ? 126 LEU A CB  1 
ATOM 1017 C CG  . LEU A 1 126 ? -0.842  -3.289  8.881   1.00 68.15  ? 126 LEU A CG  1 
ATOM 1018 C CD1 . LEU A 1 126 ? 0.195   -3.190  7.772   1.00 66.96  ? 126 LEU A CD1 1 
ATOM 1019 C CD2 . LEU A 1 126 ? -1.302  -4.740  9.130   1.00 65.79  ? 126 LEU A CD2 1 
ATOM 1020 N N   . LYS A 1 127 ? 1.099   -3.346  12.913  1.00 72.13  ? 127 LYS A N   1 
ATOM 1021 C CA  . LYS A 1 127 ? 2.143   -3.027  13.875  1.00 73.47  ? 127 LYS A CA  1 
ATOM 1022 C C   . LYS A 1 127 ? 3.283   -2.171  13.339  1.00 74.18  ? 127 LYS A C   1 
ATOM 1023 O O   . LYS A 1 127 ? 3.682   -2.266  12.177  1.00 73.73  ? 127 LYS A O   1 
ATOM 1024 C CB  . LYS A 1 127 ? 2.649   -4.296  14.530  1.00 73.94  ? 127 LYS A CB  1 
ATOM 1025 C CG  . LYS A 1 127 ? 1.594   -4.906  15.444  1.00 74.97  ? 127 LYS A CG  1 
ATOM 1026 C CD  . LYS A 1 127 ? 1.508   -4.136  16.783  1.00 77.18  ? 127 LYS A CD  1 
ATOM 1027 C CE  . LYS A 1 127 ? 0.566   -4.798  17.798  1.00 76.92  ? 127 LYS A CE  1 
ATOM 1028 N NZ  . LYS A 1 127 ? -0.868  -4.796  17.316  1.00 79.50  ? 127 LYS A NZ  1 
ATOM 1029 N N   . ILE A 1 128 ? 3.782   -1.316  14.220  1.00 75.58  ? 128 ILE A N   1 
ATOM 1030 C CA  . ILE A 1 128 ? 4.663   -0.222  13.824  1.00 77.62  ? 128 ILE A CA  1 
ATOM 1031 C C   . ILE A 1 128 ? 6.043   -0.768  13.601  1.00 78.12  ? 128 ILE A C   1 
ATOM 1032 O O   . ILE A 1 128 ? 6.892   -0.104  13.014  1.00 77.98  ? 128 ILE A O   1 
ATOM 1033 C CB  . ILE A 1 128 ? 4.680   0.969   14.883  1.00 78.06  ? 128 ILE A CB  1 
ATOM 1034 C CG1 . ILE A 1 128 ? 5.640   0.702   16.087  1.00 79.41  ? 128 ILE A CG1 1 
ATOM 1035 C CG2 . ILE A 1 128 ? 3.219   1.327   15.352  1.00 79.37  ? 128 ILE A CG2 1 
ATOM 1036 C CD1 . ILE A 1 128 ? 5.906   1.921   17.093  1.00 78.13  ? 128 ILE A CD1 1 
ATOM 1037 N N   . SER A 1 129 ? 6.248   -1.986  14.105  1.00 79.35  ? 129 SER A N   1 
ATOM 1038 C CA  . SER A 1 129 ? 7.528   -2.679  14.043  1.00 80.12  ? 129 SER A CA  1 
ATOM 1039 C C   . SER A 1 129 ? 7.341   -4.179  14.096  1.00 80.99  ? 129 SER A C   1 
ATOM 1040 O O   . SER A 1 129 ? 6.481   -4.729  14.835  1.00 80.34  ? 129 SER A O   1 
ATOM 1041 C CB  . SER A 1 129 ? 8.466   -2.280  15.182  1.00 80.07  ? 129 SER A CB  1 
ATOM 1042 O OG  . SER A 1 129 ? 8.434   -3.262  16.208  1.00 79.38  ? 129 SER A OG  1 
ATOM 1043 N N   . GLN A 1 130 ? 8.159   -4.792  13.240  1.00 82.28  ? 130 GLN A N   1 
ATOM 1044 C CA  . GLN A 1 130 ? 8.574   -6.189  13.253  1.00 83.36  ? 130 GLN A CA  1 
ATOM 1045 C C   . GLN A 1 130 ? 7.970   -7.071  14.386  1.00 83.25  ? 130 GLN A C   1 
ATOM 1046 O O   . GLN A 1 130 ? 7.201   -8.022  14.143  1.00 82.67  ? 130 GLN A O   1 
ATOM 1047 C CB  . GLN A 1 130 ? 10.125  -6.160  13.280  1.00 83.59  ? 130 GLN A CB  1 
ATOM 1048 C CG  . GLN A 1 130 ? 10.818  -7.463  13.653  1.00 86.94  ? 130 GLN A CG  1 
ATOM 1049 C CD  . GLN A 1 130 ? 10.407  -8.633  12.750  1.00 90.60  ? 130 GLN A CD  1 
ATOM 1050 O OE1 . GLN A 1 130 ? 10.800  -8.706  11.568  1.00 90.88  ? 130 GLN A OE1 1 
ATOM 1051 N NE2 . GLN A 1 130 ? 9.604   -9.557  13.307  1.00 91.73  ? 130 GLN A NE2 1 
ATOM 1052 N N   . SER A 1 131 ? 8.317   -6.689  15.615  1.00 83.55  ? 131 SER A N   1 
ATOM 1053 C CA  . SER A 1 131 ? 8.195   -7.518  16.797  1.00 83.40  ? 131 SER A CA  1 
ATOM 1054 C C   . SER A 1 131 ? 6.794   -7.622  17.349  1.00 83.61  ? 131 SER A C   1 
ATOM 1055 O O   . SER A 1 131 ? 6.359   -8.735  17.589  1.00 84.15  ? 131 SER A O   1 
ATOM 1056 C CB  . SER A 1 131 ? 9.168   -7.049  17.872  1.00 83.15  ? 131 SER A CB  1 
ATOM 1057 O OG  . SER A 1 131 ? 10.454  -6.890  17.292  1.00 83.35  ? 131 SER A OG  1 
ATOM 1058 N N   . GLU A 1 132 ? 6.064   -6.514  17.547  1.00 83.43  ? 132 GLU A N   1 
ATOM 1059 C CA  . GLU A 1 132 ? 4.731   -6.641  18.207  1.00 82.89  ? 132 GLU A CA  1 
ATOM 1060 C C   . GLU A 1 132 ? 3.690   -7.338  17.304  1.00 81.34  ? 132 GLU A C   1 
ATOM 1061 O O   . GLU A 1 132 ? 2.546   -7.549  17.720  1.00 81.64  ? 132 GLU A O   1 
ATOM 1062 C CB  . GLU A 1 132 ? 4.144   -5.338  18.844  1.00 83.49  ? 132 GLU A CB  1 
ATOM 1063 C CG  . GLU A 1 132 ? 5.106   -4.240  19.333  1.00 86.57  ? 132 GLU A CG  1 
ATOM 1064 C CD  . GLU A 1 132 ? 5.287   -3.098  18.284  1.00 91.10  ? 132 GLU A CD  1 
ATOM 1065 O OE1 . GLU A 1 132 ? 5.639   -3.400  17.102  1.00 92.40  ? 132 GLU A OE1 1 
ATOM 1066 O OE2 . GLU A 1 132 ? 5.081   -1.901  18.643  1.00 91.90  ? 132 GLU A OE2 1 
ATOM 1067 N N   . GLY A 1 133 ? 4.079   -7.721  16.093  1.00 79.28  ? 133 GLY A N   1 
ATOM 1068 C CA  . GLY A 1 133 ? 3.179   -8.520  15.277  1.00 77.09  ? 133 GLY A CA  1 
ATOM 1069 C C   . GLY A 1 133 ? 3.227   -8.099  13.832  1.00 75.53  ? 133 GLY A C   1 
ATOM 1070 O O   . GLY A 1 133 ? 4.194   -7.435  13.422  1.00 75.94  ? 133 GLY A O   1 
ATOM 1071 N N   . PHE A 1 134 ? 2.187   -8.476  13.072  1.00 73.25  ? 134 PHE A N   1 
ATOM 1072 C CA  . PHE A 1 134 ? 2.148   -8.262  11.626  1.00 70.91  ? 134 PHE A CA  1 
ATOM 1073 C C   . PHE A 1 134 ? 2.341   -6.794  11.297  1.00 69.74  ? 134 PHE A C   1 
ATOM 1074 O O   . PHE A 1 134 ? 1.437   -6.002  11.492  1.00 69.80  ? 134 PHE A O   1 
ATOM 1075 C CB  . PHE A 1 134 ? 0.837   -8.759  11.022  1.00 70.44  ? 134 PHE A CB  1 
ATOM 1076 C CG  . PHE A 1 134 ? 0.854   -8.792  9.525   1.00 69.88  ? 134 PHE A CG  1 
ATOM 1077 C CD1 . PHE A 1 134 ? 0.625   -9.969  8.841   1.00 69.47  ? 134 PHE A CD1 1 
ATOM 1078 C CD2 . PHE A 1 134 ? 1.136   -7.649  8.786   1.00 70.33  ? 134 PHE A CD2 1 
ATOM 1079 C CE1 . PHE A 1 134 ? 0.651   -10.013 7.433   1.00 69.67  ? 134 PHE A CE1 1 
ATOM 1080 C CE2 . PHE A 1 134 ? 1.171   -7.683  7.380   1.00 70.78  ? 134 PHE A CE2 1 
ATOM 1081 C CZ  . PHE A 1 134 ? 0.923   -8.872  6.705   1.00 70.00  ? 134 PHE A CZ  1 
ATOM 1082 N N   . HIS A 1 135 ? 3.511   -6.438  10.785  1.00 68.39  ? 135 HIS A N   1 
ATOM 1083 C CA  . HIS A 1 135 ? 3.895   -5.036  10.694  1.00 67.38  ? 135 HIS A CA  1 
ATOM 1084 C C   . HIS A 1 135 ? 3.876   -4.438  9.301   1.00 66.62  ? 135 HIS A C   1 
ATOM 1085 O O   . HIS A 1 135 ? 3.696   -5.135  8.296   1.00 66.34  ? 135 HIS A O   1 
ATOM 1086 C CB  . HIS A 1 135 ? 5.280   -4.841  11.268  1.00 67.54  ? 135 HIS A CB  1 
ATOM 1087 C CG  . HIS A 1 135 ? 6.357   -5.448  10.433  1.00 68.38  ? 135 HIS A CG  1 
ATOM 1088 N ND1 . HIS A 1 135 ? 6.612   -6.805  10.422  1.00 68.56  ? 135 HIS A ND1 1 
ATOM 1089 C CD2 . HIS A 1 135 ? 7.240   -4.886  9.571   1.00 69.06  ? 135 HIS A CD2 1 
ATOM 1090 C CE1 . HIS A 1 135 ? 7.608   -7.049  9.588   1.00 69.45  ? 135 HIS A CE1 1 
ATOM 1091 N NE2 . HIS A 1 135 ? 8.010   -5.904  9.063   1.00 69.45  ? 135 HIS A NE2 1 
ATOM 1092 N N   . LEU A 1 136 ? 4.078   -3.125  9.265   1.00 65.73  ? 136 LEU A N   1 
ATOM 1093 C CA  . LEU A 1 136 ? 4.111   -2.387  8.021   1.00 64.71  ? 136 LEU A CA  1 
ATOM 1094 C C   . LEU A 1 136 ? 5.559   -2.143  7.695   1.00 64.19  ? 136 LEU A C   1 
ATOM 1095 O O   . LEU A 1 136 ? 6.268   -1.459  8.443   1.00 63.98  ? 136 LEU A O   1 
ATOM 1096 C CB  . LEU A 1 136 ? 3.389   -1.052  8.177   1.00 64.64  ? 136 LEU A CB  1 
ATOM 1097 C CG  . LEU A 1 136 ? 3.290   -0.241  6.885   1.00 63.76  ? 136 LEU A CG  1 
ATOM 1098 C CD1 . LEU A 1 136 ? 1.920   -0.466  6.329   1.00 63.71  ? 136 LEU A CD1 1 
ATOM 1099 C CD2 . LEU A 1 136 ? 3.530   1.233   7.116   1.00 62.00  ? 136 LEU A CD2 1 
ATOM 1100 N N   . ASP A 1 137 ? 6.022   -2.684  6.583   1.00 63.44  ? 137 ASP A N   1 
ATOM 1101 C CA  . ASP A 1 137 ? 7.441   -2.593  6.388   1.00 63.28  ? 137 ASP A CA  1 
ATOM 1102 C C   . ASP A 1 137 ? 7.974   -1.221  5.915   1.00 62.45  ? 137 ASP A C   1 
ATOM 1103 O O   . ASP A 1 137 ? 7.505   -0.687  4.916   1.00 62.64  ? 137 ASP A O   1 
ATOM 1104 C CB  . ASP A 1 137 ? 7.918   -3.728  5.516   1.00 63.68  ? 137 ASP A CB  1 
ATOM 1105 C CG  . ASP A 1 137 ? 9.350   -4.085  5.806   1.00 65.22  ? 137 ASP A CG  1 
ATOM 1106 O OD1 . ASP A 1 137 ? 9.845   -3.714  6.904   1.00 65.91  ? 137 ASP A OD1 1 
ATOM 1107 O OD2 . ASP A 1 137 ? 9.983   -4.723  4.941   1.00 66.97  ? 137 ASP A OD2 1 
ATOM 1108 N N   . VAL A 1 138 ? 8.957   -0.664  6.618   1.00 61.19  ? 138 VAL A N   1 
ATOM 1109 C CA  . VAL A 1 138 ? 9.479   0.667   6.262   1.00 60.81  ? 138 VAL A CA  1 
ATOM 1110 C C   . VAL A 1 138 ? 9.789   0.930   4.769   1.00 60.57  ? 138 VAL A C   1 
ATOM 1111 O O   . VAL A 1 138 ? 9.608   2.041   4.270   1.00 60.40  ? 138 VAL A O   1 
ATOM 1112 C CB  . VAL A 1 138 ? 10.714  1.049   7.110   1.00 61.03  ? 138 VAL A CB  1 
ATOM 1113 C CG1 . VAL A 1 138 ? 11.310  2.423   6.670   1.00 60.34  ? 138 VAL A CG1 1 
ATOM 1114 C CG2 . VAL A 1 138 ? 10.348  1.082   8.583   1.00 61.28  ? 138 VAL A CG2 1 
ATOM 1115 N N   . GLU A 1 139 ? 10.270  -0.087  4.066   1.00 60.54  ? 139 GLU A N   1 
ATOM 1116 C CA  . GLU A 1 139 ? 10.643  0.068   2.657   1.00 60.40  ? 139 GLU A CA  1 
ATOM 1117 C C   . GLU A 1 139 ? 9.392   0.287   1.894   1.00 58.79  ? 139 GLU A C   1 
ATOM 1118 O O   . GLU A 1 139 ? 9.349   1.143   1.035   1.00 58.66  ? 139 GLU A O   1 
ATOM 1119 C CB  . GLU A 1 139 ? 11.370  -1.165  2.081   1.00 61.57  ? 139 GLU A CB  1 
ATOM 1120 C CG  . GLU A 1 139 ? 12.787  -1.467  2.677   1.00 66.18  ? 139 GLU A CG  1 
ATOM 1121 C CD  . GLU A 1 139 ? 12.747  -2.076  4.133   1.00 71.96  ? 139 GLU A CD  1 
ATOM 1122 O OE1 . GLU A 1 139 ? 11.989  -3.070  4.377   1.00 72.95  ? 139 GLU A OE1 1 
ATOM 1123 O OE2 . GLU A 1 139 ? 13.483  -1.559  5.026   1.00 72.98  ? 139 GLU A OE2 1 
ATOM 1124 N N   . ASP A 1 140 ? 8.366   -0.487  2.213   1.00 57.37  ? 140 ASP A N   1 
ATOM 1125 C CA  . ASP A 1 140 ? 7.070   -0.265  1.592   1.00 56.54  ? 140 ASP A CA  1 
ATOM 1126 C C   . ASP A 1 140 ? 6.564   1.164   1.770   1.00 55.49  ? 140 ASP A C   1 
ATOM 1127 O O   . ASP A 1 140 ? 6.253   1.833   0.774   1.00 55.35  ? 140 ASP A O   1 
ATOM 1128 C CB  . ASP A 1 140 ? 6.032   -1.215  2.145   1.00 56.89  ? 140 ASP A CB  1 
ATOM 1129 C CG  . ASP A 1 140 ? 6.369   -2.624  1.885   1.00 57.00  ? 140 ASP A CG  1 
ATOM 1130 O OD1 . ASP A 1 140 ? 6.192   -3.054  0.718   1.00 55.90  ? 140 ASP A OD1 1 
ATOM 1131 O OD2 . ASP A 1 140 ? 6.790   -3.284  2.866   1.00 58.50  ? 140 ASP A OD2 1 
ATOM 1132 N N   . TYR A 1 141 ? 6.463   1.614   3.023   1.00 53.80  ? 141 TYR A N   1 
ATOM 1133 C CA  . TYR A 1 141 ? 6.062   2.983   3.289   1.00 52.37  ? 141 TYR A CA  1 
ATOM 1134 C C   . TYR A 1 141 ? 6.784   3.921   2.316   1.00 51.50  ? 141 TYR A C   1 
ATOM 1135 O O   . TYR A 1 141 ? 6.142   4.541   1.441   1.00 51.79  ? 141 TYR A O   1 
ATOM 1136 C CB  . TYR A 1 141 ? 6.348   3.379   4.741   1.00 52.36  ? 141 TYR A CB  1 
ATOM 1137 C CG  . TYR A 1 141 ? 6.134   4.862   5.032   1.00 52.59  ? 141 TYR A CG  1 
ATOM 1138 C CD1 . TYR A 1 141 ? 4.843   5.397   5.223   1.00 52.65  ? 141 TYR A CD1 1 
ATOM 1139 C CD2 . TYR A 1 141 ? 7.218   5.738   5.110   1.00 53.12  ? 141 TYR A CD2 1 
ATOM 1140 C CE1 . TYR A 1 141 ? 4.642   6.768   5.493   1.00 52.20  ? 141 TYR A CE1 1 
ATOM 1141 C CE2 . TYR A 1 141 ? 7.023   7.109   5.373   1.00 53.29  ? 141 TYR A CE2 1 
ATOM 1142 C CZ  . TYR A 1 141 ? 5.742   7.610   5.562   1.00 52.66  ? 141 TYR A CZ  1 
ATOM 1143 O OH  . TYR A 1 141 ? 5.597   8.951   5.815   1.00 52.51  ? 141 TYR A OH  1 
ATOM 1144 N N   . LEU A 1 142 ? 8.113   3.993   2.455   1.00 49.67  ? 142 LEU A N   1 
ATOM 1145 C CA  . LEU A 1 142 ? 8.949   4.837   1.617   1.00 48.00  ? 142 LEU A CA  1 
ATOM 1146 C C   . LEU A 1 142 ? 8.639   4.752   0.122   1.00 47.17  ? 142 LEU A C   1 
ATOM 1147 O O   . LEU A 1 142 ? 8.802   5.708   -0.628  1.00 46.91  ? 142 LEU A O   1 
ATOM 1148 C CB  . LEU A 1 142 ? 10.392  4.480   1.860   1.00 47.89  ? 142 LEU A CB  1 
ATOM 1149 C CG  . LEU A 1 142 ? 11.049  5.328   2.928   1.00 48.51  ? 142 LEU A CG  1 
ATOM 1150 C CD1 . LEU A 1 142 ? 12.412  4.789   3.393   1.00 48.85  ? 142 LEU A CD1 1 
ATOM 1151 C CD2 . LEU A 1 142 ? 11.223  6.690   2.337   1.00 49.85  ? 142 LEU A CD2 1 
ATOM 1152 N N   . LEU A 1 143 ? 8.176   3.599   -0.309  1.00 46.35  ? 143 LEU A N   1 
ATOM 1153 C CA  . LEU A 1 143 ? 7.925   3.401   -1.712  1.00 45.77  ? 143 LEU A CA  1 
ATOM 1154 C C   . LEU A 1 143 ? 6.532   3.869   -2.105  1.00 45.69  ? 143 LEU A C   1 
ATOM 1155 O O   . LEU A 1 143 ? 6.298   4.275   -3.255  1.00 45.95  ? 143 LEU A O   1 
ATOM 1156 C CB  . LEU A 1 143 ? 8.148   1.931   -2.082  1.00 45.66  ? 143 LEU A CB  1 
ATOM 1157 C CG  . LEU A 1 143 ? 9.590   1.509   -2.377  1.00 43.57  ? 143 LEU A CG  1 
ATOM 1158 C CD1 . LEU A 1 143 ? 9.607   0.036   -2.487  1.00 41.35  ? 143 LEU A CD1 1 
ATOM 1159 C CD2 . LEU A 1 143 ? 10.085  2.127   -3.661  1.00 42.08  ? 143 LEU A CD2 1 
ATOM 1160 N N   . GLY A 1 144 ? 5.609   3.790   -1.151  1.00 45.34  ? 144 GLY A N   1 
ATOM 1161 C CA  . GLY A 1 144 ? 4.259   4.319   -1.335  1.00 44.77  ? 144 GLY A CA  1 
ATOM 1162 C C   . GLY A 1 144 ? 4.349   5.819   -1.515  1.00 44.39  ? 144 GLY A C   1 
ATOM 1163 O O   . GLY A 1 144 ? 3.694   6.379   -2.416  1.00 44.40  ? 144 GLY A O   1 
ATOM 1164 N N   . ILE A 1 145 ? 5.190   6.449   -0.681  1.00 43.47  ? 145 ILE A N   1 
ATOM 1165 C CA  . ILE A 1 145 ? 5.473   7.886   -0.743  1.00 42.88  ? 145 ILE A CA  1 
ATOM 1166 C C   . ILE A 1 145 ? 6.119   8.295   -2.065  1.00 43.12  ? 145 ILE A C   1 
ATOM 1167 O O   . ILE A 1 145 ? 5.900   9.389   -2.599  1.00 42.50  ? 145 ILE A O   1 
ATOM 1168 C CB  . ILE A 1 145 ? 6.422   8.276   0.374   1.00 42.53  ? 145 ILE A CB  1 
ATOM 1169 C CG1 . ILE A 1 145 ? 5.825   7.916   1.723   1.00 41.82  ? 145 ILE A CG1 1 
ATOM 1170 C CG2 . ILE A 1 145 ? 6.777   9.757   0.308   1.00 42.35  ? 145 ILE A CG2 1 
ATOM 1171 C CD1 . ILE A 1 145 ? 4.492   8.510   1.968   1.00 42.51  ? 145 ILE A CD1 1 
ATOM 1172 N N   . LEU A 1 146 ? 6.941   7.400   -2.579  1.00 43.65  ? 146 LEU A N   1 
ATOM 1173 C CA  . LEU A 1 146 ? 7.553   7.621   -3.856  1.00 44.16  ? 146 LEU A CA  1 
ATOM 1174 C C   . LEU A 1 146 ? 6.463   7.732   -4.890  1.00 44.95  ? 146 LEU A C   1 
ATOM 1175 O O   . LEU A 1 146 ? 6.470   8.635   -5.715  1.00 45.00  ? 146 LEU A O   1 
ATOM 1176 C CB  . LEU A 1 146 ? 8.490   6.472   -4.187  1.00 43.86  ? 146 LEU A CB  1 
ATOM 1177 C CG  . LEU A 1 146 ? 9.772   6.843   -4.920  1.00 42.32  ? 146 LEU A CG  1 
ATOM 1178 C CD1 . LEU A 1 146 ? 10.021  8.320   -4.885  1.00 41.28  ? 146 LEU A CD1 1 
ATOM 1179 C CD2 . LEU A 1 146 ? 10.900  6.114   -4.260  1.00 40.67  ? 146 LEU A CD2 1 
ATOM 1180 N N   . GLN A 1 147 ? 5.507   6.820   -4.833  1.00 46.23  ? 147 GLN A N   1 
ATOM 1181 C CA  . GLN A 1 147 ? 4.424   6.836   -5.789  1.00 47.90  ? 147 GLN A CA  1 
ATOM 1182 C C   . GLN A 1 147 ? 3.781   8.178   -5.730  1.00 47.25  ? 147 GLN A C   1 
ATOM 1183 O O   . GLN A 1 147 ? 3.647   8.867   -6.753  1.00 47.55  ? 147 GLN A O   1 
ATOM 1184 C CB  . GLN A 1 147 ? 3.392   5.811   -5.427  1.00 48.66  ? 147 GLN A CB  1 
ATOM 1185 C CG  . GLN A 1 147 ? 3.793   4.414   -5.787  1.00 55.37  ? 147 GLN A CG  1 
ATOM 1186 C CD  . GLN A 1 147 ? 2.559   3.583   -6.106  1.00 64.50  ? 147 GLN A CD  1 
ATOM 1187 O OE1 . GLN A 1 147 ? 1.814   3.903   -7.064  1.00 68.33  ? 147 GLN A OE1 1 
ATOM 1188 N NE2 . GLN A 1 147 ? 2.304   2.526   -5.293  1.00 66.44  ? 147 GLN A NE2 1 
ATOM 1189 N N   . LEU A 1 148 ? 3.411   8.544   -4.505  1.00 46.35  ? 148 LEU A N   1 
ATOM 1190 C CA  . LEU A 1 148 ? 2.726   9.796   -4.230  1.00 45.54  ? 148 LEU A CA  1 
ATOM 1191 C C   . LEU A 1 148 ? 3.370   10.900  -5.026  1.00 44.67  ? 148 LEU A C   1 
ATOM 1192 O O   . LEU A 1 148 ? 2.718   11.518  -5.840  1.00 44.16  ? 148 LEU A O   1 
ATOM 1193 C CB  . LEU A 1 148 ? 2.745   10.099  -2.725  1.00 45.63  ? 148 LEU A CB  1 
ATOM 1194 C CG  . LEU A 1 148 ? 2.220   11.416  -2.148  1.00 45.53  ? 148 LEU A CG  1 
ATOM 1195 C CD1 . LEU A 1 148 ? 0.749   11.586  -2.386  1.00 45.86  ? 148 LEU A CD1 1 
ATOM 1196 C CD2 . LEU A 1 148 ? 2.465   11.382  -0.688  1.00 44.12  ? 148 LEU A CD2 1 
ATOM 1197 N N   . ALA A 1 149 ? 4.666   11.090  -4.834  1.00 44.16  ? 149 ALA A N   1 
ATOM 1198 C CA  . ALA A 1 149 ? 5.357   12.184  -5.475  1.00 44.08  ? 149 ALA A CA  1 
ATOM 1199 C C   . ALA A 1 149 ? 5.166   12.112  -6.968  1.00 44.19  ? 149 ALA A C   1 
ATOM 1200 O O   . ALA A 1 149 ? 4.968   13.114  -7.638  1.00 43.66  ? 149 ALA A O   1 
ATOM 1201 C CB  . ALA A 1 149 ? 6.813   12.175  -5.122  1.00 44.05  ? 149 ALA A CB  1 
ATOM 1202 N N   . SER A 1 150 ? 5.183   10.915  -7.500  1.00 45.08  ? 150 SER A N   1 
ATOM 1203 C CA  . SER A 1 150 ? 5.054   10.817  -8.923  1.00 46.81  ? 150 SER A CA  1 
ATOM 1204 C C   . SER A 1 150 ? 3.640   11.182  -9.348  1.00 46.72  ? 150 SER A C   1 
ATOM 1205 O O   . SER A 1 150 ? 3.405   11.744  -10.431 1.00 46.79  ? 150 SER A O   1 
ATOM 1206 C CB  . SER A 1 150 ? 5.392   9.406   -9.391  1.00 47.64  ? 150 SER A CB  1 
ATOM 1207 O OG  . SER A 1 150 ? 5.216   9.312   -10.807 1.00 51.09  ? 150 SER A OG  1 
ATOM 1208 N N   . GLU A 1 151 ? 2.698   10.837  -8.488  1.00 46.72  ? 151 GLU A N   1 
ATOM 1209 C CA  . GLU A 1 151 ? 1.300   11.046  -8.784  1.00 46.54  ? 151 GLU A CA  1 
ATOM 1210 C C   . GLU A 1 151 ? 0.937   12.526  -8.699  1.00 46.08  ? 151 GLU A C   1 
ATOM 1211 O O   . GLU A 1 151 ? 0.149   13.040  -9.487  1.00 45.42  ? 151 GLU A O   1 
ATOM 1212 C CB  . GLU A 1 151 ? 0.481   10.192  -7.834  1.00 46.60  ? 151 GLU A CB  1 
ATOM 1213 C CG  . GLU A 1 151 ? -0.988  10.445  -7.868  1.00 48.18  ? 151 GLU A CG  1 
ATOM 1214 C CD  . GLU A 1 151 ? -1.654  10.105  -9.189  1.00 50.42  ? 151 GLU A CD  1 
ATOM 1215 O OE1 . GLU A 1 151 ? -0.993  9.582   -10.120 1.00 50.75  ? 151 GLU A OE1 1 
ATOM 1216 O OE2 . GLU A 1 151 ? -2.876  10.373  -9.282  1.00 52.72  ? 151 GLU A OE2 1 
ATOM 1217 N N   . LEU A 1 152 ? 1.551   13.213  -7.751  1.00 46.26  ? 152 LEU A N   1 
ATOM 1218 C CA  . LEU A 1 152 ? 1.304   14.618  -7.586  1.00 46.46  ? 152 LEU A CA  1 
ATOM 1219 C C   . LEU A 1 152 ? 1.867   15.360  -8.747  1.00 47.30  ? 152 LEU A C   1 
ATOM 1220 O O   . LEU A 1 152 ? 1.271   16.320  -9.167  1.00 47.90  ? 152 LEU A O   1 
ATOM 1221 C CB  . LEU A 1 152 ? 1.860   15.166  -6.277  1.00 45.91  ? 152 LEU A CB  1 
ATOM 1222 C CG  . LEU A 1 152 ? 1.290   14.552  -4.995  1.00 45.04  ? 152 LEU A CG  1 
ATOM 1223 C CD1 . LEU A 1 152 ? 1.887   15.210  -3.786  1.00 43.70  ? 152 LEU A CD1 1 
ATOM 1224 C CD2 . LEU A 1 152 ? -0.220  14.626  -4.937  1.00 44.20  ? 152 LEU A CD2 1 
ATOM 1225 N N   . SER A 1 153 ? 2.980   14.923  -9.311  1.00 48.34  ? 153 SER A N   1 
ATOM 1226 C CA  . SER A 1 153 ? 3.490   15.643  -10.491 1.00 50.06  ? 153 SER A CA  1 
ATOM 1227 C C   . SER A 1 153 ? 2.505   15.692  -11.632 1.00 50.27  ? 153 SER A C   1 
ATOM 1228 O O   . SER A 1 153 ? 2.416   16.699  -12.333 1.00 49.64  ? 153 SER A O   1 
ATOM 1229 C CB  . SER A 1 153 ? 4.786   15.039  -11.008 1.00 50.82  ? 153 SER A CB  1 
ATOM 1230 O OG  . SER A 1 153 ? 5.754   15.048  -9.981  1.00 53.68  ? 153 SER A OG  1 
ATOM 1231 N N   . ARG A 1 154 ? 1.804   14.572  -11.809 1.00 51.26  ? 154 ARG A N   1 
ATOM 1232 C CA  . ARG A 1 154 ? 0.768   14.407  -12.807 1.00 52.74  ? 154 ARG A CA  1 
ATOM 1233 C C   . ARG A 1 154 ? -0.383  15.353  -12.442 1.00 52.09  ? 154 ARG A C   1 
ATOM 1234 O O   . ARG A 1 154 ? -0.946  16.015  -13.318 1.00 52.30  ? 154 ARG A O   1 
ATOM 1235 C CB  . ARG A 1 154 ? 0.334   12.942  -12.819 1.00 52.21  ? 154 ARG A CB  1 
ATOM 1236 C CG  . ARG A 1 154 ? -0.499  12.454  -14.024 1.00 55.19  ? 154 ARG A CG  1 
ATOM 1237 C CD  . ARG A 1 154 ? -0.667  10.897  -13.991 1.00 56.76  ? 154 ARG A CD  1 
ATOM 1238 N NE  . ARG A 1 154 ? 0.660   10.245  -14.100 1.00 68.13  ? 154 ARG A NE  1 
ATOM 1239 C CZ  . ARG A 1 154 ? 1.389   9.714   -13.091 1.00 71.79  ? 154 ARG A CZ  1 
ATOM 1240 N NH1 . ARG A 1 154 ? 0.931   9.685   -11.838 1.00 73.70  ? 154 ARG A NH1 1 
ATOM 1241 N NH2 . ARG A 1 154 ? 2.597   9.181   -13.336 1.00 72.89  ? 154 ARG A NH2 1 
ATOM 1242 N N   . PHE A 1 155 ? -0.683  15.442  -11.142 1.00 51.74  ? 155 PHE A N   1 
ATOM 1243 C CA  . PHE A 1 155 ? -1.733  16.309  -10.617 1.00 51.32  ? 155 PHE A CA  1 
ATOM 1244 C C   . PHE A 1 155 ? -1.461  17.781  -10.802 1.00 51.33  ? 155 PHE A C   1 
ATOM 1245 O O   . PHE A 1 155 ? -2.347  18.531  -11.165 1.00 51.05  ? 155 PHE A O   1 
ATOM 1246 C CB  . PHE A 1 155 ? -1.921  16.050  -9.139  1.00 51.34  ? 155 PHE A CB  1 
ATOM 1247 C CG  . PHE A 1 155 ? -3.158  16.680  -8.555  1.00 51.93  ? 155 PHE A CG  1 
ATOM 1248 C CD1 . PHE A 1 155 ? -4.360  16.705  -9.261  1.00 53.44  ? 155 PHE A CD1 1 
ATOM 1249 C CD2 . PHE A 1 155 ? -3.148  17.186  -7.271  1.00 51.67  ? 155 PHE A CD2 1 
ATOM 1250 C CE1 . PHE A 1 155 ? -5.523  17.263  -8.700  1.00 52.73  ? 155 PHE A CE1 1 
ATOM 1251 C CE2 . PHE A 1 155 ? -4.305  17.727  -6.705  1.00 52.31  ? 155 PHE A CE2 1 
ATOM 1252 C CZ  . PHE A 1 155 ? -5.490  17.767  -7.424  1.00 51.99  ? 155 PHE A CZ  1 
ATOM 1253 N N   . ALA A 1 156 ? -0.238  18.206  -10.525 1.00 51.79  ? 156 ALA A N   1 
ATOM 1254 C CA  . ALA A 1 156 ? 0.114   19.604  -10.703 1.00 52.24  ? 156 ALA A CA  1 
ATOM 1255 C C   . ALA A 1 156 ? -0.104  19.974  -12.152 1.00 52.72  ? 156 ALA A C   1 
ATOM 1256 O O   . ALA A 1 156 ? -0.642  21.029  -12.431 1.00 53.56  ? 156 ALA A O   1 
ATOM 1257 C CB  . ALA A 1 156 ? 1.541   19.894  -10.275 1.00 51.87  ? 156 ALA A CB  1 
ATOM 1258 N N   . THR A 1 157 ? 0.270   19.100  -13.078 1.00 52.95  ? 157 THR A N   1 
ATOM 1259 C CA  . THR A 1 157 ? 0.090   19.409  -14.486 1.00 53.11  ? 157 THR A CA  1 
ATOM 1260 C C   . THR A 1 157 ? -1.361  19.403  -14.921 1.00 53.34  ? 157 THR A C   1 
ATOM 1261 O O   . THR A 1 157 ? -1.771  20.237  -15.709 1.00 53.56  ? 157 THR A O   1 
ATOM 1262 C CB  . THR A 1 157 ? 0.924   18.505  -15.356 1.00 53.14  ? 157 THR A CB  1 
ATOM 1263 O OG1 . THR A 1 157 ? 2.283   18.933  -15.233 1.00 53.86  ? 157 THR A OG1 1 
ATOM 1264 C CG2 . THR A 1 157 ? 0.489   18.588  -16.833 1.00 52.79  ? 157 THR A CG2 1 
ATOM 1265 N N   . ASN A 1 158 ? -2.155  18.489  -14.408 1.00 53.66  ? 158 ASN A N   1 
ATOM 1266 C CA  . ASN A 1 158 ? -3.555  18.562  -14.728 1.00 54.47  ? 158 ASN A CA  1 
ATOM 1267 C C   . ASN A 1 158 ? -4.175  19.758  -14.079 1.00 55.13  ? 158 ASN A C   1 
ATOM 1268 O O   . ASN A 1 158 ? -5.045  20.404  -14.650 1.00 55.51  ? 158 ASN A O   1 
ATOM 1269 C CB  . ASN A 1 158 ? -4.255  17.322  -14.254 1.00 54.71  ? 158 ASN A CB  1 
ATOM 1270 C CG  . ASN A 1 158 ? -3.851  16.138  -15.036 1.00 55.22  ? 158 ASN A CG  1 
ATOM 1271 O OD1 . ASN A 1 158 ? -3.759  16.214  -16.263 1.00 56.14  ? 158 ASN A OD1 1 
ATOM 1272 N ND2 . ASN A 1 158 ? -3.576  15.029  -14.353 1.00 55.21  ? 158 ASN A ND2 1 
ATOM 1273 N N   . SER A 1 159 ? -3.720  20.049  -12.872 1.00 55.84  ? 159 SER A N   1 
ATOM 1274 C CA  . SER A 1 159 ? -4.195  21.200  -12.145 1.00 56.53  ? 159 SER A CA  1 
ATOM 1275 C C   . SER A 1 159 ? -4.173  22.427  -13.062 1.00 56.72  ? 159 SER A C   1 
ATOM 1276 O O   . SER A 1 159 ? -5.199  23.050  -13.258 1.00 57.12  ? 159 SER A O   1 
ATOM 1277 C CB  . SER A 1 159 ? -3.355  21.397  -10.887 1.00 56.64  ? 159 SER A CB  1 
ATOM 1278 O OG  . SER A 1 159 ? -3.761  22.540  -10.167 1.00 58.03  ? 159 SER A OG  1 
ATOM 1279 N N   . VAL A 1 160 ? -3.031  22.730  -13.670 1.00 56.98  ? 160 VAL A N   1 
ATOM 1280 C CA  . VAL A 1 160 ? -2.912  23.888  -14.554 1.00 57.44  ? 160 VAL A CA  1 
ATOM 1281 C C   . VAL A 1 160 ? -3.846  23.908  -15.754 1.00 58.03  ? 160 VAL A C   1 
ATOM 1282 O O   . VAL A 1 160 ? -4.280  24.979  -16.182 1.00 58.04  ? 160 VAL A O   1 
ATOM 1283 C CB  . VAL A 1 160 ? -1.490  24.042  -15.071 1.00 57.39  ? 160 VAL A CB  1 
ATOM 1284 C CG1 . VAL A 1 160 ? -1.455  24.882  -16.378 1.00 56.79  ? 160 VAL A CG1 1 
ATOM 1285 C CG2 . VAL A 1 160 ? -0.639  24.646  -13.978 1.00 57.31  ? 160 VAL A CG2 1 
ATOM 1286 N N   . THR A 1 161 ? -4.132  22.743  -16.322 1.00 58.94  ? 161 THR A N   1 
ATOM 1287 C CA  . THR A 1 161 ? -4.969  22.726  -17.516 1.00 60.00  ? 161 THR A CA  1 
ATOM 1288 C C   . THR A 1 161 ? -6.409  22.987  -17.145 1.00 60.71  ? 161 THR A C   1 
ATOM 1289 O O   . THR A 1 161 ? -7.144  23.547  -17.940 1.00 61.38  ? 161 THR A O   1 
ATOM 1290 C CB  . THR A 1 161 ? -4.825  21.457  -18.414 1.00 59.81  ? 161 THR A CB  1 
ATOM 1291 O OG1 . THR A 1 161 ? -4.977  20.284  -17.622 1.00 59.91  ? 161 THR A OG1 1 
ATOM 1292 C CG2 . THR A 1 161 ? -3.462  21.429  -19.148 1.00 59.63  ? 161 THR A CG2 1 
ATOM 1293 N N   . MET A 1 162 ? -6.803  22.622  -15.934 1.00 61.56  ? 162 MET A N   1 
ATOM 1294 C CA  . MET A 1 162 ? -8.105  23.041  -15.422 1.00 62.81  ? 162 MET A CA  1 
ATOM 1295 C C   . MET A 1 162 ? -8.031  24.451  -14.800 1.00 62.97  ? 162 MET A C   1 
ATOM 1296 O O   . MET A 1 162 ? -8.995  24.929  -14.191 1.00 62.79  ? 162 MET A O   1 
ATOM 1297 C CB  . MET A 1 162 ? -8.618  22.055  -14.381 1.00 62.89  ? 162 MET A CB  1 
ATOM 1298 C CG  . MET A 1 162 ? -8.945  20.647  -14.869 1.00 63.53  ? 162 MET A CG  1 
ATOM 1299 S SD  . MET A 1 162 ? -9.260  19.654  -13.381 1.00 64.20  ? 162 MET A SD  1 
ATOM 1300 C CE  . MET A 1 162 ? -7.640  19.786  -12.605 1.00 64.69  ? 162 MET A CE  1 
ATOM 1301 N N   . GLY A 1 163 ? -6.872  25.093  -14.935 1.00 63.47  ? 163 GLY A N   1 
ATOM 1302 C CA  . GLY A 1 163 ? -6.669  26.461  -14.478 1.00 64.01  ? 163 GLY A CA  1 
ATOM 1303 C C   . GLY A 1 163 ? -6.614  26.792  -12.991 1.00 64.49  ? 163 GLY A C   1 
ATOM 1304 O O   . GLY A 1 163 ? -6.786  27.952  -12.645 1.00 64.97  ? 163 GLY A O   1 
ATOM 1305 N N   . ASP A 1 164 ? -6.372  25.825  -12.104 1.00 64.67  ? 164 ASP A N   1 
ATOM 1306 C CA  . ASP A 1 164 ? -6.233  26.134  -10.676 1.00 65.14  ? 164 ASP A CA  1 
ATOM 1307 C C   . ASP A 1 164 ? -4.775  26.476  -10.360 1.00 65.93  ? 164 ASP A C   1 
ATOM 1308 O O   . ASP A 1 164 ? -4.197  25.999  -9.385  1.00 65.81  ? 164 ASP A O   1 
ATOM 1309 C CB  . ASP A 1 164 ? -6.769  24.995  -9.803  1.00 64.96  ? 164 ASP A CB  1 
ATOM 1310 C CG  . ASP A 1 164 ? -6.898  25.370  -8.311  1.00 65.51  ? 164 ASP A CG  1 
ATOM 1311 O OD1 . ASP A 1 164 ? -6.238  26.338  -7.848  1.00 66.98  ? 164 ASP A OD1 1 
ATOM 1312 O OD2 . ASP A 1 164 ? -7.648  24.665  -7.586  1.00 64.25  ? 164 ASP A OD2 1 
ATOM 1313 N N   . TYR A 1 165 ? -4.210  27.336  -11.204 1.00 67.14  ? 165 TYR A N   1 
ATOM 1314 C CA  . TYR A 1 165 ? -2.828  27.840  -11.131 1.00 68.21  ? 165 TYR A CA  1 
ATOM 1315 C C   . TYR A 1 165 ? -2.115  27.872  -9.796  1.00 68.22  ? 165 TYR A C   1 
ATOM 1316 O O   . TYR A 1 165 ? -0.907  27.644  -9.733  1.00 68.01  ? 165 TYR A O   1 
ATOM 1317 C CB  . TYR A 1 165 ? -2.767  29.237  -11.719 1.00 69.14  ? 165 TYR A CB  1 
ATOM 1318 C CG  . TYR A 1 165 ? -3.035  29.216  -13.178 1.00 70.75  ? 165 TYR A CG  1 
ATOM 1319 C CD1 . TYR A 1 165 ? -4.329  29.068  -13.667 1.00 71.67  ? 165 TYR A CD1 1 
ATOM 1320 C CD2 . TYR A 1 165 ? -1.987  29.323  -14.087 1.00 73.29  ? 165 TYR A CD2 1 
ATOM 1321 C CE1 . TYR A 1 165 ? -4.584  29.035  -15.042 1.00 74.00  ? 165 TYR A CE1 1 
ATOM 1322 C CE2 . TYR A 1 165 ? -2.212  29.291  -15.481 1.00 74.64  ? 165 TYR A CE2 1 
ATOM 1323 C CZ  . TYR A 1 165 ? -3.515  29.146  -15.957 1.00 74.14  ? 165 TYR A CZ  1 
ATOM 1324 O OH  . TYR A 1 165 ? -3.735  29.115  -17.335 1.00 73.67  ? 165 TYR A OH  1 
ATOM 1325 N N   . GLU A 1 166 ? -2.827  28.191  -8.729  1.00 68.33  ? 166 GLU A N   1 
ATOM 1326 C CA  . GLU A 1 166 ? -2.114  28.351  -7.478  1.00 68.74  ? 166 GLU A CA  1 
ATOM 1327 C C   . GLU A 1 166 ? -1.983  27.047  -6.706  1.00 67.32  ? 166 GLU A C   1 
ATOM 1328 O O   . GLU A 1 166 ? -0.952  26.797  -6.061  1.00 67.31  ? 166 GLU A O   1 
ATOM 1329 C CB  . GLU A 1 166 ? -2.682  29.493  -6.637  1.00 69.70  ? 166 GLU A CB  1 
ATOM 1330 C CG  . GLU A 1 166 ? -4.169  29.432  -6.339  1.00 74.78  ? 166 GLU A CG  1 
ATOM 1331 C CD  . GLU A 1 166 ? -4.501  30.137  -5.005  1.00 81.75  ? 166 GLU A CD  1 
ATOM 1332 O OE1 . GLU A 1 166 ? -3.608  30.191  -4.098  1.00 82.49  ? 166 GLU A OE1 1 
ATOM 1333 O OE2 . GLU A 1 166 ? -5.658  30.636  -4.868  1.00 85.06  ? 166 GLU A OE2 1 
ATOM 1334 N N   . ARG A 1 167 ? -3.019  26.215  -6.796  1.00 65.73  ? 167 ARG A N   1 
ATOM 1335 C CA  . ARG A 1 167 ? -2.977  24.863  -6.241  1.00 63.89  ? 167 ARG A CA  1 
ATOM 1336 C C   . ARG A 1 167 ? -1.821  24.098  -6.873  1.00 62.92  ? 167 ARG A C   1 
ATOM 1337 O O   . ARG A 1 167 ? -1.096  23.361  -6.202  1.00 62.68  ? 167 ARG A O   1 
ATOM 1338 C CB  . ARG A 1 167 ? -4.294  24.139  -6.491  1.00 63.66  ? 167 ARG A CB  1 
ATOM 1339 C CG  . ARG A 1 167 ? -4.231  22.663  -6.269  1.00 62.00  ? 167 ARG A CG  1 
ATOM 1340 C CD  . ARG A 1 167 ? -5.313  21.993  -7.045  1.00 60.48  ? 167 ARG A CD  1 
ATOM 1341 N NE  . ARG A 1 167 ? -6.624  22.136  -6.421  1.00 60.13  ? 167 ARG A NE  1 
ATOM 1342 C CZ  . ARG A 1 167 ? -7.007  21.483  -5.322  1.00 60.59  ? 167 ARG A CZ  1 
ATOM 1343 N NH1 . ARG A 1 167 ? -6.163  20.661  -4.687  1.00 60.08  ? 167 ARG A NH1 1 
ATOM 1344 N NH2 . ARG A 1 167 ? -8.233  21.659  -4.844  1.00 59.81  ? 167 ARG A NH2 1 
ATOM 1345 N N   . SER A 1 168 ? -1.643  24.301  -8.171  1.00 61.64  ? 168 SER A N   1 
ATOM 1346 C CA  . SER A 1 168 ? -0.517  23.726  -8.854  1.00 60.48  ? 168 SER A CA  1 
ATOM 1347 C C   . SER A 1 168 ? 0.758   24.105  -8.118  1.00 60.17  ? 168 SER A C   1 
ATOM 1348 O O   . SER A 1 168 ? 1.591   23.255  -7.819  1.00 60.56  ? 168 SER A O   1 
ATOM 1349 C CB  . SER A 1 168 ? -0.463  24.206  -10.288 1.00 60.10  ? 168 SER A CB  1 
ATOM 1350 O OG  . SER A 1 168 ? 0.701   23.703  -10.890 1.00 58.97  ? 168 SER A OG  1 
ATOM 1351 N N   . LEU A 1 169 ? 0.889   25.378  -7.786  1.00 59.48  ? 169 LEU A N   1 
ATOM 1352 C CA  . LEU A 1 169 ? 2.121   25.851  -7.211  1.00 58.88  ? 169 LEU A CA  1 
ATOM 1353 C C   . LEU A 1 169 ? 2.368   25.258  -5.852  1.00 59.10  ? 169 LEU A C   1 
ATOM 1354 O O   . LEU A 1 169 ? 3.496   24.987  -5.495  1.00 58.94  ? 169 LEU A O   1 
ATOM 1355 C CB  . LEU A 1 169 ? 2.126   27.362  -7.170  1.00 58.67  ? 169 LEU A CB  1 
ATOM 1356 C CG  . LEU A 1 169 ? 2.189   27.937  -8.580  1.00 56.98  ? 169 LEU A CG  1 
ATOM 1357 C CD1 . LEU A 1 169 ? 2.206   29.418  -8.533  1.00 56.02  ? 169 LEU A CD1 1 
ATOM 1358 C CD2 . LEU A 1 169 ? 3.428   27.458  -9.258  1.00 55.63  ? 169 LEU A CD2 1 
ATOM 1359 N N   . ASN A 1 170 ? 1.302   25.026  -5.111  1.00 59.71  ? 170 ASN A N   1 
ATOM 1360 C CA  . ASN A 1 170 ? 1.408   24.316  -3.841  1.00 60.88  ? 170 ASN A CA  1 
ATOM 1361 C C   . ASN A 1 170 ? 1.915   22.890  -3.949  1.00 60.70  ? 170 ASN A C   1 
ATOM 1362 O O   . ASN A 1 170 ? 2.797   22.479  -3.195  1.00 61.07  ? 170 ASN A O   1 
ATOM 1363 C CB  . ASN A 1 170 ? 0.055   24.236  -3.153  1.00 61.62  ? 170 ASN A CB  1 
ATOM 1364 C CG  . ASN A 1 170 ? -0.453  25.563  -2.769  1.00 63.44  ? 170 ASN A CG  1 
ATOM 1365 O OD1 . ASN A 1 170 ? 0.216   26.297  -2.030  1.00 65.51  ? 170 ASN A OD1 1 
ATOM 1366 N ND2 . ASN A 1 170 ? -1.641  25.910  -3.274  1.00 65.32  ? 170 ASN A ND2 1 
ATOM 1367 N N   . ILE A 1 171 ? 1.307   22.122  -4.843  1.00 60.06  ? 171 ILE A N   1 
ATOM 1368 C CA  . ILE A 1 171 ? 1.758   20.787  -5.081  1.00 59.56  ? 171 ILE A CA  1 
ATOM 1369 C C   . ILE A 1 171 ? 3.277   20.852  -5.304  1.00 59.96  ? 171 ILE A C   1 
ATOM 1370 O O   . ILE A 1 171 ? 4.036   20.095  -4.688  1.00 60.34  ? 171 ILE A O   1 
ATOM 1371 C CB  . ILE A 1 171 ? 1.035   20.212  -6.275  1.00 59.25  ? 171 ILE A CB  1 
ATOM 1372 C CG1 . ILE A 1 171 ? -0.436  20.044  -5.936  1.00 58.92  ? 171 ILE A CG1 1 
ATOM 1373 C CG2 . ILE A 1 171 ? 1.602   18.881  -6.653  1.00 59.34  ? 171 ILE A CG2 1 
ATOM 1374 C CD1 . ILE A 1 171 ? -1.299  19.746  -7.142  1.00 59.21  ? 171 ILE A CD1 1 
ATOM 1375 N N   . SER A 1 172 ? 3.729   21.797  -6.124  1.00 59.75  ? 172 SER A N   1 
ATOM 1376 C CA  . SER A 1 172 ? 5.137   21.888  -6.454  1.00 59.55  ? 172 SER A CA  1 
ATOM 1377 C C   . SER A 1 172 ? 6.035   22.257  -5.306  1.00 59.99  ? 172 SER A C   1 
ATOM 1378 O O   . SER A 1 172 ? 7.145   21.767  -5.245  1.00 60.31  ? 172 SER A O   1 
ATOM 1379 C CB  . SER A 1 172 ? 5.326   22.843  -7.581  1.00 59.14  ? 172 SER A CB  1 
ATOM 1380 O OG  . SER A 1 172 ? 4.332   22.526  -8.509  1.00 59.28  ? 172 SER A OG  1 
ATOM 1381 N N   . HIS A 1 173 ? 5.587   23.103  -4.391  1.00 60.62  ? 173 HIS A N   1 
ATOM 1382 C CA  . HIS A 1 173 ? 6.377   23.314  -3.176  1.00 61.70  ? 173 HIS A CA  1 
ATOM 1383 C C   . HIS A 1 173 ? 6.572   21.983  -2.464  1.00 61.14  ? 173 HIS A C   1 
ATOM 1384 O O   . HIS A 1 173 ? 7.685   21.624  -2.041  1.00 61.38  ? 173 HIS A O   1 
ATOM 1385 C CB  . HIS A 1 173 ? 5.714   24.323  -2.243  1.00 62.42  ? 173 HIS A CB  1 
ATOM 1386 C CG  . HIS A 1 173 ? 6.016   25.739  -2.606  1.00 67.30  ? 173 HIS A CG  1 
ATOM 1387 N ND1 . HIS A 1 173 ? 7.226   26.338  -2.314  1.00 71.31  ? 173 HIS A ND1 1 
ATOM 1388 C CD2 . HIS A 1 173 ? 5.285   26.668  -3.277  1.00 71.80  ? 173 HIS A CD2 1 
ATOM 1389 C CE1 . HIS A 1 173 ? 7.222   27.580  -2.776  1.00 73.29  ? 173 HIS A CE1 1 
ATOM 1390 N NE2 . HIS A 1 173 ? 6.056   27.806  -3.365  1.00 73.60  ? 173 HIS A NE2 1 
ATOM 1391 N N   . PHE A 1 174 ? 5.470   21.246  -2.385  1.00 60.40  ? 174 PHE A N   1 
ATOM 1392 C CA  . PHE A 1 174 ? 5.381   20.012  -1.642  1.00 59.35  ? 174 PHE A CA  1 
ATOM 1393 C C   . PHE A 1 174 ? 6.229   18.949  -2.277  1.00 59.29  ? 174 PHE A C   1 
ATOM 1394 O O   . PHE A 1 174 ? 6.948   18.255  -1.568  1.00 60.14  ? 174 PHE A O   1 
ATOM 1395 C CB  . PHE A 1 174 ? 3.947   19.543  -1.623  1.00 58.89  ? 174 PHE A CB  1 
ATOM 1396 C CG  . PHE A 1 174 ? 3.704   18.410  -0.722  1.00 57.48  ? 174 PHE A CG  1 
ATOM 1397 C CD1 . PHE A 1 174 ? 3.482   18.618  0.613   1.00 58.15  ? 174 PHE A CD1 1 
ATOM 1398 C CD2 . PHE A 1 174 ? 3.652   17.138  -1.206  1.00 57.54  ? 174 PHE A CD2 1 
ATOM 1399 C CE1 . PHE A 1 174 ? 3.216   17.566  1.466   1.00 58.48  ? 174 PHE A CE1 1 
ATOM 1400 C CE2 . PHE A 1 174 ? 3.389   16.078  -0.369  1.00 58.38  ? 174 PHE A CE2 1 
ATOM 1401 C CZ  . PHE A 1 174 ? 3.168   16.297  0.971   1.00 58.72  ? 174 PHE A CZ  1 
ATOM 1402 N N   . ILE A 1 175 ? 6.153   18.799  -3.599  1.00 58.39  ? 175 ILE A N   1 
ATOM 1403 C CA  . ILE A 1 175 ? 6.948   17.760  -4.248  1.00 57.43  ? 175 ILE A CA  1 
ATOM 1404 C C   . ILE A 1 175 ? 8.414   18.029  -3.965  1.00 57.17  ? 175 ILE A C   1 
ATOM 1405 O O   . ILE A 1 175 ? 9.090   17.185  -3.402  1.00 56.79  ? 175 ILE A O   1 
ATOM 1406 C CB  . ILE A 1 175 ? 6.654   17.626  -5.741  1.00 57.22  ? 175 ILE A CB  1 
ATOM 1407 C CG1 . ILE A 1 175 ? 5.264   17.025  -5.929  1.00 55.97  ? 175 ILE A CG1 1 
ATOM 1408 C CG2 . ILE A 1 175 ? 7.719   16.750  -6.417  1.00 57.49  ? 175 ILE A CG2 1 
ATOM 1409 C CD1 . ILE A 1 175 ? 4.803   16.979  -7.344  1.00 54.42  ? 175 ILE A CD1 1 
ATOM 1410 N N   . GLY A 1 176 ? 8.866   19.229  -4.306  1.00 57.16  ? 176 GLY A N   1 
ATOM 1411 C CA  . GLY A 1 176 ? 10.206  19.685  -3.986  1.00 57.66  ? 176 GLY A CA  1 
ATOM 1412 C C   . GLY A 1 176 ? 10.599  19.484  -2.533  1.00 57.94  ? 176 GLY A C   1 
ATOM 1413 O O   . GLY A 1 176 ? 11.788  19.374  -2.219  1.00 58.15  ? 176 GLY A O   1 
ATOM 1414 N N   . ASP A 1 177 ? 9.615   19.433  -1.644  1.00 58.01  ? 177 ASP A N   1 
ATOM 1415 C CA  . ASP A 1 177 ? 9.896   19.093  -0.261  1.00 58.69  ? 177 ASP A CA  1 
ATOM 1416 C C   . ASP A 1 177 ? 10.262  17.645  -0.094  1.00 58.41  ? 177 ASP A C   1 
ATOM 1417 O O   . ASP A 1 177 ? 11.277  17.358  0.519   1.00 58.30  ? 177 ASP A O   1 
ATOM 1418 C CB  . ASP A 1 177 ? 8.737   19.440  0.657   1.00 59.50  ? 177 ASP A CB  1 
ATOM 1419 C CG  . ASP A 1 177 ? 8.897   20.805  1.291   1.00 62.37  ? 177 ASP A CG  1 
ATOM 1420 O OD1 . ASP A 1 177 ? 9.718   21.580  0.726   1.00 65.65  ? 177 ASP A OD1 1 
ATOM 1421 O OD2 . ASP A 1 177 ? 8.224   21.099  2.337   1.00 64.99  ? 177 ASP A OD2 1 
ATOM 1422 N N   . LEU A 1 178 ? 9.453   16.738  -0.642  1.00 58.59  ? 178 LEU A N   1 
ATOM 1423 C CA  . LEU A 1 178 ? 9.793   15.306  -0.679  1.00 58.87  ? 178 LEU A CA  1 
ATOM 1424 C C   . LEU A 1 178 ? 11.129  15.074  -1.370  1.00 59.93  ? 178 LEU A C   1 
ATOM 1425 O O   . LEU A 1 178 ? 11.955  14.272  -0.928  1.00 60.31  ? 178 LEU A O   1 
ATOM 1426 C CB  . LEU A 1 178 ? 8.754   14.522  -1.441  1.00 57.97  ? 178 LEU A CB  1 
ATOM 1427 C CG  . LEU A 1 178 ? 7.346   14.764  -0.997  1.00 56.68  ? 178 LEU A CG  1 
ATOM 1428 C CD1 . LEU A 1 178 ? 6.538   14.440  -2.187  1.00 56.43  ? 178 LEU A CD1 1 
ATOM 1429 C CD2 . LEU A 1 178 ? 7.008   13.878  0.181   1.00 55.42  ? 178 LEU A CD2 1 
ATOM 1430 N N   . ASN A 1 179 ? 11.329  15.791  -2.467  1.00 60.85  ? 179 ASN A N   1 
ATOM 1431 C CA  . ASN A 1 179 ? 12.544  15.682  -3.213  1.00 61.32  ? 179 ASN A CA  1 
ATOM 1432 C C   . ASN A 1 179 ? 13.721  15.974  -2.359  1.00 61.56  ? 179 ASN A C   1 
ATOM 1433 O O   . ASN A 1 179 ? 14.696  15.268  -2.441  1.00 61.83  ? 179 ASN A O   1 
ATOM 1434 C CB  . ASN A 1 179 ? 12.474  16.516  -4.471  1.00 61.58  ? 179 ASN A CB  1 
ATOM 1435 C CG  . ASN A 1 179 ? 11.556  15.874  -5.499  1.00 63.43  ? 179 ASN A CG  1 
ATOM 1436 O OD1 . ASN A 1 179 ? 10.894  14.875  -5.194  1.00 64.54  ? 179 ASN A OD1 1 
ATOM 1437 N ND2 . ASN A 1 179 ? 11.513  16.420  -6.713  1.00 66.45  ? 179 ASN A ND2 1 
ATOM 1438 N N   . THR A 1 180 ? 13.636  16.935  -1.464  1.00 62.29  ? 180 THR A N   1 
ATOM 1439 C CA  . THR A 1 180 ? 14.768  17.062  -0.566  1.00 63.48  ? 180 THR A CA  1 
ATOM 1440 C C   . THR A 1 180 ? 14.764  16.023  0.577   1.00 63.87  ? 180 THR A C   1 
ATOM 1441 O O   . THR A 1 180 ? 15.813  15.612  1.049   1.00 64.11  ? 180 THR A O   1 
ATOM 1442 C CB  . THR A 1 180 ? 15.068  18.522  -0.096  1.00 63.56  ? 180 THR A CB  1 
ATOM 1443 O OG1 . THR A 1 180 ? 14.338  18.806  1.099   1.00 64.16  ? 180 THR A OG1 1 
ATOM 1444 C CG2 . THR A 1 180 ? 14.761  19.563  -1.202  1.00 63.48  ? 180 THR A CG2 1 
ATOM 1445 N N   . GLY A 1 181 ? 13.599  15.566  0.996   1.00 64.55  ? 181 GLY A N   1 
ATOM 1446 C CA  . GLY A 1 181 ? 13.562  14.526  2.015   1.00 66.03  ? 181 GLY A CA  1 
ATOM 1447 C C   . GLY A 1 181 ? 14.231  13.281  1.491   1.00 67.31  ? 181 GLY A C   1 
ATOM 1448 O O   . GLY A 1 181 ? 14.881  12.553  2.221   1.00 66.89  ? 181 GLY A O   1 
ATOM 1449 N N   . PHE A 1 182 ? 14.064  13.055  0.198   1.00 69.33  ? 182 PHE A N   1 
ATOM 1450 C CA  . PHE A 1 182 ? 14.591  11.882  -0.461  1.00 71.50  ? 182 PHE A CA  1 
ATOM 1451 C C   . PHE A 1 182 ? 16.068  12.021  -0.760  1.00 73.60  ? 182 PHE A C   1 
ATOM 1452 O O   . PHE A 1 182 ? 16.807  11.087  -0.495  1.00 74.13  ? 182 PHE A O   1 
ATOM 1453 C CB  . PHE A 1 182 ? 13.834  11.600  -1.749  1.00 70.92  ? 182 PHE A CB  1 
ATOM 1454 C CG  . PHE A 1 182 ? 12.582  10.807  -1.556  1.00 70.73  ? 182 PHE A CG  1 
ATOM 1455 C CD1 . PHE A 1 182 ? 12.580  9.649   -0.786  1.00 70.51  ? 182 PHE A CD1 1 
ATOM 1456 C CD2 . PHE A 1 182 ? 11.403  11.188  -2.177  1.00 71.56  ? 182 PHE A CD2 1 
ATOM 1457 C CE1 . PHE A 1 182 ? 11.406  8.878   -0.622  1.00 70.12  ? 182 PHE A CE1 1 
ATOM 1458 C CE2 . PHE A 1 182 ? 10.217  10.423  -2.014  1.00 71.99  ? 182 PHE A CE2 1 
ATOM 1459 C CZ  . PHE A 1 182 ? 10.229  9.266   -1.236  1.00 70.47  ? 182 PHE A CZ  1 
ATOM 1460 N N   . ARG A 1 183 ? 16.500  13.164  -1.312  1.00 75.89  ? 183 ARG A N   1 
ATOM 1461 C CA  . ARG A 1 183 ? 17.934  13.457  -1.466  1.00 78.66  ? 183 ARG A CA  1 
ATOM 1462 C C   . ARG A 1 183 ? 18.682  13.176  -0.158  1.00 79.39  ? 183 ARG A C   1 
ATOM 1463 O O   . ARG A 1 183 ? 19.797  12.690  -0.185  1.00 79.60  ? 183 ARG A O   1 
ATOM 1464 C CB  . ARG A 1 183 ? 18.190  14.896  -1.927  1.00 78.18  ? 183 ARG A CB  1 
ATOM 1465 C CG  . ARG A 1 183 ? 18.352  15.087  -3.439  1.00 80.36  ? 183 ARG A CG  1 
ATOM 1466 C CD  . ARG A 1 183 ? 17.880  16.508  -3.889  1.00 82.12  ? 183 ARG A CD  1 
ATOM 1467 N NE  . ARG A 1 183 ? 17.610  16.604  -5.344  1.00 91.19  ? 183 ARG A NE  1 
ATOM 1468 C CZ  . ARG A 1 183 ? 16.413  16.443  -5.944  1.00 94.06  ? 183 ARG A CZ  1 
ATOM 1469 N NH1 . ARG A 1 183 ? 16.292  16.540  -7.276  1.00 94.97  ? 183 ARG A NH1 1 
ATOM 1470 N NH2 . ARG A 1 183 ? 15.324  16.181  -5.231  1.00 95.93  ? 183 ARG A NH2 1 
ATOM 1471 N N   . LEU A 1 184 ? 18.044  13.442  0.978   1.00 81.18  ? 184 LEU A N   1 
ATOM 1472 C CA  . LEU A 1 184 ? 18.574  13.125  2.313   1.00 82.88  ? 184 LEU A CA  1 
ATOM 1473 C C   . LEU A 1 184 ? 18.836  11.632  2.567   1.00 84.47  ? 184 LEU A C   1 
ATOM 1474 O O   . LEU A 1 184 ? 19.323  11.255  3.636   1.00 84.29  ? 184 LEU A O   1 
ATOM 1475 C CB  . LEU A 1 184 ? 17.555  13.583  3.338   1.00 82.85  ? 184 LEU A CB  1 
ATOM 1476 C CG  . LEU A 1 184 ? 17.982  14.330  4.579   1.00 82.76  ? 184 LEU A CG  1 
ATOM 1477 C CD1 . LEU A 1 184 ? 17.996  15.826  4.254   1.00 82.10  ? 184 LEU A CD1 1 
ATOM 1478 C CD2 . LEU A 1 184 ? 16.982  14.012  5.684   1.00 82.23  ? 184 LEU A CD2 1 
ATOM 1479 N N   . LEU A 1 185 ? 18.461  10.794  1.600   1.00 86.77  ? 185 LEU A N   1 
ATOM 1480 C CA  . LEU A 1 185 ? 18.659  9.341   1.639   1.00 88.92  ? 185 LEU A CA  1 
ATOM 1481 C C   . LEU A 1 185 ? 19.616  8.915   0.501   1.00 91.06  ? 185 LEU A C   1 
ATOM 1482 O O   . LEU A 1 185 ? 20.725  9.438   0.417   1.00 91.24  ? 185 LEU A O   1 
ATOM 1483 C CB  . LEU A 1 185 ? 17.302  8.626   1.565   1.00 88.39  ? 185 LEU A CB  1 
ATOM 1484 C CG  . LEU A 1 185 ? 16.477  8.252   2.805   1.00 87.06  ? 185 LEU A CG  1 
ATOM 1485 C CD1 . LEU A 1 185 ? 16.817  9.033   4.048   1.00 86.09  ? 185 LEU A CD1 1 
ATOM 1486 C CD2 . LEU A 1 185 ? 15.025  8.388   2.487   1.00 84.84  ? 185 LEU A CD2 1 
ATOM 1487 N N   . ASN A 1 186 ? 19.213  8.004   -0.386  1.00 93.82  ? 186 ASN A N   1 
ATOM 1488 C CA  . ASN A 1 186 ? 20.185  7.423   -1.338  1.00 96.98  ? 186 ASN A CA  1 
ATOM 1489 C C   . ASN A 1 186 ? 19.744  7.184   -2.805  1.00 97.76  ? 186 ASN A C   1 
ATOM 1490 O O   . ASN A 1 186 ? 18.668  7.650   -3.207  1.00 98.08  ? 186 ASN A O   1 
ATOM 1491 C CB  . ASN A 1 186 ? 20.776  6.132   -0.739  1.00 97.27  ? 186 ASN A CB  1 
ATOM 1492 C CG  . ASN A 1 186 ? 21.765  6.408   0.398   1.00 98.90  ? 186 ASN A CG  1 
ATOM 1493 O OD1 . ASN A 1 186 ? 22.585  7.335   0.321   1.00 99.64  ? 186 ASN A OD1 1 
ATOM 1494 N ND2 . ASN A 1 186 ? 21.687  5.602   1.461   1.00 100.50 ? 186 ASN A ND2 1 
ATOM 1495 N N   . LEU A 1 187 ? 20.611  6.498   -3.587  1.00 98.97  ? 187 LEU A N   1 
ATOM 1496 C CA  . LEU A 1 187 ? 20.297  5.926   -4.942  1.00 99.04  ? 187 LEU A CA  1 
ATOM 1497 C C   . LEU A 1 187 ? 20.023  4.409   -4.821  1.00 99.60  ? 187 LEU A C   1 
ATOM 1498 O O   . LEU A 1 187 ? 19.304  3.816   -5.642  1.00 100.00 ? 187 LEU A O   1 
ATOM 1499 C CB  . LEU A 1 187 ? 21.436  6.181   -5.984  1.00 99.50  ? 187 LEU A CB  1 
ATOM 1500 C CG  . LEU A 1 187 ? 21.348  5.767   -7.496  1.00 99.58  ? 187 LEU A CG  1 
ATOM 1501 C CD1 . LEU A 1 187 ? 20.702  6.828   -8.435  1.00 99.31  ? 187 LEU A CD1 1 
ATOM 1502 C CD2 . LEU A 1 187 ? 22.713  5.289   -8.093  1.00 99.94  ? 187 LEU A CD2 1 
# 
loop_
_pdbx_poly_seq_scheme.asym_id 
_pdbx_poly_seq_scheme.entity_id 
_pdbx_poly_seq_scheme.seq_id 
_pdbx_poly_seq_scheme.mon_id 
_pdbx_poly_seq_scheme.ndb_seq_num 
_pdbx_poly_seq_scheme.pdb_seq_num 
_pdbx_poly_seq_scheme.auth_seq_num 
_pdbx_poly_seq_scheme.pdb_mon_id 
_pdbx_poly_seq_scheme.auth_mon_id 
_pdbx_poly_seq_scheme.pdb_strand_id 
_pdbx_poly_seq_scheme.pdb_ins_code 
_pdbx_poly_seq_scheme.hetero 
A 1 1   MET 1   1   ?   ?   ?   A . n 
A 1 2   SER 2   2   ?   ?   ?   A . n 
A 1 3   ASN 3   3   3   ASN ASN A . n 
A 1 4   PHE 4   4   4   PHE PHE A . n 
A 1 5   VAL 5   5   5   VAL VAL A . n 
A 1 6   ASN 6   6   6   ASN ASN A . n 
A 1 7   LEU 7   7   7   LEU LEU A . n 
A 1 8   ASP 8   8   8   ASP ASP A . n 
A 1 9   ILE 9   9   9   ILE ILE A . n 
A 1 10  PHE 10  10  10  PHE PHE A . n 
A 1 11  SER 11  11  11  SER SER A . n 
A 1 12  ASN 12  12  12  ASN ASN A . n 
A 1 13  TYR 13  13  13  TYR TYR A . n 
A 1 14  GLN 14  14  14  GLN GLN A . n 
A 1 15  LYS 15  15  15  LYS LYS A . n 
A 1 16  TYR 16  16  16  TYR TYR A . n 
A 1 17  ILE 17  17  17  ILE ILE A . n 
A 1 18  ASP 18  18  18  ASP ASP A . n 
A 1 19  ASN 19  19  19  ASN ASN A . n 
A 1 20  GLU 20  20  20  GLU GLU A . n 
A 1 21  GLN 21  21  21  GLN GLN A . n 
A 1 22  GLU 22  22  22  GLU GLU A . n 
A 1 23  VAL 23  23  23  VAL VAL A . n 
A 1 24  ARG 24  24  24  ARG ARG A . n 
A 1 25  GLU 25  25  25  GLU GLU A . n 
A 1 26  ASN 26  26  26  ASN ASN A . n 
A 1 27  ILE 27  27  27  ILE ILE A . n 
A 1 28  ARG 28  28  28  ARG ARG A . n 
A 1 29  ILE 29  29  29  ILE ILE A . n 
A 1 30  VAL 30  30  30  VAL VAL A . n 
A 1 31  VAL 31  31  31  VAL VAL A . n 
A 1 32  ARG 32  32  32  ARG ARG A . n 
A 1 33  GLU 33  33  33  GLU GLU A . n 
A 1 34  ILE 34  34  34  ILE ILE A . n 
A 1 35  GLU 35  35  35  GLU GLU A . n 
A 1 36  HIS 36  36  36  HIS HIS A . n 
A 1 37  LEU 37  37  37  LEU LEU A . n 
A 1 38  SER 38  38  38  SER SER A . n 
A 1 39  LYS 39  39  39  LYS LYS A . n 
A 1 40  GLU 40  40  40  GLU GLU A . n 
A 1 41  ALA 41  41  41  ALA ALA A . n 
A 1 42  GLN 42  42  42  GLN GLN A . n 
A 1 43  ILE 43  43  43  ILE ILE A . n 
A 1 44  LYS 44  44  44  LYS LYS A . n 
A 1 45  LEU 45  45  45  LEU LEU A . n 
A 1 46  GLN 46  46  46  GLN GLN A . n 
A 1 47  ILE 47  47  47  ILE ILE A . n 
A 1 48  ILE 48  48  48  ILE ILE A . n 
A 1 49  HIS 49  49  49  HIS HIS A . n 
A 1 50  SER 50  50  50  SER SER A . n 
A 1 51  ASP 51  51  51  ASP ASP A . n 
A 1 52  LEU 52  52  52  LEU LEU A . n 
A 1 53  SER 53  53  53  SER SER A . n 
A 1 54  GLN 54  54  54  GLN GLN A . n 
A 1 55  ILE 55  55  55  ILE ILE A . n 
A 1 56  SER 56  56  56  SER SER A . n 
A 1 57  ALA 57  57  57  ALA ALA A . n 
A 1 58  ALA 58  58  58  ALA ALA A . n 
A 1 59  CYS 59  59  59  CYS CYS A . n 
A 1 60  GLY 60  60  60  GLY GLY A . n 
A 1 61  LEU 61  61  61  LEU LEU A . n 
A 1 62  ALA 62  62  62  ALA ALA A . n 
A 1 63  ARG 63  63  63  ARG ARG A . n 
A 1 64  LYS 64  64  64  LYS LYS A . n 
A 1 65  GLN 65  65  65  GLN GLN A . n 
A 1 66  VAL 66  66  66  VAL VAL A . n 
A 1 67  GLU 67  67  67  GLU GLU A . n 
A 1 68  LEU 68  68  68  LEU LEU A . n 
A 1 69  CYS 69  69  69  CYS CYS A . n 
A 1 70  ALA 70  70  70  ALA ALA A . n 
A 1 71  GLN 71  71  71  GLN GLN A . n 
A 1 72  LYS 72  72  72  LYS LYS A . n 
A 1 73  TYR 73  73  73  TYR TYR A . n 
A 1 74  GLN 74  74  74  GLN GLN A . n 
A 1 75  LYS 75  75  75  LYS LYS A . n 
A 1 76  LEU 76  76  76  LEU LEU A . n 
A 1 77  ALA 77  77  77  ALA ALA A . n 
A 1 78  GLU 78  78  78  GLU GLU A . n 
A 1 79  LEU 79  79  79  LEU LEU A . n 
A 1 80  VAL 80  80  80  VAL VAL A . n 
A 1 81  PRO 81  81  81  PRO PRO A . n 
A 1 82  ALA 82  82  82  ALA ALA A . n 
A 1 83  GLY 83  83  83  GLY GLY A . n 
A 1 84  GLN 84  84  84  GLN GLN A . n 
A 1 85  TYR 85  85  85  TYR TYR A . n 
A 1 86  TYR 86  86  86  TYR TYR A . n 
A 1 87  ARG 87  87  87  ARG ARG A . n 
A 1 88  TYR 88  88  88  TYR TYR A . n 
A 1 89  SER 89  89  89  SER SER A . n 
A 1 90  ASP 90  90  90  ASP ASP A . n 
A 1 91  HIS 91  91  91  HIS HIS A . n 
A 1 92  TRP 92  92  92  TRP TRP A . n 
A 1 93  THR 93  93  93  THR THR A . n 
A 1 94  PHE 94  94  94  PHE PHE A . n 
A 1 95  ILE 95  95  95  ILE ILE A . n 
A 1 96  THR 96  96  96  THR THR A . n 
A 1 97  GLN 97  97  97  GLN GLN A . n 
A 1 98  ARG 98  98  98  ARG ARG A . n 
A 1 99  LEU 99  99  99  LEU LEU A . n 
A 1 100 ILE 100 100 100 ILE ILE A . n 
A 1 101 PHE 101 101 101 PHE PHE A . n 
A 1 102 ILE 102 102 102 ILE ILE A . n 
A 1 103 ILE 103 103 103 ILE ILE A . n 
A 1 104 ALA 104 104 104 ALA ALA A . n 
A 1 105 LEU 105 105 105 LEU LEU A . n 
A 1 106 VAL 106 106 106 VAL VAL A . n 
A 1 107 ILE 107 107 107 ILE ILE A . n 
A 1 108 TYR 108 108 108 TYR TYR A . n 
A 1 109 LEU 109 109 109 LEU LEU A . n 
A 1 110 GLU 110 110 110 GLU GLU A . n 
A 1 111 ALA 111 111 111 ALA ALA A . n 
A 1 112 GLY 112 112 112 GLY GLY A . n 
A 1 113 PHE 113 113 113 PHE PHE A . n 
A 1 114 LEU 114 114 114 LEU LEU A . n 
A 1 115 VAL 115 115 115 VAL VAL A . n 
A 1 116 THR 116 116 116 THR THR A . n 
A 1 117 ARG 117 117 117 ARG ARG A . n 
A 1 118 GLU 118 118 118 GLU GLU A . n 
A 1 119 THR 119 119 119 THR THR A . n 
A 1 120 VAL 120 120 120 VAL VAL A . n 
A 1 121 ALA 121 121 121 ALA ALA A . n 
A 1 122 GLU 122 122 122 GLU GLU A . n 
A 1 123 MET 123 123 123 MET MET A . n 
A 1 124 LEU 124 124 124 LEU LEU A . n 
A 1 125 GLY 125 125 125 GLY GLY A . n 
A 1 126 LEU 126 126 126 LEU LEU A . n 
A 1 127 LYS 127 127 127 LYS LYS A . n 
A 1 128 ILE 128 128 128 ILE ILE A . n 
A 1 129 SER 129 129 129 SER SER A . n 
A 1 130 GLN 130 130 130 GLN GLN A . n 
A 1 131 SER 131 131 131 SER SER A . n 
A 1 132 GLU 132 132 132 GLU GLU A . n 
A 1 133 GLY 133 133 133 GLY GLY A . n 
A 1 134 PHE 134 134 134 PHE PHE A . n 
A 1 135 HIS 135 135 135 HIS HIS A . n 
A 1 136 LEU 136 136 136 LEU LEU A . n 
A 1 137 ASP 137 137 137 ASP ASP A . n 
A 1 138 VAL 138 138 138 VAL VAL A . n 
A 1 139 GLU 139 139 139 GLU GLU A . n 
A 1 140 ASP 140 140 140 ASP ASP A . n 
A 1 141 TYR 141 141 141 TYR TYR A . n 
A 1 142 LEU 142 142 142 LEU LEU A . n 
A 1 143 LEU 143 143 143 LEU LEU A . n 
A 1 144 GLY 144 144 144 GLY GLY A . n 
A 1 145 ILE 145 145 145 ILE ILE A . n 
A 1 146 LEU 146 146 146 LEU LEU A . n 
A 1 147 GLN 147 147 147 GLN GLN A . n 
A 1 148 LEU 148 148 148 LEU LEU A . n 
A 1 149 ALA 149 149 149 ALA ALA A . n 
A 1 150 SER 150 150 150 SER SER A . n 
A 1 151 GLU 151 151 151 GLU GLU A . n 
A 1 152 LEU 152 152 152 LEU LEU A . n 
A 1 153 SER 153 153 153 SER SER A . n 
A 1 154 ARG 154 154 154 ARG ARG A . n 
A 1 155 PHE 155 155 155 PHE PHE A . n 
A 1 156 ALA 156 156 156 ALA ALA A . n 
A 1 157 THR 157 157 157 THR THR A . n 
A 1 158 ASN 158 158 158 ASN ASN A . n 
A 1 159 SER 159 159 159 SER SER A . n 
A 1 160 VAL 160 160 160 VAL VAL A . n 
A 1 161 THR 161 161 161 THR THR A . n 
A 1 162 MET 162 162 162 MET MET A . n 
A 1 163 GLY 163 163 163 GLY GLY A . n 
A 1 164 ASP 164 164 164 ASP ASP A . n 
A 1 165 TYR 165 165 165 TYR TYR A . n 
A 1 166 GLU 166 166 166 GLU GLU A . n 
A 1 167 ARG 167 167 167 ARG ARG A . n 
A 1 168 SER 168 168 168 SER SER A . n 
A 1 169 LEU 169 169 169 LEU LEU A . n 
A 1 170 ASN 170 170 170 ASN ASN A . n 
A 1 171 ILE 171 171 171 ILE ILE A . n 
A 1 172 SER 172 172 172 SER SER A . n 
A 1 173 HIS 173 173 173 HIS HIS A . n 
A 1 174 PHE 174 174 174 PHE PHE A . n 
A 1 175 ILE 175 175 175 ILE ILE A . n 
A 1 176 GLY 176 176 176 GLY GLY A . n 
A 1 177 ASP 177 177 177 ASP ASP A . n 
A 1 178 LEU 178 178 178 LEU LEU A . n 
A 1 179 ASN 179 179 179 ASN ASN A . n 
A 1 180 THR 180 180 180 THR THR A . n 
A 1 181 GLY 181 181 181 GLY GLY A . n 
A 1 182 PHE 182 182 182 PHE PHE A . n 
A 1 183 ARG 183 183 183 ARG ARG A . n 
A 1 184 LEU 184 184 184 LEU LEU A . n 
A 1 185 LEU 185 185 185 LEU LEU A . n 
A 1 186 ASN 186 186 186 ASN ASN A . n 
A 1 187 LEU 187 187 187 LEU LEU A . n 
A 1 188 LYS 188 188 ?   ?   ?   A . n 
A 1 189 ASN 189 189 ?   ?   ?   A . n 
A 1 190 ASP 190 190 ?   ?   ?   A . n 
A 1 191 GLY 191 191 ?   ?   ?   A . n 
A 1 192 LEU 192 192 ?   ?   ?   A . n 
A 1 193 ARG 193 193 ?   ?   ?   A . n 
A 1 194 LYS 194 194 ?   ?   ?   A . n 
A 1 195 ARG 195 195 ?   ?   ?   A . n 
A 1 196 PHE 196 196 ?   ?   ?   A . n 
A 1 197 ASP 197 197 ?   ?   ?   A . n 
A 1 198 ALA 198 198 ?   ?   ?   A . n 
A 1 199 LEU 199 199 ?   ?   ?   A . n 
A 1 200 LYS 200 200 ?   ?   ?   A . n 
A 1 201 TYR 201 201 ?   ?   ?   A . n 
A 1 202 ASP 202 202 ?   ?   ?   A . n 
A 1 203 VAL 203 203 ?   ?   ?   A . n 
A 1 204 LYS 204 204 ?   ?   ?   A . n 
A 1 205 LYS 205 205 ?   ?   ?   A . n 
A 1 206 ILE 206 206 ?   ?   ?   A . n 
A 1 207 GLU 207 207 ?   ?   ?   A . n 
A 1 208 GLU 208 208 ?   ?   ?   A . n 
A 1 209 VAL 209 209 ?   ?   ?   A . n 
A 1 210 VAL 210 210 ?   ?   ?   A . n 
A 1 211 TYR 211 211 ?   ?   ?   A . n 
A 1 212 ASP 212 212 ?   ?   ?   A . n 
A 1 213 VAL 213 213 ?   ?   ?   A . n 
A 1 214 SER 214 214 ?   ?   ?   A . n 
A 1 215 ILE 215 215 ?   ?   ?   A . n 
A 1 216 ARG 216 216 ?   ?   ?   A . n 
A 1 217 GLY 217 217 ?   ?   ?   A . n 
A 1 218 LEU 218 218 ?   ?   ?   A . n 
A 1 219 SER 219 219 ?   ?   ?   A . n 
A 1 220 SER 220 220 ?   ?   ?   A . n 
A 1 221 LYS 221 221 ?   ?   ?   A . n 
A 1 222 GLU 222 222 ?   ?   ?   A . n 
A 1 223 LYS 223 223 ?   ?   ?   A . n 
A 1 224 ASP 224 224 ?   ?   ?   A . n 
A 1 225 GLN 225 225 ?   ?   ?   A . n 
A 1 226 GLN 226 226 ?   ?   ?   A . n 
A 1 227 GLU 227 227 ?   ?   ?   A . n 
A 1 228 GLU 228 228 ?   ?   ?   A . n 
A 1 229 PRO 229 229 ?   ?   ?   A . n 
A 1 230 ALA 230 230 ?   ?   ?   A . n 
A 1 231 VAL 231 231 ?   ?   ?   A . n 
A 1 232 PRO 232 232 ?   ?   ?   A . n 
A 1 233 ALA 233 233 ?   ?   ?   A . n 
A 1 234 THR 234 234 ?   ?   ?   A . n 
A 1 235 GLU 235 235 ?   ?   ?   A . n 
# 
_pdbx_struct_assembly.id                   1 
_pdbx_struct_assembly.details              author_and_software_defined_assembly 
_pdbx_struct_assembly.method_details       PISA 
_pdbx_struct_assembly.oligomeric_details   tetrameric 
_pdbx_struct_assembly.oligomeric_count     4 
# 
_pdbx_struct_assembly_gen.assembly_id       1 
_pdbx_struct_assembly_gen.oper_expression   1,2,3,4 
_pdbx_struct_assembly_gen.asym_id_list      A 
# 
loop_
_pdbx_struct_assembly_prop.biol_id 
_pdbx_struct_assembly_prop.type 
_pdbx_struct_assembly_prop.value 
_pdbx_struct_assembly_prop.details 
1 'ABSA (A^2)' 9290  ? 
1 MORE         -67   ? 
1 'SSA (A^2)'  35320 ? 
# 
loop_
_pdbx_struct_oper_list.id 
_pdbx_struct_oper_list.type 
_pdbx_struct_oper_list.name 
_pdbx_struct_oper_list.symmetry_operation 
_pdbx_struct_oper_list.matrix[1][1] 
_pdbx_struct_oper_list.matrix[1][2] 
_pdbx_struct_oper_list.matrix[1][3] 
_pdbx_struct_oper_list.vector[1] 
_pdbx_struct_oper_list.matrix[2][1] 
_pdbx_struct_oper_list.matrix[2][2] 
_pdbx_struct_oper_list.matrix[2][3] 
_pdbx_struct_oper_list.vector[2] 
_pdbx_struct_oper_list.matrix[3][1] 
_pdbx_struct_oper_list.matrix[3][2] 
_pdbx_struct_oper_list.matrix[3][3] 
_pdbx_struct_oper_list.vector[3] 
1 'identity operation'         1_555  x,y,z          1.0000000000  0.0000000000  0.0000000000  0.0000000000  0.0000000000  1.0000000000  0.0000000000  0.0000000000   0.0000000000  0.0000000000  1.0000000000  0.0000000000   
2 'crystal symmetry operation' 4_565  -x,-y+1,z      -0.9850055431 0.0292200692  -0.1700301964 24.3008793440 0.0292200692  -0.9430581282 -0.3313420506 -25.1215524251 -0.1700301964 -0.3313420506 0.9280636712  -2.1741727046  
3 'crystal symmetry operation' 9_555  -x,-x+y,-z+1/3 0.8278610902  0.5032874925  0.2476847093  11.4182933673 0.5032874925  -0.8614236599 0.0681980797  -24.0906442762 0.2476847093  0.0681980797  -0.9664374303 -35.3131779401 
4 'crystal symmetry operation' 12_565 x,x-y+1,-z+1/3 -0.8428555471 -0.5325075618 -0.0776545129 18.3541733723 -0.5325075618 0.8044817880  0.2631439709  9.6317095856   -0.0776545129 0.2631439709  -0.9616262409 -28.9062614555 
# 
loop_
_pdbx_audit_revision_history.ordinal 
_pdbx_audit_revision_history.data_content_type 
_pdbx_audit_revision_history.major_revision 
_pdbx_audit_revision_history.minor_revision 
_pdbx_audit_revision_history.revision_date 
1 'Structure model' 1 0 2008-08-05 
2 'Structure model' 1 1 2011-07-13 
3 'Structure model' 1 2 2017-10-25 
4 'Structure model' 1 3 2021-11-10 
5 'Structure model' 1 4 2023-10-25 
# 
_pdbx_audit_revision_details.ordinal             1 
_pdbx_audit_revision_details.revision_ordinal    1 
_pdbx_audit_revision_details.data_content_type   'Structure model' 
_pdbx_audit_revision_details.provider            repository 
_pdbx_audit_revision_details.type                'Initial release' 
_pdbx_audit_revision_details.description         ? 
_pdbx_audit_revision_details.details             ? 
# 
loop_
_pdbx_audit_revision_group.ordinal 
_pdbx_audit_revision_group.revision_ordinal 
_pdbx_audit_revision_group.data_content_type 
_pdbx_audit_revision_group.group 
1 2 'Structure model' 'Version format compliance' 
2 3 'Structure model' 'Refinement description'    
3 4 'Structure model' 'Database references'       
4 5 'Structure model' 'Data collection'           
5 5 'Structure model' 'Refinement description'    
# 
loop_
_pdbx_audit_revision_category.ordinal 
_pdbx_audit_revision_category.revision_ordinal 
_pdbx_audit_revision_category.data_content_type 
_pdbx_audit_revision_category.category 
1 3 'Structure model' software                      
2 4 'Structure model' database_2                    
3 4 'Structure model' struct_ref_seq_dif            
4 5 'Structure model' chem_comp_atom                
5 5 'Structure model' chem_comp_bond                
6 5 'Structure model' pdbx_initial_refinement_model 
# 
loop_
_pdbx_audit_revision_item.ordinal 
_pdbx_audit_revision_item.revision_ordinal 
_pdbx_audit_revision_item.data_content_type 
_pdbx_audit_revision_item.item 
1 4 'Structure model' '_database_2.pdbx_DOI'                
2 4 'Structure model' '_database_2.pdbx_database_accession' 
3 4 'Structure model' '_struct_ref_seq_dif.details'         
# 
loop_
_software.name 
_software.classification 
_software.version 
_software.citation_id 
_software.pdbx_ordinal 
REFMAC refinement       5.2.0005 ? 1 
MOSFLM 'data reduction' .        ? 2 
SCALA  'data scaling'   .        ? 3 
AMoRE  phasing          .        ? 4 
# 
_pdbx_validate_close_contact.id               1 
_pdbx_validate_close_contact.PDB_model_num    1 
_pdbx_validate_close_contact.auth_atom_id_1   O 
_pdbx_validate_close_contact.auth_asym_id_1   A 
_pdbx_validate_close_contact.auth_comp_id_1   TYR 
_pdbx_validate_close_contact.auth_seq_id_1    88 
_pdbx_validate_close_contact.PDB_ins_code_1   ? 
_pdbx_validate_close_contact.label_alt_id_1   ? 
_pdbx_validate_close_contact.auth_atom_id_2   N 
_pdbx_validate_close_contact.auth_asym_id_2   A 
_pdbx_validate_close_contact.auth_comp_id_2   ASP 
_pdbx_validate_close_contact.auth_seq_id_2    90 
_pdbx_validate_close_contact.PDB_ins_code_2   ? 
_pdbx_validate_close_contact.label_alt_id_2   ? 
_pdbx_validate_close_contact.dist             2.19 
# 
_pdbx_validate_rmsd_angle.id                         1 
_pdbx_validate_rmsd_angle.PDB_model_num              1 
_pdbx_validate_rmsd_angle.auth_atom_id_1             CA 
_pdbx_validate_rmsd_angle.auth_asym_id_1             A 
_pdbx_validate_rmsd_angle.auth_comp_id_1             CYS 
_pdbx_validate_rmsd_angle.auth_seq_id_1              69 
_pdbx_validate_rmsd_angle.PDB_ins_code_1             ? 
_pdbx_validate_rmsd_angle.label_alt_id_1             ? 
_pdbx_validate_rmsd_angle.auth_atom_id_2             CB 
_pdbx_validate_rmsd_angle.auth_asym_id_2             A 
_pdbx_validate_rmsd_angle.auth_comp_id_2             CYS 
_pdbx_validate_rmsd_angle.auth_seq_id_2              69 
_pdbx_validate_rmsd_angle.PDB_ins_code_2             ? 
_pdbx_validate_rmsd_angle.label_alt_id_2             ? 
_pdbx_validate_rmsd_angle.auth_atom_id_3             SG 
_pdbx_validate_rmsd_angle.auth_asym_id_3             A 
_pdbx_validate_rmsd_angle.auth_comp_id_3             CYS 
_pdbx_validate_rmsd_angle.auth_seq_id_3              69 
_pdbx_validate_rmsd_angle.PDB_ins_code_3             ? 
_pdbx_validate_rmsd_angle.label_alt_id_3             ? 
_pdbx_validate_rmsd_angle.angle_value                121.90 
_pdbx_validate_rmsd_angle.angle_target_value         114.20 
_pdbx_validate_rmsd_angle.angle_deviation            7.70 
_pdbx_validate_rmsd_angle.angle_standard_deviation   1.10 
_pdbx_validate_rmsd_angle.linker_flag                N 
# 
loop_
_pdbx_validate_torsion.id 
_pdbx_validate_torsion.PDB_model_num 
_pdbx_validate_torsion.auth_comp_id 
_pdbx_validate_torsion.auth_asym_id 
_pdbx_validate_torsion.auth_seq_id 
_pdbx_validate_torsion.PDB_ins_code 
_pdbx_validate_torsion.label_alt_id 
_pdbx_validate_torsion.phi 
_pdbx_validate_torsion.psi 
1  1 LEU A 7   ? ? -73.87  26.81   
2  1 VAL A 31  ? ? -49.43  -17.11  
3  1 LEU A 37  ? ? -53.74  -72.85  
4  1 LEU A 45  ? ? -52.20  0.71    
5  1 TYR A 73  ? ? -53.90  26.07   
6  1 GLN A 74  ? ? -137.15 -30.94  
7  1 ALA A 82  ? ? 52.31   -127.73 
8  1 SER A 89  ? ? -30.91  -16.89  
9  1 TRP A 92  ? ? -107.05 51.50   
10 1 GLU A 110 ? ? -40.71  -70.53  
11 1 GLN A 130 ? ? 1.10    -63.07  
12 1 PHE A 134 ? ? -56.21  106.53  
13 1 ASP A 164 ? ? -88.18  47.07   
14 1 TYR A 165 ? ? -25.41  -37.54  
15 1 LEU A 185 ? ? -116.15 -123.51 
# 
loop_
_pdbx_unobs_or_zero_occ_residues.id 
_pdbx_unobs_or_zero_occ_residues.PDB_model_num 
_pdbx_unobs_or_zero_occ_residues.polymer_flag 
_pdbx_unobs_or_zero_occ_residues.occupancy_flag 
_pdbx_unobs_or_zero_occ_residues.auth_asym_id 
_pdbx_unobs_or_zero_occ_residues.auth_comp_id 
_pdbx_unobs_or_zero_occ_residues.auth_seq_id 
_pdbx_unobs_or_zero_occ_residues.PDB_ins_code 
_pdbx_unobs_or_zero_occ_residues.label_asym_id 
_pdbx_unobs_or_zero_occ_residues.label_comp_id 
_pdbx_unobs_or_zero_occ_residues.label_seq_id 
1  1 Y 1 A MET 1   ? A MET 1   
2  1 Y 1 A SER 2   ? A SER 2   
3  1 Y 1 A LYS 188 ? A LYS 188 
4  1 Y 1 A ASN 189 ? A ASN 189 
5  1 Y 1 A ASP 190 ? A ASP 190 
6  1 Y 1 A GLY 191 ? A GLY 191 
7  1 Y 1 A LEU 192 ? A LEU 192 
8  1 Y 1 A ARG 193 ? A ARG 193 
9  1 Y 1 A LYS 194 ? A LYS 194 
10 1 Y 1 A ARG 195 ? A ARG 195 
11 1 Y 1 A PHE 196 ? A PHE 196 
12 1 Y 1 A ASP 197 ? A ASP 197 
13 1 Y 1 A ALA 198 ? A ALA 198 
14 1 Y 1 A LEU 199 ? A LEU 199 
15 1 Y 1 A LYS 200 ? A LYS 200 
16 1 Y 1 A TYR 201 ? A TYR 201 
17 1 Y 1 A ASP 202 ? A ASP 202 
18 1 Y 1 A VAL 203 ? A VAL 203 
19 1 Y 1 A LYS 204 ? A LYS 204 
20 1 Y 1 A LYS 205 ? A LYS 205 
21 1 Y 1 A ILE 206 ? A ILE 206 
22 1 Y 1 A GLU 207 ? A GLU 207 
23 1 Y 1 A GLU 208 ? A GLU 208 
24 1 Y 1 A VAL 209 ? A VAL 209 
25 1 Y 1 A VAL 210 ? A VAL 210 
26 1 Y 1 A TYR 211 ? A TYR 211 
27 1 Y 1 A ASP 212 ? A ASP 212 
28 1 Y 1 A VAL 213 ? A VAL 213 
29 1 Y 1 A SER 214 ? A SER 214 
30 1 Y 1 A ILE 215 ? A ILE 215 
31 1 Y 1 A ARG 216 ? A ARG 216 
32 1 Y 1 A GLY 217 ? A GLY 217 
33 1 Y 1 A LEU 218 ? A LEU 218 
34 1 Y 1 A SER 219 ? A SER 219 
35 1 Y 1 A SER 220 ? A SER 220 
36 1 Y 1 A LYS 221 ? A LYS 221 
37 1 Y 1 A GLU 222 ? A GLU 222 
38 1 Y 1 A LYS 223 ? A LYS 223 
39 1 Y 1 A ASP 224 ? A ASP 224 
40 1 Y 1 A GLN 225 ? A GLN 225 
41 1 Y 1 A GLN 226 ? A GLN 226 
42 1 Y 1 A GLU 227 ? A GLU 227 
43 1 Y 1 A GLU 228 ? A GLU 228 
44 1 Y 1 A PRO 229 ? A PRO 229 
45 1 Y 1 A ALA 230 ? A ALA 230 
46 1 Y 1 A VAL 231 ? A VAL 231 
47 1 Y 1 A PRO 232 ? A PRO 232 
48 1 Y 1 A ALA 233 ? A ALA 233 
49 1 Y 1 A THR 234 ? A THR 234 
50 1 Y 1 A GLU 235 ? A GLU 235 
# 
loop_
_chem_comp_atom.comp_id 
_chem_comp_atom.atom_id 
_chem_comp_atom.type_symbol 
_chem_comp_atom.pdbx_aromatic_flag 
_chem_comp_atom.pdbx_stereo_config 
_chem_comp_atom.pdbx_ordinal 
ALA N    N N N 1   
ALA CA   C N S 2   
ALA C    C N N 3   
ALA O    O N N 4   
ALA CB   C N N 5   
ALA OXT  O N N 6   
ALA H    H N N 7   
ALA H2   H N N 8   
ALA HA   H N N 9   
ALA HB1  H N N 10  
ALA HB2  H N N 11  
ALA HB3  H N N 12  
ALA HXT  H N N 13  
ARG N    N N N 14  
ARG CA   C N S 15  
ARG C    C N N 16  
ARG O    O N N 17  
ARG CB   C N N 18  
ARG CG   C N N 19  
ARG CD   C N N 20  
ARG NE   N N N 21  
ARG CZ   C N N 22  
ARG NH1  N N N 23  
ARG NH2  N N N 24  
ARG OXT  O N N 25  
ARG H    H N N 26  
ARG H2   H N N 27  
ARG HA   H N N 28  
ARG HB2  H N N 29  
ARG HB3  H N N 30  
ARG HG2  H N N 31  
ARG HG3  H N N 32  
ARG HD2  H N N 33  
ARG HD3  H N N 34  
ARG HE   H N N 35  
ARG HH11 H N N 36  
ARG HH12 H N N 37  
ARG HH21 H N N 38  
ARG HH22 H N N 39  
ARG HXT  H N N 40  
ASN N    N N N 41  
ASN CA   C N S 42  
ASN C    C N N 43  
ASN O    O N N 44  
ASN CB   C N N 45  
ASN CG   C N N 46  
ASN OD1  O N N 47  
ASN ND2  N N N 48  
ASN OXT  O N N 49  
ASN H    H N N 50  
ASN H2   H N N 51  
ASN HA   H N N 52  
ASN HB2  H N N 53  
ASN HB3  H N N 54  
ASN HD21 H N N 55  
ASN HD22 H N N 56  
ASN HXT  H N N 57  
ASP N    N N N 58  
ASP CA   C N S 59  
ASP C    C N N 60  
ASP O    O N N 61  
ASP CB   C N N 62  
ASP CG   C N N 63  
ASP OD1  O N N 64  
ASP OD2  O N N 65  
ASP OXT  O N N 66  
ASP H    H N N 67  
ASP H2   H N N 68  
ASP HA   H N N 69  
ASP HB2  H N N 70  
ASP HB3  H N N 71  
ASP HD2  H N N 72  
ASP HXT  H N N 73  
CYS N    N N N 74  
CYS CA   C N R 75  
CYS C    C N N 76  
CYS O    O N N 77  
CYS CB   C N N 78  
CYS SG   S N N 79  
CYS OXT  O N N 80  
CYS H    H N N 81  
CYS H2   H N N 82  
CYS HA   H N N 83  
CYS HB2  H N N 84  
CYS HB3  H N N 85  
CYS HG   H N N 86  
CYS HXT  H N N 87  
GLN N    N N N 88  
GLN CA   C N S 89  
GLN C    C N N 90  
GLN O    O N N 91  
GLN CB   C N N 92  
GLN CG   C N N 93  
GLN CD   C N N 94  
GLN OE1  O N N 95  
GLN NE2  N N N 96  
GLN OXT  O N N 97  
GLN H    H N N 98  
GLN H2   H N N 99  
GLN HA   H N N 100 
GLN HB2  H N N 101 
GLN HB3  H N N 102 
GLN HG2  H N N 103 
GLN HG3  H N N 104 
GLN HE21 H N N 105 
GLN HE22 H N N 106 
GLN HXT  H N N 107 
GLU N    N N N 108 
GLU CA   C N S 109 
GLU C    C N N 110 
GLU O    O N N 111 
GLU CB   C N N 112 
GLU CG   C N N 113 
GLU CD   C N N 114 
GLU OE1  O N N 115 
GLU OE2  O N N 116 
GLU OXT  O N N 117 
GLU H    H N N 118 
GLU H2   H N N 119 
GLU HA   H N N 120 
GLU HB2  H N N 121 
GLU HB3  H N N 122 
GLU HG2  H N N 123 
GLU HG3  H N N 124 
GLU HE2  H N N 125 
GLU HXT  H N N 126 
GLY N    N N N 127 
GLY CA   C N N 128 
GLY C    C N N 129 
GLY O    O N N 130 
GLY OXT  O N N 131 
GLY H    H N N 132 
GLY H2   H N N 133 
GLY HA2  H N N 134 
GLY HA3  H N N 135 
GLY HXT  H N N 136 
HIS N    N N N 137 
HIS CA   C N S 138 
HIS C    C N N 139 
HIS O    O N N 140 
HIS CB   C N N 141 
HIS CG   C Y N 142 
HIS ND1  N Y N 143 
HIS CD2  C Y N 144 
HIS CE1  C Y N 145 
HIS NE2  N Y N 146 
HIS OXT  O N N 147 
HIS H    H N N 148 
HIS H2   H N N 149 
HIS HA   H N N 150 
HIS HB2  H N N 151 
HIS HB3  H N N 152 
HIS HD1  H N N 153 
HIS HD2  H N N 154 
HIS HE1  H N N 155 
HIS HE2  H N N 156 
HIS HXT  H N N 157 
ILE N    N N N 158 
ILE CA   C N S 159 
ILE C    C N N 160 
ILE O    O N N 161 
ILE CB   C N S 162 
ILE CG1  C N N 163 
ILE CG2  C N N 164 
ILE CD1  C N N 165 
ILE OXT  O N N 166 
ILE H    H N N 167 
ILE H2   H N N 168 
ILE HA   H N N 169 
ILE HB   H N N 170 
ILE HG12 H N N 171 
ILE HG13 H N N 172 
ILE HG21 H N N 173 
ILE HG22 H N N 174 
ILE HG23 H N N 175 
ILE HD11 H N N 176 
ILE HD12 H N N 177 
ILE HD13 H N N 178 
ILE HXT  H N N 179 
LEU N    N N N 180 
LEU CA   C N S 181 
LEU C    C N N 182 
LEU O    O N N 183 
LEU CB   C N N 184 
LEU CG   C N N 185 
LEU CD1  C N N 186 
LEU CD2  C N N 187 
LEU OXT  O N N 188 
LEU H    H N N 189 
LEU H2   H N N 190 
LEU HA   H N N 191 
LEU HB2  H N N 192 
LEU HB3  H N N 193 
LEU HG   H N N 194 
LEU HD11 H N N 195 
LEU HD12 H N N 196 
LEU HD13 H N N 197 
LEU HD21 H N N 198 
LEU HD22 H N N 199 
LEU HD23 H N N 200 
LEU HXT  H N N 201 
LYS N    N N N 202 
LYS CA   C N S 203 
LYS C    C N N 204 
LYS O    O N N 205 
LYS CB   C N N 206 
LYS CG   C N N 207 
LYS CD   C N N 208 
LYS CE   C N N 209 
LYS NZ   N N N 210 
LYS OXT  O N N 211 
LYS H    H N N 212 
LYS H2   H N N 213 
LYS HA   H N N 214 
LYS HB2  H N N 215 
LYS HB3  H N N 216 
LYS HG2  H N N 217 
LYS HG3  H N N 218 
LYS HD2  H N N 219 
LYS HD3  H N N 220 
LYS HE2  H N N 221 
LYS HE3  H N N 222 
LYS HZ1  H N N 223 
LYS HZ2  H N N 224 
LYS HZ3  H N N 225 
LYS HXT  H N N 226 
MET N    N N N 227 
MET CA   C N S 228 
MET C    C N N 229 
MET O    O N N 230 
MET CB   C N N 231 
MET CG   C N N 232 
MET SD   S N N 233 
MET CE   C N N 234 
MET OXT  O N N 235 
MET H    H N N 236 
MET H2   H N N 237 
MET HA   H N N 238 
MET HB2  H N N 239 
MET HB3  H N N 240 
MET HG2  H N N 241 
MET HG3  H N N 242 
MET HE1  H N N 243 
MET HE2  H N N 244 
MET HE3  H N N 245 
MET HXT  H N N 246 
PHE N    N N N 247 
PHE CA   C N S 248 
PHE C    C N N 249 
PHE O    O N N 250 
PHE CB   C N N 251 
PHE CG   C Y N 252 
PHE CD1  C Y N 253 
PHE CD2  C Y N 254 
PHE CE1  C Y N 255 
PHE CE2  C Y N 256 
PHE CZ   C Y N 257 
PHE OXT  O N N 258 
PHE H    H N N 259 
PHE H2   H N N 260 
PHE HA   H N N 261 
PHE HB2  H N N 262 
PHE HB3  H N N 263 
PHE HD1  H N N 264 
PHE HD2  H N N 265 
PHE HE1  H N N 266 
PHE HE2  H N N 267 
PHE HZ   H N N 268 
PHE HXT  H N N 269 
PRO N    N N N 270 
PRO CA   C N S 271 
PRO C    C N N 272 
PRO O    O N N 273 
PRO CB   C N N 274 
PRO CG   C N N 275 
PRO CD   C N N 276 
PRO OXT  O N N 277 
PRO H    H N N 278 
PRO HA   H N N 279 
PRO HB2  H N N 280 
PRO HB3  H N N 281 
PRO HG2  H N N 282 
PRO HG3  H N N 283 
PRO HD2  H N N 284 
PRO HD3  H N N 285 
PRO HXT  H N N 286 
SER N    N N N 287 
SER CA   C N S 288 
SER C    C N N 289 
SER O    O N N 290 
SER CB   C N N 291 
SER OG   O N N 292 
SER OXT  O N N 293 
SER H    H N N 294 
SER H2   H N N 295 
SER HA   H N N 296 
SER HB2  H N N 297 
SER HB3  H N N 298 
SER HG   H N N 299 
SER HXT  H N N 300 
THR N    N N N 301 
THR CA   C N S 302 
THR C    C N N 303 
THR O    O N N 304 
THR CB   C N R 305 
THR OG1  O N N 306 
THR CG2  C N N 307 
THR OXT  O N N 308 
THR H    H N N 309 
THR H2   H N N 310 
THR HA   H N N 311 
THR HB   H N N 312 
THR HG1  H N N 313 
THR HG21 H N N 314 
THR HG22 H N N 315 
THR HG23 H N N 316 
THR HXT  H N N 317 
TRP N    N N N 318 
TRP CA   C N S 319 
TRP C    C N N 320 
TRP O    O N N 321 
TRP CB   C N N 322 
TRP CG   C Y N 323 
TRP CD1  C Y N 324 
TRP CD2  C Y N 325 
TRP NE1  N Y N 326 
TRP CE2  C Y N 327 
TRP CE3  C Y N 328 
TRP CZ2  C Y N 329 
TRP CZ3  C Y N 330 
TRP CH2  C Y N 331 
TRP OXT  O N N 332 
TRP H    H N N 333 
TRP H2   H N N 334 
TRP HA   H N N 335 
TRP HB2  H N N 336 
TRP HB3  H N N 337 
TRP HD1  H N N 338 
TRP HE1  H N N 339 
TRP HE3  H N N 340 
TRP HZ2  H N N 341 
TRP HZ3  H N N 342 
TRP HH2  H N N 343 
TRP HXT  H N N 344 
TYR N    N N N 345 
TYR CA   C N S 346 
TYR C    C N N 347 
TYR O    O N N 348 
TYR CB   C N N 349 
TYR CG   C Y N 350 
TYR CD1  C Y N 351 
TYR CD2  C Y N 352 
TYR CE1  C Y N 353 
TYR CE2  C Y N 354 
TYR CZ   C Y N 355 
TYR OH   O N N 356 
TYR OXT  O N N 357 
TYR H    H N N 358 
TYR H2   H N N 359 
TYR HA   H N N 360 
TYR HB2  H N N 361 
TYR HB3  H N N 362 
TYR HD1  H N N 363 
TYR HD2  H N N 364 
TYR HE1  H N N 365 
TYR HE2  H N N 366 
TYR HH   H N N 367 
TYR HXT  H N N 368 
VAL N    N N N 369 
VAL CA   C N S 370 
VAL C    C N N 371 
VAL O    O N N 372 
VAL CB   C N N 373 
VAL CG1  C N N 374 
VAL CG2  C N N 375 
VAL OXT  O N N 376 
VAL H    H N N 377 
VAL H2   H N N 378 
VAL HA   H N N 379 
VAL HB   H N N 380 
VAL HG11 H N N 381 
VAL HG12 H N N 382 
VAL HG13 H N N 383 
VAL HG21 H N N 384 
VAL HG22 H N N 385 
VAL HG23 H N N 386 
VAL HXT  H N N 387 
# 
loop_
_chem_comp_bond.comp_id 
_chem_comp_bond.atom_id_1 
_chem_comp_bond.atom_id_2 
_chem_comp_bond.value_order 
_chem_comp_bond.pdbx_aromatic_flag 
_chem_comp_bond.pdbx_stereo_config 
_chem_comp_bond.pdbx_ordinal 
ALA N   CA   sing N N 1   
ALA N   H    sing N N 2   
ALA N   H2   sing N N 3   
ALA CA  C    sing N N 4   
ALA CA  CB   sing N N 5   
ALA CA  HA   sing N N 6   
ALA C   O    doub N N 7   
ALA C   OXT  sing N N 8   
ALA CB  HB1  sing N N 9   
ALA CB  HB2  sing N N 10  
ALA CB  HB3  sing N N 11  
ALA OXT HXT  sing N N 12  
ARG N   CA   sing N N 13  
ARG N   H    sing N N 14  
ARG N   H2   sing N N 15  
ARG CA  C    sing N N 16  
ARG CA  CB   sing N N 17  
ARG CA  HA   sing N N 18  
ARG C   O    doub N N 19  
ARG C   OXT  sing N N 20  
ARG CB  CG   sing N N 21  
ARG CB  HB2  sing N N 22  
ARG CB  HB3  sing N N 23  
ARG CG  CD   sing N N 24  
ARG CG  HG2  sing N N 25  
ARG CG  HG3  sing N N 26  
ARG CD  NE   sing N N 27  
ARG CD  HD2  sing N N 28  
ARG CD  HD3  sing N N 29  
ARG NE  CZ   sing N N 30  
ARG NE  HE   sing N N 31  
ARG CZ  NH1  sing N N 32  
ARG CZ  NH2  doub N N 33  
ARG NH1 HH11 sing N N 34  
ARG NH1 HH12 sing N N 35  
ARG NH2 HH21 sing N N 36  
ARG NH2 HH22 sing N N 37  
ARG OXT HXT  sing N N 38  
ASN N   CA   sing N N 39  
ASN N   H    sing N N 40  
ASN N   H2   sing N N 41  
ASN CA  C    sing N N 42  
ASN CA  CB   sing N N 43  
ASN CA  HA   sing N N 44  
ASN C   O    doub N N 45  
ASN C   OXT  sing N N 46  
ASN CB  CG   sing N N 47  
ASN CB  HB2  sing N N 48  
ASN CB  HB3  sing N N 49  
ASN CG  OD1  doub N N 50  
ASN CG  ND2  sing N N 51  
ASN ND2 HD21 sing N N 52  
ASN ND2 HD22 sing N N 53  
ASN OXT HXT  sing N N 54  
ASP N   CA   sing N N 55  
ASP N   H    sing N N 56  
ASP N   H2   sing N N 57  
ASP CA  C    sing N N 58  
ASP CA  CB   sing N N 59  
ASP CA  HA   sing N N 60  
ASP C   O    doub N N 61  
ASP C   OXT  sing N N 62  
ASP CB  CG   sing N N 63  
ASP CB  HB2  sing N N 64  
ASP CB  HB3  sing N N 65  
ASP CG  OD1  doub N N 66  
ASP CG  OD2  sing N N 67  
ASP OD2 HD2  sing N N 68  
ASP OXT HXT  sing N N 69  
CYS N   CA   sing N N 70  
CYS N   H    sing N N 71  
CYS N   H2   sing N N 72  
CYS CA  C    sing N N 73  
CYS CA  CB   sing N N 74  
CYS CA  HA   sing N N 75  
CYS C   O    doub N N 76  
CYS C   OXT  sing N N 77  
CYS CB  SG   sing N N 78  
CYS CB  HB2  sing N N 79  
CYS CB  HB3  sing N N 80  
CYS SG  HG   sing N N 81  
CYS OXT HXT  sing N N 82  
GLN N   CA   sing N N 83  
GLN N   H    sing N N 84  
GLN N   H2   sing N N 85  
GLN CA  C    sing N N 86  
GLN CA  CB   sing N N 87  
GLN CA  HA   sing N N 88  
GLN C   O    doub N N 89  
GLN C   OXT  sing N N 90  
GLN CB  CG   sing N N 91  
GLN CB  HB2  sing N N 92  
GLN CB  HB3  sing N N 93  
GLN CG  CD   sing N N 94  
GLN CG  HG2  sing N N 95  
GLN CG  HG3  sing N N 96  
GLN CD  OE1  doub N N 97  
GLN CD  NE2  sing N N 98  
GLN NE2 HE21 sing N N 99  
GLN NE2 HE22 sing N N 100 
GLN OXT HXT  sing N N 101 
GLU N   CA   sing N N 102 
GLU N   H    sing N N 103 
GLU N   H2   sing N N 104 
GLU CA  C    sing N N 105 
GLU CA  CB   sing N N 106 
GLU CA  HA   sing N N 107 
GLU C   O    doub N N 108 
GLU C   OXT  sing N N 109 
GLU CB  CG   sing N N 110 
GLU CB  HB2  sing N N 111 
GLU CB  HB3  sing N N 112 
GLU CG  CD   sing N N 113 
GLU CG  HG2  sing N N 114 
GLU CG  HG3  sing N N 115 
GLU CD  OE1  doub N N 116 
GLU CD  OE2  sing N N 117 
GLU OE2 HE2  sing N N 118 
GLU OXT HXT  sing N N 119 
GLY N   CA   sing N N 120 
GLY N   H    sing N N 121 
GLY N   H2   sing N N 122 
GLY CA  C    sing N N 123 
GLY CA  HA2  sing N N 124 
GLY CA  HA3  sing N N 125 
GLY C   O    doub N N 126 
GLY C   OXT  sing N N 127 
GLY OXT HXT  sing N N 128 
HIS N   CA   sing N N 129 
HIS N   H    sing N N 130 
HIS N   H2   sing N N 131 
HIS CA  C    sing N N 132 
HIS CA  CB   sing N N 133 
HIS CA  HA   sing N N 134 
HIS C   O    doub N N 135 
HIS C   OXT  sing N N 136 
HIS CB  CG   sing N N 137 
HIS CB  HB2  sing N N 138 
HIS CB  HB3  sing N N 139 
HIS CG  ND1  sing Y N 140 
HIS CG  CD2  doub Y N 141 
HIS ND1 CE1  doub Y N 142 
HIS ND1 HD1  sing N N 143 
HIS CD2 NE2  sing Y N 144 
HIS CD2 HD2  sing N N 145 
HIS CE1 NE2  sing Y N 146 
HIS CE1 HE1  sing N N 147 
HIS NE2 HE2  sing N N 148 
HIS OXT HXT  sing N N 149 
ILE N   CA   sing N N 150 
ILE N   H    sing N N 151 
ILE N   H2   sing N N 152 
ILE CA  C    sing N N 153 
ILE CA  CB   sing N N 154 
ILE CA  HA   sing N N 155 
ILE C   O    doub N N 156 
ILE C   OXT  sing N N 157 
ILE CB  CG1  sing N N 158 
ILE CB  CG2  sing N N 159 
ILE CB  HB   sing N N 160 
ILE CG1 CD1  sing N N 161 
ILE CG1 HG12 sing N N 162 
ILE CG1 HG13 sing N N 163 
ILE CG2 HG21 sing N N 164 
ILE CG2 HG22 sing N N 165 
ILE CG2 HG23 sing N N 166 
ILE CD1 HD11 sing N N 167 
ILE CD1 HD12 sing N N 168 
ILE CD1 HD13 sing N N 169 
ILE OXT HXT  sing N N 170 
LEU N   CA   sing N N 171 
LEU N   H    sing N N 172 
LEU N   H2   sing N N 173 
LEU CA  C    sing N N 174 
LEU CA  CB   sing N N 175 
LEU CA  HA   sing N N 176 
LEU C   O    doub N N 177 
LEU C   OXT  sing N N 178 
LEU CB  CG   sing N N 179 
LEU CB  HB2  sing N N 180 
LEU CB  HB3  sing N N 181 
LEU CG  CD1  sing N N 182 
LEU CG  CD2  sing N N 183 
LEU CG  HG   sing N N 184 
LEU CD1 HD11 sing N N 185 
LEU CD1 HD12 sing N N 186 
LEU CD1 HD13 sing N N 187 
LEU CD2 HD21 sing N N 188 
LEU CD2 HD22 sing N N 189 
LEU CD2 HD23 sing N N 190 
LEU OXT HXT  sing N N 191 
LYS N   CA   sing N N 192 
LYS N   H    sing N N 193 
LYS N   H2   sing N N 194 
LYS CA  C    sing N N 195 
LYS CA  CB   sing N N 196 
LYS CA  HA   sing N N 197 
LYS C   O    doub N N 198 
LYS C   OXT  sing N N 199 
LYS CB  CG   sing N N 200 
LYS CB  HB2  sing N N 201 
LYS CB  HB3  sing N N 202 
LYS CG  CD   sing N N 203 
LYS CG  HG2  sing N N 204 
LYS CG  HG3  sing N N 205 
LYS CD  CE   sing N N 206 
LYS CD  HD2  sing N N 207 
LYS CD  HD3  sing N N 208 
LYS CE  NZ   sing N N 209 
LYS CE  HE2  sing N N 210 
LYS CE  HE3  sing N N 211 
LYS NZ  HZ1  sing N N 212 
LYS NZ  HZ2  sing N N 213 
LYS NZ  HZ3  sing N N 214 
LYS OXT HXT  sing N N 215 
MET N   CA   sing N N 216 
MET N   H    sing N N 217 
MET N   H2   sing N N 218 
MET CA  C    sing N N 219 
MET CA  CB   sing N N 220 
MET CA  HA   sing N N 221 
MET C   O    doub N N 222 
MET C   OXT  sing N N 223 
MET CB  CG   sing N N 224 
MET CB  HB2  sing N N 225 
MET CB  HB3  sing N N 226 
MET CG  SD   sing N N 227 
MET CG  HG2  sing N N 228 
MET CG  HG3  sing N N 229 
MET SD  CE   sing N N 230 
MET CE  HE1  sing N N 231 
MET CE  HE2  sing N N 232 
MET CE  HE3  sing N N 233 
MET OXT HXT  sing N N 234 
PHE N   CA   sing N N 235 
PHE N   H    sing N N 236 
PHE N   H2   sing N N 237 
PHE CA  C    sing N N 238 
PHE CA  CB   sing N N 239 
PHE CA  HA   sing N N 240 
PHE C   O    doub N N 241 
PHE C   OXT  sing N N 242 
PHE CB  CG   sing N N 243 
PHE CB  HB2  sing N N 244 
PHE CB  HB3  sing N N 245 
PHE CG  CD1  doub Y N 246 
PHE CG  CD2  sing Y N 247 
PHE CD1 CE1  sing Y N 248 
PHE CD1 HD1  sing N N 249 
PHE CD2 CE2  doub Y N 250 
PHE CD2 HD2  sing N N 251 
PHE CE1 CZ   doub Y N 252 
PHE CE1 HE1  sing N N 253 
PHE CE2 CZ   sing Y N 254 
PHE CE2 HE2  sing N N 255 
PHE CZ  HZ   sing N N 256 
PHE OXT HXT  sing N N 257 
PRO N   CA   sing N N 258 
PRO N   CD   sing N N 259 
PRO N   H    sing N N 260 
PRO CA  C    sing N N 261 
PRO CA  CB   sing N N 262 
PRO CA  HA   sing N N 263 
PRO C   O    doub N N 264 
PRO C   OXT  sing N N 265 
PRO CB  CG   sing N N 266 
PRO CB  HB2  sing N N 267 
PRO CB  HB3  sing N N 268 
PRO CG  CD   sing N N 269 
PRO CG  HG2  sing N N 270 
PRO CG  HG3  sing N N 271 
PRO CD  HD2  sing N N 272 
PRO CD  HD3  sing N N 273 
PRO OXT HXT  sing N N 274 
SER N   CA   sing N N 275 
SER N   H    sing N N 276 
SER N   H2   sing N N 277 
SER CA  C    sing N N 278 
SER CA  CB   sing N N 279 
SER CA  HA   sing N N 280 
SER C   O    doub N N 281 
SER C   OXT  sing N N 282 
SER CB  OG   sing N N 283 
SER CB  HB2  sing N N 284 
SER CB  HB3  sing N N 285 
SER OG  HG   sing N N 286 
SER OXT HXT  sing N N 287 
THR N   CA   sing N N 288 
THR N   H    sing N N 289 
THR N   H2   sing N N 290 
THR CA  C    sing N N 291 
THR CA  CB   sing N N 292 
THR CA  HA   sing N N 293 
THR C   O    doub N N 294 
THR C   OXT  sing N N 295 
THR CB  OG1  sing N N 296 
THR CB  CG2  sing N N 297 
THR CB  HB   sing N N 298 
THR OG1 HG1  sing N N 299 
THR CG2 HG21 sing N N 300 
THR CG2 HG22 sing N N 301 
THR CG2 HG23 sing N N 302 
THR OXT HXT  sing N N 303 
TRP N   CA   sing N N 304 
TRP N   H    sing N N 305 
TRP N   H2   sing N N 306 
TRP CA  C    sing N N 307 
TRP CA  CB   sing N N 308 
TRP CA  HA   sing N N 309 
TRP C   O    doub N N 310 
TRP C   OXT  sing N N 311 
TRP CB  CG   sing N N 312 
TRP CB  HB2  sing N N 313 
TRP CB  HB3  sing N N 314 
TRP CG  CD1  doub Y N 315 
TRP CG  CD2  sing Y N 316 
TRP CD1 NE1  sing Y N 317 
TRP CD1 HD1  sing N N 318 
TRP CD2 CE2  doub Y N 319 
TRP CD2 CE3  sing Y N 320 
TRP NE1 CE2  sing Y N 321 
TRP NE1 HE1  sing N N 322 
TRP CE2 CZ2  sing Y N 323 
TRP CE3 CZ3  doub Y N 324 
TRP CE3 HE3  sing N N 325 
TRP CZ2 CH2  doub Y N 326 
TRP CZ2 HZ2  sing N N 327 
TRP CZ3 CH2  sing Y N 328 
TRP CZ3 HZ3  sing N N 329 
TRP CH2 HH2  sing N N 330 
TRP OXT HXT  sing N N 331 
TYR N   CA   sing N N 332 
TYR N   H    sing N N 333 
TYR N   H2   sing N N 334 
TYR CA  C    sing N N 335 
TYR CA  CB   sing N N 336 
TYR CA  HA   sing N N 337 
TYR C   O    doub N N 338 
TYR C   OXT  sing N N 339 
TYR CB  CG   sing N N 340 
TYR CB  HB2  sing N N 341 
TYR CB  HB3  sing N N 342 
TYR CG  CD1  doub Y N 343 
TYR CG  CD2  sing Y N 344 
TYR CD1 CE1  sing Y N 345 
TYR CD1 HD1  sing N N 346 
TYR CD2 CE2  doub Y N 347 
TYR CD2 HD2  sing N N 348 
TYR CE1 CZ   doub Y N 349 
TYR CE1 HE1  sing N N 350 
TYR CE2 CZ   sing Y N 351 
TYR CE2 HE2  sing N N 352 
TYR CZ  OH   sing N N 353 
TYR OH  HH   sing N N 354 
TYR OXT HXT  sing N N 355 
VAL N   CA   sing N N 356 
VAL N   H    sing N N 357 
VAL N   H2   sing N N 358 
VAL CA  C    sing N N 359 
VAL CA  CB   sing N N 360 
VAL CA  HA   sing N N 361 
VAL C   O    doub N N 362 
VAL C   OXT  sing N N 363 
VAL CB  CG1  sing N N 364 
VAL CB  CG2  sing N N 365 
VAL CB  HB   sing N N 366 
VAL CG1 HG11 sing N N 367 
VAL CG1 HG12 sing N N 368 
VAL CG1 HG13 sing N N 369 
VAL CG2 HG21 sing N N 370 
VAL CG2 HG22 sing N N 371 
VAL CG2 HG23 sing N N 372 
VAL OXT HXT  sing N N 373 
# 
_pdbx_initial_refinement_model.id               1 
_pdbx_initial_refinement_model.entity_id_list   ? 
_pdbx_initial_refinement_model.type             'experimental model' 
_pdbx_initial_refinement_model.source_name      PDB 
_pdbx_initial_refinement_model.accession_code   1J1J 
_pdbx_initial_refinement_model.details          'PDB entry 1J1J' 
# 
